data_8VQZ
#
_entry.id   8VQZ
#
_cell.length_a   84.048
_cell.length_b   101.329
_cell.length_c   123.914
_cell.angle_alpha   90.00
_cell.angle_beta   96.05
_cell.angle_gamma   90.00
#
_symmetry.space_group_name_H-M   'P 1 21 1'
#
loop_
_entity.id
_entity.type
_entity.pdbx_description
1 polymer 'Betaine aldehyde dehydrogenase'
2 non-polymer "CYTIDINE-5'-MONOPHOSPHATE"
3 non-polymer 'TRIETHYLENE GLYCOL'
4 non-polymer 'PHOSPHATE ION'
5 water water
#
_entity_poly.entity_id   1
_entity_poly.type   'polypeptide(L)'
_entity_poly.pdbx_seq_one_letter_code
;MAHHHHHHHMSRMAEQQLYIHGKFVAATSGKTFETINPATGEVLATVQAAGREDVDRAVKSAQQGQKVWAAMSAMARSRI
LRKAVDILRERNDELARLETLDTGKPLSETAAVDIVTGADVLEYYAGLIPALEGSQIPLRDSSFVYTRREPLGVVAGIGA
WNYPIQIALWKSAPALAAGNAMIFKPSEVTPLTALKLAEIYREAGLPDGVFNVLPGIGAETGQYLTEHPDIAKISFTGGV
ASGKKVMANSAASSLKEVTMELGGKSPLIIAEDANLDLAADIAMMANFYSSGQVCTNGTRVFVPAKFKAEFEHKILERVG
RIRAGDLFADDTNFGPLVSFPHRQNVLRYIESGKSEGARLLCGGDVLKGEGFDNGAWVAPTVFTDCTDDMTIVREEIFGP
VMSILSYDDEAEVIRRANATEYGLAAGVVTPDLNRAHRIIHQLEAGICWINSWGESPAEMPVGGYKHSGIGRENGVMTLQ
SYTQVKSIQVEMGPFQSIF
;
_entity_poly.pdbx_strand_id   A,B,C,D
#
# COMPACT_ATOMS: atom_id res chain seq x y z
N ARG A 12 33.70 22.73 -32.56
CA ARG A 12 32.30 22.99 -32.91
C ARG A 12 31.61 21.66 -33.24
N MET A 13 30.32 21.61 -32.96
CA MET A 13 29.47 20.48 -33.30
C MET A 13 28.53 20.89 -34.42
N ALA A 14 27.91 19.89 -35.04
CA ALA A 14 26.89 20.18 -36.04
C ALA A 14 25.73 20.91 -35.38
N GLU A 15 24.99 21.66 -36.18
CA GLU A 15 23.83 22.39 -35.71
C GLU A 15 22.78 21.43 -35.14
N GLN A 16 22.27 21.75 -33.95
CA GLN A 16 21.35 20.89 -33.22
C GLN A 16 19.92 21.29 -33.53
N GLN A 17 19.09 20.33 -33.90
CA GLN A 17 17.70 20.58 -34.30
C GLN A 17 16.74 20.12 -33.21
N LEU A 18 15.45 20.35 -33.44
CA LEU A 18 14.44 19.79 -32.55
C LEU A 18 14.32 18.27 -32.76
N TYR A 19 13.86 17.57 -31.73
CA TYR A 19 13.57 16.15 -31.81
C TYR A 19 12.06 15.96 -31.62
N ILE A 20 11.36 15.69 -32.71
CA ILE A 20 9.92 15.50 -32.72
C ILE A 20 9.60 14.23 -33.49
N HIS A 21 8.87 13.32 -32.86
CA HIS A 21 8.37 12.10 -33.47
C HIS A 21 9.48 11.21 -34.02
N GLY A 22 10.49 10.97 -33.20
CA GLY A 22 11.49 9.98 -33.54
C GLY A 22 12.49 10.40 -34.59
N LYS A 23 12.61 11.69 -34.85
CA LYS A 23 13.62 12.16 -35.78
C LYS A 23 13.93 13.61 -35.48
N PHE A 24 15.15 14.03 -35.82
CA PHE A 24 15.48 15.44 -35.75
C PHE A 24 14.77 16.19 -36.86
N VAL A 25 14.27 17.38 -36.52
CA VAL A 25 13.49 18.19 -37.44
C VAL A 25 13.82 19.66 -37.19
N ALA A 26 13.83 20.44 -38.27
CA ALA A 26 14.09 21.86 -38.21
C ALA A 26 12.95 22.60 -37.52
N ALA A 27 13.29 23.61 -36.74
CA ALA A 27 12.28 24.48 -36.17
C ALA A 27 11.64 25.35 -37.24
N THR A 28 10.36 25.65 -37.08
CA THR A 28 9.66 26.55 -37.97
C THR A 28 9.60 27.96 -37.40
N SER A 29 10.27 28.19 -36.27
CA SER A 29 10.33 29.52 -35.71
C SER A 29 11.30 30.41 -36.46
N GLY A 30 12.30 29.82 -37.14
CA GLY A 30 13.36 30.60 -37.73
C GLY A 30 14.35 31.18 -36.74
N LYS A 31 14.35 30.70 -35.51
CA LYS A 31 15.16 31.24 -34.44
C LYS A 31 16.16 30.21 -33.96
N THR A 32 17.31 30.70 -33.50
CA THR A 32 18.38 29.85 -32.98
C THR A 32 19.03 30.56 -31.80
N PHE A 33 19.81 29.80 -31.04
CA PHE A 33 20.65 30.32 -29.96
C PHE A 33 21.93 29.49 -29.94
N GLU A 34 22.91 29.94 -29.16
CA GLU A 34 24.19 29.23 -29.05
C GLU A 34 24.35 28.71 -27.63
N THR A 35 24.93 27.52 -27.50
CA THR A 35 25.38 27.02 -26.22
C THR A 35 26.90 27.07 -26.21
N ILE A 36 27.45 27.58 -25.13
CA ILE A 36 28.86 27.88 -24.92
C ILE A 36 29.48 26.82 -24.02
N ASN A 37 30.76 26.54 -24.25
CA ASN A 37 31.58 25.76 -23.31
C ASN A 37 31.96 26.65 -22.12
N PRO A 38 31.44 26.40 -20.91
CA PRO A 38 31.70 27.34 -19.80
C PRO A 38 33.16 27.42 -19.38
N ALA A 39 34.02 26.48 -19.79
CA ALA A 39 35.43 26.51 -19.44
C ALA A 39 36.28 27.33 -20.42
N THR A 40 35.86 27.47 -21.67
CA THR A 40 36.67 28.11 -22.70
C THR A 40 35.97 29.27 -23.38
N GLY A 41 34.65 29.37 -23.30
CA GLY A 41 33.90 30.39 -24.00
C GLY A 41 33.59 30.08 -25.45
N GLU A 42 34.10 28.98 -25.98
CA GLU A 42 33.85 28.67 -27.37
C GLU A 42 32.40 28.22 -27.59
N VAL A 43 31.90 28.47 -28.81
CA VAL A 43 30.57 28.02 -29.16
C VAL A 43 30.63 26.51 -29.37
N LEU A 44 29.82 25.78 -28.59
CA LEU A 44 29.71 24.35 -28.77
C LEU A 44 28.86 24.02 -29.98
N ALA A 45 27.74 24.72 -30.12
CA ALA A 45 26.79 24.42 -31.19
C ALA A 45 25.79 25.56 -31.33
N THR A 46 25.25 25.68 -32.52
CA THR A 46 24.06 26.46 -32.76
C THR A 46 22.86 25.55 -32.59
N VAL A 47 21.83 26.05 -31.93
CA VAL A 47 20.70 25.24 -31.53
C VAL A 47 19.42 25.91 -31.99
N GLN A 48 18.54 25.15 -32.63
CA GLN A 48 17.25 25.70 -33.03
C GLN A 48 16.29 25.82 -31.85
N ALA A 49 15.49 26.88 -31.87
CA ALA A 49 14.55 27.22 -30.81
C ALA A 49 13.13 26.91 -31.25
N ALA A 50 12.39 26.18 -30.42
CA ALA A 50 11.04 25.77 -30.79
C ALA A 50 10.09 26.96 -30.68
N GLY A 51 9.31 27.20 -31.73
CA GLY A 51 8.27 28.20 -31.69
C GLY A 51 6.93 27.64 -31.24
N ARG A 52 5.90 28.51 -31.31
CA ARG A 52 4.58 28.09 -30.91
CA ARG A 52 4.57 28.10 -30.91
C ARG A 52 4.07 26.95 -31.78
N GLU A 53 4.32 27.02 -33.09
CA GLU A 53 3.87 25.98 -34.00
C GLU A 53 4.65 24.68 -33.78
N ASP A 54 5.93 24.79 -33.45
CA ASP A 54 6.73 23.60 -33.13
C ASP A 54 6.20 22.91 -31.88
N VAL A 55 5.81 23.68 -30.87
CA VAL A 55 5.23 23.07 -29.67
C VAL A 55 3.93 22.35 -30.02
N ASP A 56 3.09 22.97 -30.84
CA ASP A 56 1.85 22.32 -31.22
C ASP A 56 2.11 21.04 -32.01
N ARG A 57 3.10 21.07 -32.93
CA ARG A 57 3.50 19.82 -33.61
C ARG A 57 3.99 18.78 -32.60
N ALA A 58 4.76 19.21 -31.61
CA ALA A 58 5.26 18.28 -30.61
C ALA A 58 4.13 17.67 -29.80
N VAL A 59 3.10 18.47 -29.49
CA VAL A 59 1.97 17.97 -28.71
C VAL A 59 1.19 16.96 -29.54
N LYS A 60 0.95 17.25 -30.83
CA LYS A 60 0.20 16.30 -31.65
C LYS A 60 0.99 15.00 -31.85
N SER A 61 2.31 15.11 -32.04
CA SER A 61 3.16 13.91 -32.10
C SER A 61 3.07 13.12 -30.79
N ALA A 62 3.17 13.80 -29.65
CA ALA A 62 3.09 13.13 -28.37
C ALA A 62 1.73 12.46 -28.15
N GLN A 63 0.64 13.11 -28.56
CA GLN A 63 -0.67 12.50 -28.38
C GLN A 63 -0.76 11.17 -29.14
N GLN A 64 -0.26 11.14 -30.37
CA GLN A 64 -0.29 9.91 -31.16
C GLN A 64 0.62 8.85 -30.56
N GLY A 65 1.82 9.22 -30.13
CA GLY A 65 2.74 8.25 -29.54
C GLY A 65 2.22 7.70 -28.22
N GLN A 66 1.61 8.55 -27.40
CA GLN A 66 1.16 8.11 -26.09
C GLN A 66 0.14 6.99 -26.23
N LYS A 67 -0.74 7.07 -27.23
CA LYS A 67 -1.76 6.04 -27.41
C LYS A 67 -1.13 4.69 -27.74
N VAL A 68 -0.13 4.67 -28.60
CA VAL A 68 0.59 3.44 -28.89
C VAL A 68 1.25 2.92 -27.61
N TRP A 69 1.93 3.80 -26.88
CA TRP A 69 2.68 3.41 -25.67
C TRP A 69 1.76 2.84 -24.61
N ALA A 70 0.63 3.51 -24.38
CA ALA A 70 -0.28 3.09 -23.34
C ALA A 70 -0.98 1.78 -23.68
N ALA A 71 -1.16 1.49 -24.96
CA ALA A 71 -1.85 0.26 -25.37
C ALA A 71 -0.98 -0.98 -25.23
N MET A 72 0.35 -0.81 -25.20
CA MET A 72 1.24 -1.93 -24.95
C MET A 72 1.01 -2.50 -23.55
N SER A 73 1.51 -3.72 -23.36
CA SER A 73 1.51 -4.32 -22.04
C SER A 73 2.51 -3.63 -21.11
N ALA A 74 2.29 -3.80 -19.82
CA ALA A 74 3.16 -3.22 -18.81
C ALA A 74 4.58 -3.73 -18.97
N MET A 75 4.75 -5.03 -19.19
CA MET A 75 6.10 -5.56 -19.33
C MET A 75 6.73 -5.14 -20.66
N ALA A 76 5.93 -4.93 -21.72
CA ALA A 76 6.51 -4.42 -22.96
C ALA A 76 7.12 -3.03 -22.74
N ARG A 77 6.41 -2.17 -22.01
CA ARG A 77 6.98 -0.88 -21.61
C ARG A 77 8.22 -1.07 -20.75
N SER A 78 8.16 -1.99 -19.77
CA SER A 78 9.30 -2.18 -18.89
CA SER A 78 9.30 -2.18 -18.89
C SER A 78 10.55 -2.57 -19.67
N ARG A 79 10.41 -3.46 -20.65
CA ARG A 79 11.57 -3.93 -21.39
C ARG A 79 12.20 -2.81 -22.23
N ILE A 80 11.37 -1.91 -22.76
CA ILE A 80 11.91 -0.83 -23.58
C ILE A 80 12.70 0.16 -22.73
N LEU A 81 12.17 0.54 -21.58
CA LEU A 81 12.92 1.43 -20.72
C LEU A 81 14.21 0.77 -20.25
N ARG A 82 14.19 -0.54 -20.03
CA ARG A 82 15.40 -1.24 -19.62
CA ARG A 82 15.41 -1.24 -19.62
C ARG A 82 16.45 -1.27 -20.73
N LYS A 83 16.03 -1.32 -21.99
CA LYS A 83 16.99 -1.25 -23.08
C LYS A 83 17.67 0.11 -23.09
N ALA A 84 16.90 1.17 -22.84
CA ALA A 84 17.48 2.49 -22.71
C ALA A 84 18.50 2.54 -21.56
N VAL A 85 18.18 1.89 -20.43
CA VAL A 85 19.13 1.83 -19.32
C VAL A 85 20.45 1.22 -19.77
N ASP A 86 20.38 0.09 -20.47
CA ASP A 86 21.60 -0.59 -20.91
C ASP A 86 22.43 0.30 -21.82
N ILE A 87 21.78 1.04 -22.70
CA ILE A 87 22.52 1.96 -23.56
C ILE A 87 23.17 3.04 -22.71
N LEU A 88 22.43 3.58 -21.72
CA LEU A 88 22.98 4.65 -20.91
C LEU A 88 24.20 4.18 -20.12
N ARG A 89 24.18 2.94 -19.63
CA ARG A 89 25.35 2.40 -18.95
C ARG A 89 26.53 2.30 -19.90
N GLU A 90 26.29 1.83 -21.11
CA GLU A 90 27.38 1.63 -22.06
C GLU A 90 28.01 2.95 -22.48
N ARG A 91 27.19 3.99 -22.63
CA ARG A 91 27.68 5.28 -23.11
CA ARG A 91 27.67 5.29 -23.11
C ARG A 91 27.92 6.27 -21.98
N ASN A 92 28.02 5.78 -20.74
CA ASN A 92 28.15 6.67 -19.58
C ASN A 92 29.27 7.68 -19.76
N ASP A 93 30.47 7.20 -20.10
CA ASP A 93 31.63 8.10 -20.18
C ASP A 93 31.47 9.13 -21.29
N GLU A 94 30.98 8.72 -22.45
CA GLU A 94 30.77 9.65 -23.55
C GLU A 94 29.74 10.72 -23.18
N LEU A 95 28.60 10.29 -22.62
CA LEU A 95 27.59 11.28 -22.23
C LEU A 95 28.12 12.18 -21.13
N ALA A 96 28.92 11.63 -20.21
CA ALA A 96 29.50 12.45 -19.16
C ALA A 96 30.41 13.52 -19.74
N ARG A 97 31.21 13.17 -20.75
CA ARG A 97 32.11 14.16 -21.37
C ARG A 97 31.32 15.26 -22.04
N LEU A 98 30.23 14.92 -22.73
CA LEU A 98 29.37 15.94 -23.31
C LEU A 98 28.77 16.82 -22.22
N GLU A 99 28.34 16.23 -21.11
CA GLU A 99 27.76 17.02 -20.03
C GLU A 99 28.79 17.99 -19.46
N THR A 100 30.04 17.52 -19.30
CA THR A 100 31.11 18.42 -18.84
C THR A 100 31.33 19.58 -19.80
N LEU A 101 31.34 19.31 -21.11
CA LEU A 101 31.52 20.39 -22.08
C LEU A 101 30.41 21.42 -21.97
N ASP A 102 29.17 20.98 -21.77
CA ASP A 102 28.02 21.87 -21.78
C ASP A 102 27.82 22.62 -20.45
N THR A 103 28.19 22.01 -19.32
CA THR A 103 27.94 22.58 -18.00
C THR A 103 29.18 23.15 -17.31
N GLY A 104 30.38 22.67 -17.65
CA GLY A 104 31.54 23.04 -16.89
C GLY A 104 31.77 22.24 -15.62
N LYS A 105 30.97 21.24 -15.36
CA LYS A 105 31.22 20.42 -14.19
C LYS A 105 32.36 19.43 -14.47
N PRO A 106 33.21 19.16 -13.48
CA PRO A 106 34.32 18.22 -13.72
C PRO A 106 33.85 16.84 -14.14
N LEU A 107 34.63 16.22 -15.03
CA LEU A 107 34.35 14.85 -15.44
C LEU A 107 34.36 13.89 -14.26
N SER A 108 35.16 14.17 -13.25
CA SER A 108 35.17 13.34 -12.05
C SER A 108 33.80 13.29 -11.41
N GLU A 109 32.98 14.31 -11.59
CA GLU A 109 31.60 14.27 -11.12
C GLU A 109 30.68 13.62 -12.16
N THR A 110 30.71 14.12 -13.40
CA THR A 110 29.69 13.74 -14.37
C THR A 110 29.78 12.26 -14.70
N ALA A 111 30.99 11.70 -14.74
CA ALA A 111 31.12 10.28 -15.06
C ALA A 111 30.73 9.37 -13.91
N ALA A 112 30.64 9.89 -12.68
CA ALA A 112 30.31 9.06 -11.54
C ALA A 112 28.89 9.27 -11.02
N VAL A 113 28.26 10.39 -11.36
CA VAL A 113 26.97 10.73 -10.76
C VAL A 113 25.88 10.95 -11.81
N ASP A 114 26.13 11.84 -12.77
CA ASP A 114 25.04 12.41 -13.57
C ASP A 114 24.27 11.35 -14.35
N ILE A 115 24.98 10.56 -15.17
CA ILE A 115 24.27 9.52 -15.91
C ILE A 115 24.02 8.31 -15.04
N VAL A 116 24.93 8.00 -14.11
CA VAL A 116 24.76 6.83 -13.25
C VAL A 116 23.44 6.92 -12.49
N THR A 117 23.20 8.06 -11.82
CA THR A 117 21.99 8.21 -11.01
C THR A 117 20.76 8.49 -11.86
N GLY A 118 20.92 9.12 -13.02
CA GLY A 118 19.80 9.24 -13.95
C GLY A 118 19.31 7.89 -14.44
N ALA A 119 20.26 7.04 -14.87
CA ALA A 119 19.90 5.70 -15.30
C ALA A 119 19.36 4.84 -14.16
N ASP A 120 19.86 5.03 -12.93
CA ASP A 120 19.33 4.30 -11.78
C ASP A 120 17.83 4.54 -11.61
N VAL A 121 17.39 5.80 -11.78
CA VAL A 121 15.98 6.12 -11.61
C VAL A 121 15.15 5.53 -12.74
N LEU A 122 15.66 5.59 -13.97
CA LEU A 122 14.96 4.95 -15.09
C LEU A 122 14.86 3.45 -14.88
N GLU A 123 15.95 2.83 -14.41
CA GLU A 123 15.97 1.41 -14.14
C GLU A 123 14.98 1.06 -13.04
N TYR A 124 14.93 1.87 -11.99
CA TYR A 124 13.96 1.67 -10.92
C TYR A 124 12.53 1.71 -11.44
N TYR A 125 12.16 2.75 -12.19
CA TYR A 125 10.76 2.85 -12.62
C TYR A 125 10.40 1.80 -13.66
N ALA A 126 11.35 1.40 -14.49
CA ALA A 126 11.10 0.34 -15.48
C ALA A 126 10.58 -0.92 -14.81
N GLY A 127 11.12 -1.26 -13.64
CA GLY A 127 10.70 -2.47 -12.94
C GLY A 127 9.39 -2.36 -12.21
N LEU A 128 8.96 -1.15 -11.87
CA LEU A 128 7.72 -0.93 -11.15
C LEU A 128 6.49 -0.85 -12.03
N ILE A 129 6.64 -0.71 -13.35
CA ILE A 129 5.46 -0.54 -14.21
C ILE A 129 4.41 -1.62 -13.91
N PRO A 130 4.76 -2.91 -13.82
CA PRO A 130 3.71 -3.94 -13.61
C PRO A 130 3.04 -3.87 -12.24
N ALA A 131 3.64 -3.18 -11.27
CA ALA A 131 3.08 -3.04 -9.94
C ALA A 131 2.10 -1.88 -9.82
N LEU A 132 1.91 -1.10 -10.87
CA LEU A 132 0.97 0.03 -10.82
C LEU A 132 -0.44 -0.52 -10.83
N GLU A 133 -1.15 -0.38 -9.72
CA GLU A 133 -2.46 -0.98 -9.55
C GLU A 133 -3.45 0.04 -9.04
N GLY A 134 -4.71 -0.13 -9.42
CA GLY A 134 -5.82 0.54 -8.79
C GLY A 134 -6.36 -0.24 -7.60
N SER A 135 -7.56 0.13 -7.17
CA SER A 135 -8.17 -0.42 -5.96
CA SER A 135 -8.17 -0.45 -5.97
C SER A 135 -9.55 -0.97 -6.29
N GLN A 136 -10.11 -1.72 -5.32
CA GLN A 136 -11.48 -2.21 -5.41
C GLN A 136 -12.07 -2.08 -4.02
N ILE A 137 -13.29 -1.57 -3.94
CA ILE A 137 -13.94 -1.22 -2.69
C ILE A 137 -15.34 -1.80 -2.72
N PRO A 138 -15.67 -2.79 -1.89
CA PRO A 138 -17.06 -3.24 -1.83
C PRO A 138 -17.91 -2.22 -1.10
N LEU A 139 -19.10 -1.95 -1.63
CA LEU A 139 -20.06 -1.10 -0.94
C LEU A 139 -21.15 -1.92 -0.28
N ARG A 140 -21.64 -2.94 -0.97
CA ARG A 140 -22.72 -3.80 -0.54
C ARG A 140 -22.74 -4.95 -1.54
N ASP A 141 -23.57 -5.95 -1.25
CA ASP A 141 -23.60 -7.11 -2.13
C ASP A 141 -23.91 -6.71 -3.56
N SER A 142 -24.69 -5.65 -3.75
CA SER A 142 -25.16 -5.27 -5.06
C SER A 142 -24.34 -4.16 -5.71
N SER A 143 -23.26 -3.69 -5.09
CA SER A 143 -22.49 -2.62 -5.73
C SER A 143 -21.06 -2.61 -5.22
N PHE A 144 -20.14 -2.30 -6.12
CA PHE A 144 -18.74 -2.14 -5.75
C PHE A 144 -18.12 -1.06 -6.62
N VAL A 145 -16.98 -0.57 -6.16
CA VAL A 145 -16.21 0.47 -6.82
C VAL A 145 -14.85 -0.13 -7.16
N TYR A 146 -14.31 0.22 -8.33
CA TYR A 146 -12.89 -0.02 -8.62
C TYR A 146 -12.30 1.24 -9.26
N THR A 147 -10.99 1.39 -9.12
CA THR A 147 -10.28 2.55 -9.63
C THR A 147 -9.23 2.11 -10.64
N ARG A 148 -8.98 2.98 -11.60
CA ARG A 148 -7.91 2.85 -12.56
C ARG A 148 -6.93 3.99 -12.34
N ARG A 149 -5.64 3.69 -12.49
CA ARG A 149 -4.61 4.71 -12.52
C ARG A 149 -4.30 4.95 -13.99
N GLU A 150 -4.91 5.94 -14.54
CA GLU A 150 -4.77 6.18 -15.97
C GLU A 150 -3.66 7.18 -16.25
N PRO A 151 -3.01 7.07 -17.41
CA PRO A 151 -2.05 8.11 -17.78
C PRO A 151 -2.70 9.48 -17.81
N LEU A 152 -1.89 10.49 -17.50
CA LEU A 152 -2.33 11.87 -17.67
C LEU A 152 -2.49 12.23 -19.14
N GLY A 153 -1.70 11.60 -20.01
CA GLY A 153 -1.72 11.93 -21.42
C GLY A 153 -0.38 12.50 -21.88
N VAL A 154 -0.34 13.79 -22.22
CA VAL A 154 0.89 14.46 -22.59
C VAL A 154 1.31 15.35 -21.43
N VAL A 155 2.54 15.18 -20.97
CA VAL A 155 3.07 15.99 -19.88
C VAL A 155 4.33 16.66 -20.40
N ALA A 156 4.73 17.73 -19.73
CA ALA A 156 5.91 18.48 -20.13
C ALA A 156 6.87 18.59 -18.96
N GLY A 157 8.15 18.38 -19.23
CA GLY A 157 9.20 18.63 -18.25
C GLY A 157 10.06 19.80 -18.71
N ILE A 158 10.44 20.64 -17.75
CA ILE A 158 11.30 21.78 -17.98
C ILE A 158 12.54 21.60 -17.10
N GLY A 159 13.69 21.45 -17.73
CA GLY A 159 14.91 21.12 -17.01
C GLY A 159 15.67 22.34 -16.54
N ALA A 160 16.64 22.10 -15.67
CA ALA A 160 17.59 23.09 -15.19
C ALA A 160 18.96 22.74 -15.77
N TRP A 161 19.92 23.66 -15.59
CA TRP A 161 21.20 23.51 -16.27
C TRP A 161 22.27 22.84 -15.41
N ASN A 162 22.03 22.66 -14.11
CA ASN A 162 23.11 22.13 -13.29
C ASN A 162 23.26 20.62 -13.41
N TYR A 163 22.17 19.87 -13.61
CA TYR A 163 22.20 18.43 -13.82
C TYR A 163 21.33 18.07 -15.03
N PRO A 164 21.78 18.44 -16.24
CA PRO A 164 20.84 18.40 -17.38
C PRO A 164 20.28 17.02 -17.66
N ILE A 165 21.13 16.01 -17.87
CA ILE A 165 20.56 14.73 -18.27
C ILE A 165 19.99 13.99 -17.07
N GLN A 166 20.53 14.19 -15.86
CA GLN A 166 19.93 13.57 -14.69
C GLN A 166 18.49 14.06 -14.52
N ILE A 167 18.27 15.37 -14.65
CA ILE A 167 16.92 15.90 -14.52
C ILE A 167 16.03 15.36 -15.64
N ALA A 168 16.54 15.31 -16.88
CA ALA A 168 15.73 14.77 -17.96
C ALA A 168 15.31 13.33 -17.68
N LEU A 169 16.20 12.54 -17.07
CA LEU A 169 15.83 11.17 -16.71
C LEU A 169 14.89 11.12 -15.50
N TRP A 170 15.14 11.94 -14.48
CA TRP A 170 14.27 11.87 -13.30
C TRP A 170 12.84 12.30 -13.60
N LYS A 171 12.64 13.17 -14.59
CA LYS A 171 11.30 13.55 -15.01
C LYS A 171 10.70 12.55 -16.02
N SER A 172 11.49 12.13 -17.01
CA SER A 172 10.93 11.29 -18.07
C SER A 172 10.70 9.86 -17.63
N ALA A 173 11.53 9.34 -16.72
CA ALA A 173 11.38 7.95 -16.30
C ALA A 173 10.01 7.67 -15.67
N PRO A 174 9.58 8.39 -14.62
CA PRO A 174 8.25 8.09 -14.07
C PRO A 174 7.13 8.48 -15.02
N ALA A 175 7.31 9.54 -15.81
CA ALA A 175 6.26 9.94 -16.73
C ALA A 175 5.99 8.86 -17.77
N LEU A 176 7.05 8.35 -18.41
CA LEU A 176 6.92 7.25 -19.38
C LEU A 176 6.50 5.95 -18.71
N ALA A 177 7.07 5.64 -17.55
CA ALA A 177 6.69 4.41 -16.85
C ALA A 177 5.20 4.41 -16.52
N ALA A 178 4.63 5.59 -16.26
CA ALA A 178 3.21 5.71 -15.97
C ALA A 178 2.33 5.69 -17.21
N GLY A 179 2.90 5.56 -18.40
CA GLY A 179 2.11 5.49 -19.61
C GLY A 179 1.94 6.80 -20.36
N ASN A 180 2.62 7.86 -19.94
CA ASN A 180 2.51 9.15 -20.62
C ASN A 180 3.58 9.31 -21.70
N ALA A 181 3.35 10.31 -22.56
CA ALA A 181 4.41 10.90 -23.37
C ALA A 181 4.85 12.19 -22.71
N MET A 182 6.14 12.50 -22.79
CA MET A 182 6.68 13.74 -22.24
C MET A 182 7.36 14.55 -23.32
N ILE A 183 7.07 15.84 -23.35
CA ILE A 183 7.82 16.81 -24.12
C ILE A 183 8.77 17.48 -23.14
N PHE A 184 10.07 17.38 -23.39
CA PHE A 184 11.07 17.91 -22.48
C PHE A 184 11.72 19.15 -23.08
N LYS A 185 11.76 20.24 -22.32
CA LYS A 185 12.48 21.43 -22.73
C LYS A 185 13.72 21.57 -21.86
N PRO A 186 14.91 21.34 -22.38
CA PRO A 186 16.11 21.57 -21.58
C PRO A 186 16.37 23.05 -21.40
N SER A 187 17.20 23.37 -20.41
CA SER A 187 17.66 24.74 -20.24
C SER A 187 18.43 25.21 -21.47
N GLU A 188 18.23 26.47 -21.85
CA GLU A 188 18.95 27.02 -22.99
C GLU A 188 20.45 26.99 -22.76
N VAL A 189 20.87 26.96 -21.49
CA VAL A 189 22.29 26.88 -21.20
C VAL A 189 22.85 25.53 -21.61
N THR A 190 22.06 24.46 -21.49
CA THR A 190 22.57 23.08 -21.55
C THR A 190 21.62 22.17 -22.30
N PRO A 191 21.49 22.34 -23.62
CA PRO A 191 20.51 21.53 -24.37
C PRO A 191 21.03 20.21 -24.92
N LEU A 192 22.33 19.95 -24.85
CA LEU A 192 22.91 18.92 -25.71
C LEU A 192 22.61 17.50 -25.25
N THR A 193 22.74 17.21 -23.95
CA THR A 193 22.54 15.82 -23.53
C THR A 193 21.08 15.41 -23.68
N ALA A 194 20.14 16.35 -23.57
CA ALA A 194 18.75 15.96 -23.72
C ALA A 194 18.46 15.43 -25.13
N LEU A 195 19.10 16.03 -26.14
CA LEU A 195 18.91 15.54 -27.50
C LEU A 195 19.51 14.17 -27.68
N LYS A 196 20.67 13.91 -27.05
CA LYS A 196 21.23 12.56 -27.07
C LYS A 196 20.30 11.56 -26.41
N LEU A 197 19.67 11.94 -25.28
CA LEU A 197 18.75 11.05 -24.59
C LEU A 197 17.58 10.68 -25.50
N ALA A 198 17.06 11.65 -26.27
CA ALA A 198 15.95 11.36 -27.16
C ALA A 198 16.31 10.29 -28.18
N GLU A 199 17.53 10.34 -28.74
CA GLU A 199 17.94 9.32 -29.70
C GLU A 199 18.07 7.97 -29.02
N ILE A 200 18.57 7.94 -27.80
CA ILE A 200 18.75 6.69 -27.07
C ILE A 200 17.40 6.04 -26.83
N TYR A 201 16.41 6.81 -26.41
CA TYR A 201 15.07 6.25 -26.21
C TYR A 201 14.55 5.58 -27.48
N ARG A 202 14.65 6.28 -28.63
CA ARG A 202 14.18 5.70 -29.88
C ARG A 202 14.93 4.41 -30.21
N GLU A 203 16.25 4.44 -30.07
CA GLU A 203 17.05 3.24 -30.30
C GLU A 203 16.61 2.09 -29.39
N ALA A 204 16.16 2.40 -28.18
CA ALA A 204 15.67 1.38 -27.26
C ALA A 204 14.30 0.84 -27.61
N GLY A 205 13.59 1.46 -28.55
CA GLY A 205 12.28 1.00 -28.96
C GLY A 205 11.13 1.87 -28.49
N LEU A 206 11.39 3.02 -27.91
CA LEU A 206 10.30 3.88 -27.47
C LEU A 206 9.50 4.35 -28.69
N PRO A 207 8.18 4.24 -28.67
CA PRO A 207 7.41 4.67 -29.85
C PRO A 207 7.67 6.12 -30.17
N ASP A 208 7.65 6.44 -31.46
CA ASP A 208 7.81 7.80 -31.92
C ASP A 208 6.80 8.72 -31.27
N GLY A 209 7.26 9.87 -30.79
CA GLY A 209 6.41 10.85 -30.16
C GLY A 209 6.36 10.75 -28.65
N VAL A 210 6.79 9.61 -28.08
CA VAL A 210 6.64 9.44 -26.63
C VAL A 210 7.61 10.34 -25.86
N PHE A 211 8.79 10.62 -26.41
CA PHE A 211 9.73 11.58 -25.81
C PHE A 211 10.26 12.52 -26.90
N ASN A 212 9.70 13.72 -26.93
CA ASN A 212 10.12 14.80 -27.81
C ASN A 212 10.90 15.83 -27.01
N VAL A 213 11.90 16.44 -27.65
CA VAL A 213 12.77 17.41 -26.99
C VAL A 213 12.74 18.71 -27.79
N LEU A 214 12.43 19.81 -27.11
CA LEU A 214 12.26 21.13 -27.71
C LEU A 214 13.22 22.11 -27.04
N PRO A 215 14.44 22.24 -27.55
CA PRO A 215 15.31 23.30 -27.07
C PRO A 215 14.66 24.66 -27.31
N GLY A 216 15.09 25.62 -26.52
CA GLY A 216 14.60 26.97 -26.66
C GLY A 216 14.92 27.77 -25.41
N ILE A 217 14.41 28.98 -25.39
CA ILE A 217 14.59 29.87 -24.25
C ILE A 217 13.31 29.87 -23.43
N GLY A 218 13.46 30.16 -22.13
CA GLY A 218 12.32 30.09 -21.23
C GLY A 218 11.21 31.07 -21.57
N ALA A 219 11.59 32.27 -22.03
CA ALA A 219 10.58 33.29 -22.28
C ALA A 219 9.61 32.87 -23.38
N GLU A 220 10.03 32.01 -24.31
CA GLU A 220 9.17 31.61 -25.40
C GLU A 220 8.82 30.13 -25.34
N THR A 221 9.79 29.23 -25.52
CA THR A 221 9.46 27.82 -25.64
C THR A 221 8.85 27.32 -24.33
N GLY A 222 9.43 27.71 -23.20
CA GLY A 222 8.87 27.32 -21.93
C GLY A 222 7.46 27.81 -21.75
N GLN A 223 7.20 29.07 -22.10
CA GLN A 223 5.87 29.63 -21.94
C GLN A 223 4.87 28.93 -22.85
N TYR A 224 5.26 28.62 -24.09
CA TYR A 224 4.33 27.96 -25.00
C TYR A 224 3.92 26.60 -24.46
N LEU A 225 4.83 25.91 -23.76
CA LEU A 225 4.47 24.62 -23.16
C LEU A 225 3.49 24.80 -22.01
N THR A 226 3.76 25.75 -21.12
CA THR A 226 2.87 25.95 -19.98
C THR A 226 1.49 26.43 -20.38
N GLU A 227 1.35 27.06 -21.56
CA GLU A 227 0.07 27.59 -22.00
C GLU A 227 -0.72 26.61 -22.86
N HIS A 228 -0.09 25.57 -23.38
CA HIS A 228 -0.76 24.74 -24.36
C HIS A 228 -1.96 24.04 -23.73
N PRO A 229 -3.13 24.08 -24.37
CA PRO A 229 -4.33 23.55 -23.71
C PRO A 229 -4.36 22.04 -23.55
N ASP A 230 -3.54 21.27 -24.30
CA ASP A 230 -3.63 19.81 -24.31
C ASP A 230 -2.49 19.14 -23.56
N ILE A 231 -1.69 19.88 -22.81
CA ILE A 231 -0.66 19.32 -21.94
C ILE A 231 -1.27 19.25 -20.54
N ALA A 232 -1.22 18.07 -19.94
CA ALA A 232 -1.95 17.79 -18.71
C ALA A 232 -1.16 18.06 -17.43
N LYS A 233 0.16 18.13 -17.52
CA LYS A 233 0.97 18.34 -16.33
C LYS A 233 2.29 18.97 -16.73
N ILE A 234 2.78 19.87 -15.87
CA ILE A 234 4.09 20.51 -16.02
C ILE A 234 4.94 20.11 -14.83
N SER A 235 6.15 19.62 -15.09
CA SER A 235 7.13 19.39 -14.06
C SER A 235 8.34 20.27 -14.30
N PHE A 236 8.66 21.12 -13.34
CA PHE A 236 9.67 22.17 -13.48
C PHE A 236 10.73 22.06 -12.40
N THR A 237 11.99 22.17 -12.81
CA THR A 237 13.12 22.29 -11.89
C THR A 237 13.86 23.58 -12.18
N GLY A 238 14.14 24.36 -11.14
CA GLY A 238 14.78 25.65 -11.33
C GLY A 238 14.75 26.49 -10.06
N GLY A 239 14.89 27.81 -10.24
CA GLY A 239 14.91 28.72 -9.12
C GLY A 239 13.52 29.00 -8.56
N VAL A 240 13.51 29.44 -7.29
CA VAL A 240 12.25 29.69 -6.59
C VAL A 240 11.41 30.72 -7.32
N ALA A 241 12.04 31.81 -7.77
CA ALA A 241 11.31 32.88 -8.44
C ALA A 241 10.74 32.41 -9.77
N SER A 242 11.58 31.81 -10.61
CA SER A 242 11.09 31.29 -11.89
C SER A 242 9.97 30.29 -11.66
N GLY A 243 10.06 29.51 -10.57
CA GLY A 243 9.02 28.52 -10.30
C GLY A 243 7.65 29.15 -10.11
N LYS A 244 7.57 30.26 -9.37
CA LYS A 244 6.28 30.88 -9.12
C LYS A 244 5.63 31.30 -10.44
N LYS A 245 6.41 31.85 -11.36
CA LYS A 245 5.87 32.27 -12.66
C LYS A 245 5.35 31.08 -13.47
N VAL A 246 6.12 29.99 -13.52
CA VAL A 246 5.68 28.83 -14.27
C VAL A 246 4.37 28.30 -13.69
N MET A 247 4.30 28.16 -12.37
CA MET A 247 3.10 27.58 -11.77
C MET A 247 1.88 28.45 -12.00
N ALA A 248 2.06 29.78 -12.00
CA ALA A 248 0.94 30.68 -12.27
C ALA A 248 0.41 30.49 -13.70
N ASN A 249 1.31 30.51 -14.70
CA ASN A 249 0.87 30.41 -16.09
C ASN A 249 0.20 29.06 -16.37
N SER A 250 0.70 27.99 -15.73
CA SER A 250 0.10 26.67 -15.91
C SER A 250 -1.34 26.63 -15.39
N ALA A 251 -1.61 27.35 -14.31
CA ALA A 251 -2.95 27.37 -13.75
C ALA A 251 -3.88 28.26 -14.57
N ALA A 252 -3.44 29.48 -14.88
CA ALA A 252 -4.30 30.44 -15.57
C ALA A 252 -4.73 29.95 -16.95
N SER A 253 -3.89 29.17 -17.62
CA SER A 253 -4.20 28.75 -18.98
C SER A 253 -5.17 27.57 -19.01
N SER A 254 -4.76 26.42 -18.46
CA SER A 254 -5.59 25.22 -18.59
C SER A 254 -5.63 24.38 -17.32
N LEU A 255 -5.31 24.96 -16.16
CA LEU A 255 -5.41 24.27 -14.87
C LEU A 255 -4.63 22.95 -14.89
N LYS A 256 -3.35 23.06 -15.21
CA LYS A 256 -2.51 21.88 -15.30
C LYS A 256 -2.07 21.43 -13.91
N GLU A 257 -1.93 20.11 -13.74
CA GLU A 257 -1.22 19.57 -12.59
C GLU A 257 0.24 20.01 -12.65
N VAL A 258 0.86 20.18 -11.49
CA VAL A 258 2.18 20.80 -11.41
C VAL A 258 3.07 20.05 -10.42
N THR A 259 4.34 19.96 -10.76
CA THR A 259 5.40 19.54 -9.84
C THR A 259 6.51 20.56 -9.95
N MET A 260 7.09 20.96 -8.82
CA MET A 260 8.14 21.98 -8.79
C MET A 260 9.22 21.57 -7.82
N GLU A 261 10.44 21.49 -8.32
CA GLU A 261 11.64 21.21 -7.55
C GLU A 261 12.51 22.46 -7.62
N LEU A 262 12.48 23.28 -6.59
CA LEU A 262 13.11 24.59 -6.58
C LEU A 262 14.34 24.58 -5.66
N GLY A 263 14.88 25.76 -5.39
CA GLY A 263 16.08 25.89 -4.60
C GLY A 263 15.80 25.84 -3.11
N GLY A 264 16.87 26.04 -2.34
CA GLY A 264 16.74 26.09 -0.89
C GLY A 264 17.85 26.89 -0.24
N LYS A 265 17.75 27.02 1.11
CA LYS A 265 18.86 27.46 1.94
C LYS A 265 18.95 26.47 3.09
N SER A 266 19.45 25.29 2.78
CA SER A 266 19.25 24.15 3.66
C SER A 266 20.24 24.19 4.84
N PRO A 267 19.79 23.89 6.05
CA PRO A 267 20.69 23.91 7.20
C PRO A 267 21.39 22.59 7.45
N LEU A 268 22.67 22.67 7.79
CA LEU A 268 23.45 21.56 8.29
C LEU A 268 23.75 21.83 9.76
N ILE A 269 23.20 20.99 10.65
CA ILE A 269 23.35 21.18 12.10
C ILE A 269 24.42 20.25 12.65
N ILE A 270 25.49 20.82 13.18
CA ILE A 270 26.56 20.07 13.83
C ILE A 270 26.29 20.05 15.32
N ALA A 271 26.07 18.85 15.88
CA ALA A 271 25.75 18.73 17.29
C ALA A 271 27.00 18.85 18.13
N GLU A 272 26.81 19.11 19.43
CA GLU A 272 27.94 19.31 20.32
C GLU A 272 28.80 18.05 20.48
N ASP A 273 28.25 16.87 20.21
CA ASP A 273 28.99 15.63 20.34
C ASP A 273 29.53 15.11 19.00
N ALA A 274 29.48 15.91 17.95
CA ALA A 274 29.95 15.45 16.65
C ALA A 274 31.47 15.40 16.61
N ASN A 275 32.01 14.43 15.89
CA ASN A 275 33.40 14.46 15.46
C ASN A 275 33.58 15.54 14.38
N LEU A 276 34.50 16.48 14.61
CA LEU A 276 34.58 17.69 13.77
C LEU A 276 35.24 17.45 12.42
N ASP A 277 36.03 16.39 12.28
CA ASP A 277 36.51 15.95 10.97
C ASP A 277 35.36 15.46 10.10
N LEU A 278 34.48 14.62 10.65
CA LEU A 278 33.30 14.19 9.91
C LEU A 278 32.41 15.37 9.58
N ALA A 279 32.16 16.25 10.55
CA ALA A 279 31.30 17.40 10.31
C ALA A 279 31.87 18.27 9.19
N ALA A 280 33.19 18.48 9.18
CA ALA A 280 33.81 19.31 8.15
C ALA A 280 33.74 18.66 6.79
N ASP A 281 33.98 17.34 6.71
CA ASP A 281 33.85 16.62 5.45
C ASP A 281 32.43 16.74 4.91
N ILE A 282 31.44 16.59 5.78
CA ILE A 282 30.05 16.72 5.33
C ILE A 282 29.78 18.14 4.83
N ALA A 283 30.24 19.16 5.56
CA ALA A 283 30.01 20.55 5.16
C ALA A 283 30.67 20.84 3.82
N MET A 284 31.86 20.31 3.59
CA MET A 284 32.54 20.48 2.30
C MET A 284 31.71 19.89 1.17
N MET A 285 31.26 18.64 1.32
CA MET A 285 30.46 18.00 0.28
C MET A 285 29.10 18.66 0.11
N ALA A 286 28.61 19.32 1.16
CA ALA A 286 27.33 20.00 1.12
C ALA A 286 27.40 21.40 0.51
N ASN A 287 28.60 21.90 0.19
CA ASN A 287 28.72 23.28 -0.29
C ASN A 287 29.48 23.43 -1.59
N PHE A 288 30.45 22.54 -1.85
CA PHE A 288 31.37 22.74 -2.97
C PHE A 288 31.29 21.72 -4.09
N TYR A 289 30.36 20.78 -4.04
CA TYR A 289 30.13 19.90 -5.18
C TYR A 289 29.47 20.68 -6.33
N SER A 290 29.83 20.35 -7.56
CA SER A 290 29.32 21.07 -8.75
C SER A 290 29.50 22.57 -8.58
N SER A 291 30.61 22.95 -7.96
CA SER A 291 30.99 24.35 -7.74
C SER A 291 29.88 25.13 -7.04
N GLY A 292 29.16 24.46 -6.12
CA GLY A 292 28.11 25.10 -5.35
C GLY A 292 26.78 25.25 -6.05
N GLN A 293 26.64 24.66 -7.23
CA GLN A 293 25.43 24.84 -8.04
C GLN A 293 24.49 23.65 -7.87
N VAL A 294 24.02 23.47 -6.63
CA VAL A 294 23.17 22.34 -6.25
C VAL A 294 22.05 22.85 -5.34
N CYS A 295 20.79 22.51 -5.70
CA CYS A 295 19.65 23.04 -4.97
C CYS A 295 19.62 22.60 -3.51
N THR A 296 20.11 21.39 -3.20
CA THR A 296 20.04 20.84 -1.84
C THR A 296 21.22 21.21 -0.96
N ASN A 297 22.11 22.09 -1.40
CA ASN A 297 23.32 22.31 -0.64
C ASN A 297 23.04 22.86 0.75
N GLY A 298 23.85 22.43 1.72
CA GLY A 298 23.76 22.86 3.10
C GLY A 298 24.53 24.14 3.36
N THR A 299 23.96 25.25 2.92
CA THR A 299 24.67 26.52 2.86
C THR A 299 24.61 27.32 4.15
N ARG A 300 23.81 26.89 5.13
CA ARG A 300 23.85 27.44 6.48
C ARG A 300 24.38 26.33 7.38
N VAL A 301 25.62 26.46 7.81
CA VAL A 301 26.27 25.46 8.65
C VAL A 301 26.23 25.96 10.09
N PHE A 302 25.44 25.31 10.93
CA PHE A 302 25.31 25.68 12.33
C PHE A 302 26.27 24.86 13.18
N VAL A 303 27.16 25.55 13.90
CA VAL A 303 28.19 24.89 14.69
C VAL A 303 28.12 25.40 16.13
N PRO A 304 28.27 24.55 17.13
CA PRO A 304 28.26 25.05 18.51
C PRO A 304 29.35 26.09 18.73
N ALA A 305 29.03 27.13 19.52
CA ALA A 305 29.99 28.19 19.78
C ALA A 305 31.31 27.63 20.29
N LYS A 306 31.26 26.67 21.20
CA LYS A 306 32.49 26.14 21.80
C LYS A 306 33.38 25.44 20.80
N PHE A 307 32.84 25.01 19.65
CA PHE A 307 33.64 24.31 18.64
C PHE A 307 33.89 25.14 17.39
N LYS A 308 33.42 26.39 17.34
CA LYS A 308 33.44 27.15 16.10
C LYS A 308 34.86 27.39 15.61
N ALA A 309 35.74 27.83 16.50
CA ALA A 309 37.11 28.14 16.07
C ALA A 309 37.78 26.91 15.48
N GLU A 310 37.66 25.77 16.16
CA GLU A 310 38.29 24.55 15.66
C GLU A 310 37.65 24.09 14.35
N PHE A 311 36.33 24.21 14.22
CA PHE A 311 35.67 23.84 12.97
C PHE A 311 36.16 24.71 11.81
N GLU A 312 36.27 26.02 12.04
CA GLU A 312 36.76 26.93 11.01
C GLU A 312 38.15 26.51 10.52
N HIS A 313 39.02 26.11 11.44
N HIS A 313 39.02 26.12 11.45
CA HIS A 313 40.36 25.68 11.04
CA HIS A 313 40.35 25.67 11.04
C HIS A 313 40.28 24.44 10.16
C HIS A 313 40.26 24.44 10.15
N LYS A 314 39.43 23.48 10.51
CA LYS A 314 39.29 22.28 9.71
C LYS A 314 38.70 22.57 8.33
N ILE A 315 37.82 23.55 8.23
CA ILE A 315 37.30 23.96 6.92
C ILE A 315 38.42 24.58 6.08
N LEU A 316 39.25 25.44 6.67
CA LEU A 316 40.34 26.03 5.91
C LEU A 316 41.27 24.95 5.34
N GLU A 317 41.61 23.93 6.15
CA GLU A 317 42.46 22.86 5.65
C GLU A 317 41.85 22.20 4.43
N ARG A 318 40.54 21.91 4.49
CA ARG A 318 39.92 21.18 3.39
C ARG A 318 39.71 22.08 2.17
N VAL A 319 39.36 23.34 2.38
CA VAL A 319 39.18 24.25 1.25
C VAL A 319 40.48 24.42 0.48
N GLY A 320 41.60 24.43 1.19
CA GLY A 320 42.89 24.54 0.54
C GLY A 320 43.19 23.38 -0.39
N ARG A 321 42.53 22.25 -0.19
CA ARG A 321 42.75 21.07 -1.02
C ARG A 321 41.90 21.05 -2.29
N ILE A 322 40.93 21.95 -2.44
CA ILE A 322 40.10 21.93 -3.64
C ILE A 322 40.99 22.17 -4.85
N ARG A 323 40.80 21.36 -5.90
CA ARG A 323 41.65 21.36 -7.09
C ARG A 323 40.86 21.81 -8.33
N ALA A 324 40.99 23.09 -8.66
CA ALA A 324 40.47 23.63 -9.90
C ALA A 324 41.49 23.40 -11.03
N GLY A 325 40.98 23.18 -12.23
CA GLY A 325 41.85 22.97 -13.38
C GLY A 325 41.12 22.29 -14.53
N ASP A 326 41.91 21.60 -15.36
CA ASP A 326 41.39 20.87 -16.52
C ASP A 326 40.23 19.97 -16.12
N LEU A 327 39.05 20.24 -16.71
CA LEU A 327 37.86 19.50 -16.27
C LEU A 327 37.88 18.03 -16.65
N PHE A 328 38.74 17.61 -17.58
CA PHE A 328 38.85 16.21 -17.96
C PHE A 328 39.96 15.47 -17.22
N ALA A 329 40.75 16.17 -16.41
CA ALA A 329 41.77 15.53 -15.59
C ALA A 329 41.15 14.84 -14.39
N ASP A 330 41.73 13.70 -14.00
CA ASP A 330 41.15 12.89 -12.92
C ASP A 330 41.14 13.64 -11.59
N ASP A 331 42.18 14.41 -11.28
CA ASP A 331 42.28 15.02 -9.96
C ASP A 331 41.54 16.36 -9.84
N THR A 332 40.99 16.89 -10.93
CA THR A 332 40.16 18.09 -10.83
C THR A 332 38.83 17.78 -10.15
N ASN A 333 38.47 18.57 -9.13
CA ASN A 333 37.20 18.38 -8.42
C ASN A 333 36.42 19.68 -8.27
N PHE A 334 36.76 20.70 -9.04
CA PHE A 334 36.09 21.99 -8.95
C PHE A 334 36.13 22.63 -10.33
N GLY A 335 34.98 23.15 -10.77
CA GLY A 335 34.85 23.71 -12.09
C GLY A 335 34.40 25.16 -12.03
N PRO A 336 34.34 25.81 -13.20
CA PRO A 336 33.82 27.17 -13.25
C PRO A 336 32.31 27.12 -13.03
N LEU A 337 31.76 28.28 -12.74
CA LEU A 337 30.31 28.41 -12.75
C LEU A 337 29.83 28.41 -14.20
N VAL A 338 28.53 28.18 -14.36
CA VAL A 338 28.02 27.82 -15.69
C VAL A 338 28.10 28.98 -16.68
N SER A 339 28.17 30.23 -16.23
CA SER A 339 28.16 31.38 -17.13
C SER A 339 28.71 32.60 -16.41
N PHE A 340 29.09 33.61 -17.19
CA PHE A 340 29.59 34.87 -16.65
C PHE A 340 28.47 35.62 -15.94
N PRO A 341 27.24 35.67 -16.48
CA PRO A 341 26.16 36.30 -15.70
C PRO A 341 25.89 35.61 -14.37
N HIS A 342 25.96 34.28 -14.30
CA HIS A 342 25.71 33.65 -13.01
C HIS A 342 26.83 33.98 -12.03
N ARG A 343 28.09 33.96 -12.47
CA ARG A 343 29.18 34.35 -11.58
C ARG A 343 29.01 35.77 -11.07
N GLN A 344 28.52 36.68 -11.93
CA GLN A 344 28.33 38.06 -11.49
C GLN A 344 27.39 38.13 -10.30
N ASN A 345 26.31 37.35 -10.34
CA ASN A 345 25.39 37.28 -9.22
C ASN A 345 26.05 36.70 -7.97
N VAL A 346 26.83 35.64 -8.14
CA VAL A 346 27.54 35.08 -6.99
C VAL A 346 28.52 36.11 -6.43
N LEU A 347 29.18 36.88 -7.31
CA LEU A 347 30.11 37.89 -6.83
C LEU A 347 29.38 38.99 -6.06
N ARG A 348 28.18 39.34 -6.48
CA ARG A 348 27.38 40.37 -5.76
C ARG A 348 27.02 39.85 -4.35
N TYR A 349 26.65 38.58 -4.23
CA TYR A 349 26.37 38.08 -2.89
C TYR A 349 27.61 38.13 -2.01
N ILE A 350 28.76 37.74 -2.55
CA ILE A 350 30.00 37.76 -1.77
C ILE A 350 30.29 39.17 -1.29
N GLU A 351 30.14 40.17 -2.18
CA GLU A 351 30.37 41.55 -1.77
C GLU A 351 29.36 41.98 -0.71
N SER A 352 28.13 41.48 -0.81
CA SER A 352 27.14 41.72 0.24
C SER A 352 27.60 41.15 1.58
N GLY A 353 28.18 39.96 1.58
CA GLY A 353 28.68 39.42 2.83
C GLY A 353 29.70 40.31 3.50
N LYS A 354 30.64 40.83 2.70
CA LYS A 354 31.70 41.70 3.23
C LYS A 354 31.12 42.98 3.80
N SER A 355 30.20 43.62 3.07
CA SER A 355 29.69 44.91 3.51
C SER A 355 28.74 44.76 4.69
N GLU A 356 28.09 43.61 4.84
CA GLU A 356 27.18 43.43 5.96
C GLU A 356 27.86 42.92 7.22
N GLY A 357 29.17 42.73 7.19
CA GLY A 357 29.93 42.45 8.38
C GLY A 357 30.25 41.00 8.65
N ALA A 358 29.94 40.10 7.73
CA ALA A 358 30.40 38.73 7.86
C ALA A 358 31.90 38.68 7.69
N ARG A 359 32.55 37.77 8.42
CA ARG A 359 34.00 37.61 8.33
C ARG A 359 34.32 36.64 7.21
N LEU A 360 35.14 37.09 6.25
CA LEU A 360 35.58 36.25 5.16
C LEU A 360 36.68 35.34 5.66
N LEU A 361 36.42 34.04 5.64
CA LEU A 361 37.40 33.05 6.07
C LEU A 361 38.32 32.65 4.92
N CYS A 362 37.80 32.55 3.70
CA CYS A 362 38.67 32.27 2.56
C CYS A 362 37.91 32.51 1.25
N GLY A 363 38.69 32.58 0.17
CA GLY A 363 38.14 32.80 -1.15
C GLY A 363 37.59 34.19 -1.34
N GLY A 364 36.51 34.28 -2.10
CA GLY A 364 35.86 35.55 -2.34
C GLY A 364 36.21 36.26 -3.62
N ASP A 365 37.09 35.71 -4.45
CA ASP A 365 37.53 36.40 -5.66
C ASP A 365 37.38 35.51 -6.88
N VAL A 366 37.40 36.14 -8.07
CA VAL A 366 37.48 35.37 -9.31
C VAL A 366 38.85 34.70 -9.38
N LEU A 367 38.92 33.61 -10.15
CA LEU A 367 40.21 33.00 -10.42
C LEU A 367 40.79 33.60 -11.70
N LYS A 368 42.11 33.76 -11.73
CA LYS A 368 42.83 34.44 -12.80
C LYS A 368 44.00 33.58 -13.25
N GLY A 369 44.43 33.81 -14.50
CA GLY A 369 45.59 33.14 -15.05
C GLY A 369 45.24 32.21 -16.19
N GLU A 370 46.29 31.59 -16.73
CA GLU A 370 46.14 30.68 -17.86
C GLU A 370 45.22 29.52 -17.48
N GLY A 371 44.20 29.29 -18.30
CA GLY A 371 43.22 28.24 -18.05
C GLY A 371 42.03 28.69 -17.26
N PHE A 372 42.05 29.91 -16.72
CA PHE A 372 40.93 30.45 -15.97
C PHE A 372 40.33 31.70 -16.59
N ASP A 373 41.08 32.47 -17.38
CA ASP A 373 40.57 33.74 -17.86
C ASP A 373 39.35 33.58 -18.77
N ASN A 374 39.21 32.45 -19.44
CA ASN A 374 38.10 32.28 -20.36
C ASN A 374 36.90 31.59 -19.74
N GLY A 375 36.99 31.22 -18.47
CA GLY A 375 35.86 30.62 -17.78
C GLY A 375 35.41 31.50 -16.63
N ALA A 376 34.18 31.27 -16.18
CA ALA A 376 33.58 32.06 -15.11
C ALA A 376 33.86 31.44 -13.74
N TRP A 377 35.14 31.38 -13.38
CA TRP A 377 35.56 30.73 -12.15
C TRP A 377 35.43 31.66 -10.95
N VAL A 378 34.98 31.11 -9.82
CA VAL A 378 34.98 31.79 -8.54
C VAL A 378 35.64 30.89 -7.50
N ALA A 379 36.51 31.46 -6.67
CA ALA A 379 37.19 30.67 -5.67
C ALA A 379 36.19 30.14 -4.65
N PRO A 380 36.40 28.93 -4.13
CA PRO A 380 35.59 28.44 -3.01
C PRO A 380 35.63 29.43 -1.85
N THR A 381 34.46 29.84 -1.39
CA THR A 381 34.32 30.94 -0.44
C THR A 381 33.60 30.49 0.82
N VAL A 382 34.12 30.91 1.97
CA VAL A 382 33.54 30.62 3.27
C VAL A 382 33.44 31.91 4.07
N PHE A 383 32.24 32.21 4.55
CA PHE A 383 32.01 33.29 5.51
C PHE A 383 31.72 32.70 6.88
N THR A 384 32.19 33.36 7.93
CA THR A 384 31.86 32.97 9.28
C THR A 384 31.43 34.22 10.04
N ASP A 385 31.13 34.05 11.33
CA ASP A 385 30.54 35.10 12.15
C ASP A 385 29.24 35.62 11.53
N CYS A 386 28.51 34.73 10.88
CA CYS A 386 27.28 35.12 10.21
C CYS A 386 26.12 35.19 11.19
N THR A 387 25.12 36.00 10.81
CA THR A 387 23.90 36.20 11.59
C THR A 387 22.69 36.03 10.69
N ASP A 388 21.55 35.71 11.31
CA ASP A 388 20.38 35.29 10.55
C ASP A 388 19.81 36.36 9.63
N ASP A 389 20.19 37.62 9.83
CA ASP A 389 19.63 38.72 9.05
C ASP A 389 20.45 39.04 7.81
N MET A 390 21.62 38.44 7.64
CA MET A 390 22.46 38.77 6.52
C MET A 390 21.89 38.20 5.23
N THR A 391 22.13 38.93 4.14
CA THR A 391 21.63 38.52 2.84
C THR A 391 22.20 37.17 2.40
N ILE A 392 23.50 36.94 2.66
CA ILE A 392 24.10 35.66 2.27
C ILE A 392 23.50 34.51 3.07
N VAL A 393 22.95 34.78 4.26
CA VAL A 393 22.34 33.73 5.05
C VAL A 393 20.90 33.50 4.64
N ARG A 394 20.22 34.54 4.14
CA ARG A 394 18.80 34.43 3.87
C ARG A 394 18.47 33.95 2.47
N GLU A 395 19.36 34.13 1.49
CA GLU A 395 19.03 33.92 0.09
C GLU A 395 19.91 32.84 -0.52
N GLU A 396 19.32 32.06 -1.44
CA GLU A 396 20.10 31.04 -2.16
C GLU A 396 21.08 31.74 -3.11
N ILE A 397 22.35 31.38 -3.03
CA ILE A 397 23.38 31.98 -3.85
C ILE A 397 23.66 31.16 -5.08
N PHE A 398 23.56 29.84 -4.95
CA PHE A 398 23.80 28.91 -6.05
C PHE A 398 25.24 29.04 -6.56
N GLY A 399 26.15 29.23 -5.62
CA GLY A 399 27.55 29.28 -5.90
C GLY A 399 28.29 28.72 -4.72
N PRO A 400 29.60 28.68 -4.81
CA PRO A 400 30.40 28.02 -3.74
C PRO A 400 30.68 28.95 -2.57
N VAL A 401 29.64 29.21 -1.77
CA VAL A 401 29.69 30.18 -0.68
C VAL A 401 29.04 29.51 0.54
N MET A 402 29.86 29.11 1.49
CA MET A 402 29.39 28.53 2.76
C MET A 402 29.27 29.63 3.80
N SER A 403 28.15 29.61 4.56
CA SER A 403 27.93 30.51 5.69
C SER A 403 27.98 29.70 6.99
N ILE A 404 28.87 30.09 7.90
CA ILE A 404 29.03 29.40 9.18
C ILE A 404 28.38 30.24 10.28
N LEU A 405 27.48 29.61 11.04
CA LEU A 405 26.71 30.27 12.08
C LEU A 405 26.91 29.55 13.41
N SER A 406 27.18 30.31 14.45
CA SER A 406 27.33 29.77 15.80
CA SER A 406 27.32 29.74 15.78
C SER A 406 25.96 29.68 16.48
N TYR A 407 25.84 28.71 17.39
CA TYR A 407 24.63 28.55 18.18
C TYR A 407 24.99 27.97 19.55
N ASP A 408 24.04 28.09 20.49
CA ASP A 408 24.26 27.70 21.88
C ASP A 408 23.49 26.46 22.30
N ASP A 409 22.22 26.32 21.92
CA ASP A 409 21.42 25.20 22.41
C ASP A 409 20.53 24.65 21.31
N GLU A 410 20.01 23.45 21.57
CA GLU A 410 19.30 22.68 20.56
C GLU A 410 17.98 23.32 20.16
N ALA A 411 17.22 23.82 21.15
CA ALA A 411 15.97 24.50 20.81
C ALA A 411 16.22 25.71 19.92
N GLU A 412 17.28 26.46 20.23
CA GLU A 412 17.63 27.63 19.44
C GLU A 412 17.94 27.26 18.00
N VAL A 413 18.76 26.22 17.81
CA VAL A 413 19.20 25.89 16.46
C VAL A 413 18.06 25.33 15.63
N ILE A 414 17.12 24.61 16.25
CA ILE A 414 15.97 24.13 15.49
C ILE A 414 15.13 25.30 15.00
N ARG A 415 14.90 26.30 15.87
CA ARG A 415 14.14 27.49 15.46
C ARG A 415 14.79 28.19 14.29
N ARG A 416 16.10 28.44 14.41
CA ARG A 416 16.81 29.21 13.40
C ARG A 416 16.92 28.42 12.10
N ALA A 417 17.09 27.11 12.20
CA ALA A 417 17.10 26.29 11.00
C ALA A 417 15.78 26.35 10.26
N ASN A 418 14.67 26.37 10.99
CA ASN A 418 13.34 26.40 10.40
C ASN A 418 12.86 27.79 10.01
N ALA A 419 13.53 28.86 10.45
CA ALA A 419 13.06 30.23 10.23
C ALA A 419 13.50 30.71 8.83
N THR A 420 12.85 30.13 7.83
CA THR A 420 13.17 30.42 6.44
C THR A 420 11.94 30.03 5.64
N GLU A 421 11.78 30.69 4.51
CA GLU A 421 10.75 30.33 3.53
C GLU A 421 11.14 29.12 2.70
N TYR A 422 12.43 28.79 2.66
CA TYR A 422 12.91 27.62 1.96
C TYR A 422 12.65 26.39 2.80
N GLY A 423 12.64 25.24 2.15
CA GLY A 423 12.34 24.00 2.85
C GLY A 423 12.87 22.74 2.20
N LEU A 424 13.93 22.83 1.42
CA LEU A 424 14.28 21.69 0.58
C LEU A 424 14.94 20.57 1.38
N ALA A 425 16.10 20.84 1.99
CA ALA A 425 16.89 19.80 2.65
C ALA A 425 17.34 20.26 4.03
N ALA A 426 17.92 19.32 4.76
CA ALA A 426 18.46 19.55 6.10
C ALA A 426 19.27 18.34 6.51
N GLY A 427 20.12 18.52 7.52
CA GLY A 427 20.88 17.41 8.05
C GLY A 427 21.40 17.71 9.43
N VAL A 428 21.78 16.63 10.13
CA VAL A 428 22.34 16.71 11.46
C VAL A 428 23.53 15.77 11.53
N VAL A 429 24.57 16.19 12.22
CA VAL A 429 25.74 15.38 12.47
C VAL A 429 25.81 15.14 13.98
N THR A 430 25.63 13.89 14.39
CA THR A 430 25.71 13.50 15.79
C THR A 430 25.77 11.97 15.89
N PRO A 431 26.57 11.41 16.80
CA PRO A 431 26.52 9.97 17.01
C PRO A 431 25.40 9.53 17.93
N ASP A 432 24.62 10.46 18.49
CA ASP A 432 23.66 10.10 19.52
C ASP A 432 22.32 9.72 18.88
N LEU A 433 21.81 8.56 19.29
CA LEU A 433 20.55 8.04 18.75
C LEU A 433 19.42 9.02 18.94
N ASN A 434 19.19 9.42 20.18
CA ASN A 434 18.04 10.26 20.48
C ASN A 434 18.15 11.61 19.79
N ARG A 435 19.33 12.21 19.84
CA ARG A 435 19.52 13.53 19.28
C ARG A 435 19.26 13.53 17.78
N ALA A 436 19.75 12.52 17.07
CA ALA A 436 19.63 12.50 15.62
C ALA A 436 18.16 12.49 15.19
N HIS A 437 17.39 11.55 15.73
CA HIS A 437 15.98 11.43 15.33
C HIS A 437 15.17 12.59 15.90
N ARG A 438 15.45 12.96 17.13
CA ARG A 438 14.72 14.04 17.78
C ARG A 438 14.87 15.36 17.00
N ILE A 439 16.09 15.71 16.61
CA ILE A 439 16.29 16.96 15.87
C ILE A 439 15.67 16.86 14.49
N ILE A 440 15.94 15.76 13.78
CA ILE A 440 15.49 15.63 12.40
C ILE A 440 13.97 15.68 12.31
N HIS A 441 13.28 15.11 13.29
CA HIS A 441 11.82 15.11 13.23
C HIS A 441 11.24 16.52 13.30
N GLN A 442 11.98 17.49 13.84
CA GLN A 442 11.44 18.84 14.00
C GLN A 442 11.81 19.79 12.86
N LEU A 443 12.64 19.37 11.93
CA LEU A 443 13.10 20.26 10.86
C LEU A 443 12.08 20.31 9.73
N GLU A 444 11.87 21.51 9.19
CA GLU A 444 10.87 21.71 8.15
C GLU A 444 11.53 21.60 6.78
N ALA A 445 11.83 20.35 6.41
CA ALA A 445 12.45 20.07 5.12
C ALA A 445 12.03 18.70 4.63
N GLY A 446 12.05 18.52 3.31
CA GLY A 446 11.60 17.28 2.69
C GLY A 446 12.68 16.21 2.58
N ILE A 447 13.94 16.61 2.63
CA ILE A 447 15.09 15.73 2.40
C ILE A 447 16.03 15.91 3.58
N CYS A 448 16.17 14.87 4.40
CA CYS A 448 16.95 14.96 5.63
C CYS A 448 18.01 13.87 5.68
N TRP A 449 19.25 14.30 5.96
CA TRP A 449 20.41 13.42 6.02
C TRP A 449 20.99 13.43 7.43
N ILE A 450 21.23 12.23 7.97
CA ILE A 450 21.87 12.05 9.26
C ILE A 450 23.27 11.52 9.00
N ASN A 451 24.28 12.31 9.37
CA ASN A 451 25.70 11.95 9.26
C ASN A 451 26.11 11.67 7.82
N SER A 452 25.57 12.43 6.90
CA SER A 452 25.90 12.32 5.49
CA SER A 452 25.89 12.32 5.48
C SER A 452 25.33 13.54 4.80
N TRP A 453 25.49 13.61 3.48
CA TRP A 453 24.83 14.64 2.68
C TRP A 453 24.81 14.20 1.22
N GLY A 454 23.71 14.49 0.55
CA GLY A 454 23.64 14.47 -0.90
C GLY A 454 23.06 13.20 -1.51
N GLU A 455 23.08 12.07 -0.83
CA GLU A 455 22.67 10.84 -1.49
C GLU A 455 21.15 10.84 -1.72
N SER A 456 20.73 10.49 -2.93
CA SER A 456 19.33 10.60 -3.33
C SER A 456 18.91 9.31 -4.03
N PRO A 457 18.70 8.23 -3.27
CA PRO A 457 18.36 6.94 -3.88
C PRO A 457 17.09 6.98 -4.69
N ALA A 458 17.03 6.15 -5.73
CA ALA A 458 15.85 6.11 -6.58
C ALA A 458 14.59 5.84 -5.77
N GLU A 459 14.72 5.11 -4.66
CA GLU A 459 13.58 4.74 -3.82
C GLU A 459 13.05 5.88 -2.97
N MET A 460 13.81 6.96 -2.79
CA MET A 460 13.54 7.95 -1.77
C MET A 460 12.86 9.17 -2.38
N PRO A 461 11.58 9.43 -2.08
CA PRO A 461 10.94 10.64 -2.61
C PRO A 461 11.65 11.87 -2.08
N VAL A 462 11.87 12.85 -2.96
CA VAL A 462 12.59 14.08 -2.64
C VAL A 462 11.84 15.27 -3.19
N GLY A 463 11.79 16.33 -2.40
CA GLY A 463 11.16 17.56 -2.80
C GLY A 463 11.08 18.48 -1.59
N GLY A 464 10.55 19.66 -1.82
CA GLY A 464 10.64 20.74 -0.87
C GLY A 464 9.37 21.01 -0.08
N TYR A 465 9.57 21.41 1.16
CA TYR A 465 8.55 22.11 1.93
C TYR A 465 8.49 23.58 1.52
N LYS A 466 7.37 24.22 1.84
CA LYS A 466 7.21 25.69 1.74
C LYS A 466 7.56 26.17 0.35
N HIS A 467 8.43 27.16 0.17
CA HIS A 467 8.71 27.76 -1.12
C HIS A 467 9.68 26.92 -1.95
N SER A 468 10.17 25.81 -1.42
CA SER A 468 11.14 25.03 -2.16
C SER A 468 10.52 24.01 -3.09
N GLY A 469 9.21 23.79 -3.05
CA GLY A 469 8.67 22.90 -4.04
C GLY A 469 7.21 22.55 -3.85
N ILE A 470 6.70 21.88 -4.87
CA ILE A 470 5.37 21.30 -4.91
C ILE A 470 5.54 19.87 -5.38
N GLY A 471 5.00 18.91 -4.64
CA GLY A 471 5.14 17.53 -5.05
C GLY A 471 6.53 16.98 -4.82
N ARG A 472 6.76 15.80 -5.40
CA ARG A 472 7.97 15.04 -5.16
C ARG A 472 8.47 14.40 -6.43
N GLU A 473 9.75 14.03 -6.41
CA GLU A 473 10.34 13.18 -7.43
C GLU A 473 10.93 11.94 -6.75
N ASN A 474 11.01 10.86 -7.55
CA ASN A 474 11.53 9.56 -7.14
C ASN A 474 10.61 8.85 -6.14
N GLY A 475 10.90 7.57 -5.85
CA GLY A 475 10.04 6.78 -5.00
C GLY A 475 8.78 6.30 -5.71
N VAL A 476 8.07 5.35 -5.07
CA VAL A 476 6.87 4.79 -5.69
CA VAL A 476 6.89 4.79 -5.71
C VAL A 476 5.82 5.86 -5.90
N MET A 477 5.77 6.84 -5.01
CA MET A 477 4.70 7.83 -5.10
C MET A 477 4.82 8.67 -6.37
N THR A 478 6.01 8.86 -6.90
CA THR A 478 6.13 9.68 -8.10
C THR A 478 5.65 8.92 -9.32
N LEU A 479 5.78 7.60 -9.34
CA LEU A 479 5.11 6.84 -10.39
C LEU A 479 3.60 7.08 -10.34
N GLN A 480 3.02 7.03 -9.14
CA GLN A 480 1.58 7.22 -9.01
C GLN A 480 1.15 8.63 -9.36
N SER A 481 1.97 9.62 -9.05
CA SER A 481 1.61 11.01 -9.26
C SER A 481 1.64 11.39 -10.73
N TYR A 482 2.19 10.53 -11.59
CA TYR A 482 2.07 10.70 -13.04
C TYR A 482 0.93 9.91 -13.63
N THR A 483 0.04 9.37 -12.79
CA THR A 483 -1.27 8.89 -13.20
C THR A 483 -2.34 9.75 -12.55
N GLN A 484 -3.56 9.61 -13.05
CA GLN A 484 -4.73 10.22 -12.45
C GLN A 484 -5.74 9.12 -12.16
N VAL A 485 -6.45 9.26 -11.03
CA VAL A 485 -7.37 8.22 -10.58
C VAL A 485 -8.71 8.41 -11.27
N LYS A 486 -9.25 7.33 -11.82
CA LYS A 486 -10.65 7.27 -12.25
C LYS A 486 -11.37 6.28 -11.34
N SER A 487 -12.42 6.74 -10.68
CA SER A 487 -13.25 5.88 -9.83
C SER A 487 -14.49 5.46 -10.60
N ILE A 488 -14.79 4.16 -10.57
CA ILE A 488 -15.86 3.55 -11.34
C ILE A 488 -16.78 2.79 -10.40
N GLN A 489 -18.05 3.20 -10.34
CA GLN A 489 -19.04 2.49 -9.54
C GLN A 489 -19.87 1.58 -10.45
N VAL A 490 -19.92 0.30 -10.10
CA VAL A 490 -20.80 -0.67 -10.73
C VAL A 490 -21.99 -0.84 -9.79
N GLU A 491 -23.15 -0.35 -10.22
CA GLU A 491 -24.39 -0.50 -9.48
C GLU A 491 -25.17 -1.65 -10.11
N MET A 492 -25.25 -2.78 -9.41
CA MET A 492 -25.97 -3.94 -9.91
C MET A 492 -27.39 -4.02 -9.37
N GLY A 493 -27.76 -3.15 -8.45
CA GLY A 493 -29.11 -3.14 -7.94
C GLY A 493 -29.99 -2.22 -8.77
N PRO A 494 -31.30 -2.27 -8.57
CA PRO A 494 -32.21 -1.40 -9.34
C PRO A 494 -32.08 0.05 -8.90
N PHE A 495 -31.85 0.93 -9.86
CA PHE A 495 -31.70 2.34 -9.53
C PHE A 495 -33.05 2.94 -9.20
N GLN A 496 -33.09 3.75 -8.15
CA GLN A 496 -34.30 4.41 -7.67
C GLN A 496 -34.18 5.90 -7.91
N SER A 497 -35.15 6.46 -8.62
CA SER A 497 -35.28 7.89 -8.78
C SER A 497 -36.36 8.42 -7.85
N ILE A 498 -36.12 9.59 -7.25
CA ILE A 498 -37.11 10.21 -6.39
C ILE A 498 -38.10 11.07 -7.15
N PHE A 499 -37.98 11.17 -8.47
CA PHE A 499 -38.92 11.96 -9.25
C PHE A 499 -39.97 11.05 -9.89
N ARG B 12 -19.14 -17.18 46.25
CA ARG B 12 -18.74 -17.92 45.06
C ARG B 12 -19.58 -17.49 43.87
N MET B 13 -19.06 -17.75 42.68
CA MET B 13 -19.75 -17.39 41.46
C MET B 13 -20.73 -18.49 41.05
N ALA B 14 -21.68 -18.12 40.20
CA ALA B 14 -22.59 -19.10 39.63
C ALA B 14 -21.82 -20.01 38.70
N GLU B 15 -22.34 -21.21 38.48
CA GLU B 15 -21.74 -22.12 37.51
C GLU B 15 -21.73 -21.44 36.14
N GLN B 16 -20.57 -21.47 35.48
CA GLN B 16 -20.37 -20.76 34.22
C GLN B 16 -20.70 -21.69 33.05
N GLN B 17 -21.47 -21.19 32.10
CA GLN B 17 -21.96 -21.97 30.97
C GLN B 17 -21.22 -21.58 29.70
N LEU B 18 -21.51 -22.31 28.62
CA LEU B 18 -21.02 -21.92 27.31
C LEU B 18 -21.77 -20.69 26.82
N TYR B 19 -21.15 -19.96 25.89
CA TYR B 19 -21.82 -18.84 25.25
C TYR B 19 -21.91 -19.15 23.76
N ILE B 20 -23.12 -19.45 23.30
CA ILE B 20 -23.37 -19.81 21.91
C ILE B 20 -24.61 -19.06 21.42
N HIS B 21 -24.46 -18.35 20.31
CA HIS B 21 -25.55 -17.64 19.64
C HIS B 21 -26.25 -16.62 20.54
N GLY B 22 -25.45 -15.77 21.19
CA GLY B 22 -25.97 -14.63 21.92
C GLY B 22 -26.59 -14.93 23.26
N LYS B 23 -26.33 -16.11 23.83
CA LYS B 23 -26.88 -16.46 25.14
C LYS B 23 -26.03 -17.57 25.77
N PHE B 24 -26.09 -17.63 27.10
CA PHE B 24 -25.48 -18.73 27.82
C PHE B 24 -26.32 -20.00 27.67
N VAL B 25 -25.64 -21.12 27.47
CA VAL B 25 -26.31 -22.39 27.21
C VAL B 25 -25.52 -23.49 27.89
N ALA B 26 -26.23 -24.49 28.37
CA ALA B 26 -25.61 -25.63 29.01
C ALA B 26 -24.85 -26.47 27.98
N ALA B 27 -23.68 -26.96 28.40
CA ALA B 27 -22.96 -27.93 27.61
C ALA B 27 -23.68 -29.28 27.64
N THR B 28 -23.54 -30.05 26.57
CA THR B 28 -24.04 -31.41 26.48
C THR B 28 -22.95 -32.47 26.67
N SER B 29 -21.76 -32.06 27.06
CA SER B 29 -20.69 -33.02 27.30
C SER B 29 -20.89 -33.78 28.61
N GLY B 30 -21.62 -33.20 29.54
CA GLY B 30 -21.69 -33.76 30.87
C GLY B 30 -20.44 -33.56 31.69
N LYS B 31 -19.50 -32.73 31.25
CA LYS B 31 -18.27 -32.55 32.00
C LYS B 31 -18.08 -31.10 32.40
N THR B 32 -17.38 -30.91 33.52
CA THR B 32 -17.08 -29.59 34.05
C THR B 32 -15.65 -29.60 34.56
N PHE B 33 -15.15 -28.41 34.84
CA PHE B 33 -13.86 -28.21 35.48
C PHE B 33 -13.97 -26.99 36.37
N GLU B 34 -12.97 -26.84 37.23
CA GLU B 34 -12.92 -25.73 38.18
C GLU B 34 -11.75 -24.84 37.82
N THR B 35 -11.93 -23.54 37.99
CA THR B 35 -10.84 -22.59 37.94
C THR B 35 -10.55 -22.12 39.37
N ILE B 36 -9.27 -22.09 39.73
CA ILE B 36 -8.80 -21.82 41.07
C ILE B 36 -8.30 -20.38 41.16
N ASN B 37 -8.54 -19.74 42.31
CA ASN B 37 -7.91 -18.46 42.63
C ASN B 37 -6.48 -18.71 43.07
N PRO B 38 -5.48 -18.30 42.27
CA PRO B 38 -4.08 -18.65 42.62
C PRO B 38 -3.55 -17.98 43.86
N ALA B 39 -4.24 -16.98 44.39
CA ALA B 39 -3.77 -16.33 45.61
C ALA B 39 -4.21 -17.07 46.87
N THR B 40 -5.28 -17.87 46.79
CA THR B 40 -5.82 -18.55 47.96
C THR B 40 -5.95 -20.05 47.82
N GLY B 41 -5.96 -20.59 46.61
CA GLY B 41 -6.26 -22.00 46.42
C GLY B 41 -7.73 -22.35 46.37
N GLU B 42 -8.64 -21.39 46.59
CA GLU B 42 -10.07 -21.63 46.56
C GLU B 42 -10.62 -21.75 45.14
N VAL B 43 -11.73 -22.48 45.02
CA VAL B 43 -12.44 -22.59 43.75
C VAL B 43 -13.18 -21.30 43.49
N LEU B 44 -12.86 -20.64 42.36
CA LEU B 44 -13.59 -19.46 41.93
C LEU B 44 -14.94 -19.82 41.32
N ALA B 45 -14.99 -20.85 40.50
CA ALA B 45 -16.21 -21.21 39.81
C ALA B 45 -16.04 -22.59 39.22
N THR B 46 -17.18 -23.26 39.05
CA THR B 46 -17.25 -24.46 38.24
C THR B 46 -17.66 -24.05 36.83
N VAL B 47 -16.98 -24.60 35.83
CA VAL B 47 -17.13 -24.17 34.44
C VAL B 47 -17.43 -25.39 33.58
N GLN B 48 -18.48 -25.29 32.77
CA GLN B 48 -18.86 -26.35 31.86
C GLN B 48 -17.89 -26.46 30.68
N ALA B 49 -17.62 -27.70 30.26
CA ALA B 49 -16.67 -27.99 29.19
C ALA B 49 -17.42 -28.40 27.93
N ALA B 50 -17.09 -27.77 26.81
CA ALA B 50 -17.77 -28.06 25.55
C ALA B 50 -17.31 -29.38 24.95
N GLY B 51 -18.25 -30.25 24.61
CA GLY B 51 -17.95 -31.49 23.92
C GLY B 51 -18.05 -31.35 22.41
N ARG B 52 -17.89 -32.50 21.73
CA ARG B 52 -17.89 -32.52 20.27
C ARG B 52 -19.16 -31.90 19.72
N GLU B 53 -20.30 -32.30 20.27
CA GLU B 53 -21.56 -31.78 19.78
C GLU B 53 -21.72 -30.30 20.09
N ASP B 54 -21.19 -29.83 21.22
CA ASP B 54 -21.26 -28.40 21.52
C ASP B 54 -20.46 -27.61 20.49
N VAL B 55 -19.29 -28.11 20.12
CA VAL B 55 -18.47 -27.47 19.10
C VAL B 55 -19.20 -27.47 17.76
N ASP B 56 -19.88 -28.57 17.42
CA ASP B 56 -20.64 -28.58 16.16
C ASP B 56 -21.73 -27.51 16.18
N ARG B 57 -22.42 -27.36 17.32
CA ARG B 57 -23.48 -26.39 17.47
C ARG B 57 -22.94 -24.96 17.38
N ALA B 58 -21.79 -24.71 18.03
CA ALA B 58 -21.15 -23.40 17.95
C ALA B 58 -20.77 -23.05 16.52
N VAL B 59 -20.35 -24.04 15.72
CA VAL B 59 -19.95 -23.74 14.34
C VAL B 59 -21.17 -23.38 13.50
N LYS B 60 -22.28 -24.13 13.63
CA LYS B 60 -23.47 -23.80 12.86
C LYS B 60 -24.01 -22.43 13.26
N SER B 61 -23.94 -22.10 14.55
CA SER B 61 -24.25 -20.76 15.02
C SER B 61 -23.32 -19.71 14.38
N ALA B 62 -22.01 -19.99 14.37
CA ALA B 62 -21.09 -19.03 13.79
C ALA B 62 -21.34 -18.85 12.31
N GLN B 63 -21.66 -19.94 11.60
CA GLN B 63 -21.91 -19.84 10.16
C GLN B 63 -23.11 -18.94 9.88
N GLN B 64 -24.16 -19.07 10.67
CA GLN B 64 -25.34 -18.23 10.52
C GLN B 64 -25.05 -16.77 10.87
N GLY B 65 -24.33 -16.53 11.98
CA GLY B 65 -24.04 -15.17 12.36
C GLY B 65 -23.11 -14.45 11.39
N GLN B 66 -22.10 -15.17 10.88
CA GLN B 66 -21.14 -14.54 9.98
C GLN B 66 -21.85 -13.97 8.75
N LYS B 67 -22.87 -14.67 8.24
CA LYS B 67 -23.57 -14.20 7.05
C LYS B 67 -24.25 -12.86 7.31
N VAL B 68 -24.91 -12.73 8.47
CA VAL B 68 -25.53 -11.46 8.83
C VAL B 68 -24.46 -10.37 8.97
N TRP B 69 -23.37 -10.69 9.69
CA TRP B 69 -22.32 -9.71 9.98
C TRP B 69 -21.67 -9.18 8.70
N ALA B 70 -21.33 -10.09 7.78
CA ALA B 70 -20.63 -9.73 6.56
C ALA B 70 -21.53 -8.97 5.60
N ALA B 71 -22.84 -9.17 5.69
CA ALA B 71 -23.76 -8.48 4.80
C ALA B 71 -23.94 -7.01 5.18
N MET B 72 -23.70 -6.67 6.45
CA MET B 72 -23.74 -5.28 6.86
C MET B 72 -22.68 -4.46 6.12
N SER B 73 -22.87 -3.15 6.12
CA SER B 73 -21.87 -2.25 5.57
C SER B 73 -20.62 -2.25 6.45
N ALA B 74 -19.52 -1.78 5.87
CA ALA B 74 -18.27 -1.68 6.63
C ALA B 74 -18.43 -0.76 7.84
N MET B 75 -19.07 0.40 7.65
CA MET B 75 -19.20 1.34 8.76
C MET B 75 -20.18 0.82 9.82
N ALA B 76 -21.20 0.05 9.43
CA ALA B 76 -22.07 -0.56 10.43
C ALA B 76 -21.28 -1.51 11.33
N ARG B 77 -20.41 -2.33 10.74
CA ARG B 77 -19.54 -3.18 11.54
C ARG B 77 -18.65 -2.31 12.43
N SER B 78 -18.10 -1.23 11.86
CA SER B 78 -17.22 -0.35 12.62
CA SER B 78 -17.22 -0.36 12.62
C SER B 78 -17.93 0.18 13.85
N ARG B 79 -19.18 0.62 13.69
CA ARG B 79 -19.86 1.26 14.81
C ARG B 79 -20.14 0.26 15.93
N ILE B 80 -20.43 -1.00 15.59
CA ILE B 80 -20.74 -1.99 16.62
C ILE B 80 -19.49 -2.30 17.44
N LEU B 81 -18.34 -2.46 16.80
CA LEU B 81 -17.12 -2.72 17.55
C LEU B 81 -16.75 -1.51 18.42
N ARG B 82 -17.02 -0.29 17.94
CA ARG B 82 -16.73 0.90 18.75
CA ARG B 82 -16.72 0.89 18.75
C ARG B 82 -17.59 0.94 20.00
N LYS B 83 -18.85 0.51 19.90
CA LYS B 83 -19.67 0.42 21.10
C LYS B 83 -19.11 -0.61 22.09
N ALA B 84 -18.60 -1.74 21.58
CA ALA B 84 -17.94 -2.69 22.48
C ALA B 84 -16.74 -2.04 23.16
N VAL B 85 -15.99 -1.22 22.42
CA VAL B 85 -14.86 -0.49 23.00
C VAL B 85 -15.35 0.38 24.15
N ASP B 86 -16.45 1.12 23.92
CA ASP B 86 -16.94 2.05 24.94
C ASP B 86 -17.34 1.30 26.21
N ILE B 87 -17.97 0.14 26.05
CA ILE B 87 -18.35 -0.65 27.22
C ILE B 87 -17.09 -1.13 27.95
N LEU B 88 -16.08 -1.57 27.21
CA LEU B 88 -14.87 -2.06 27.84
C LEU B 88 -14.19 -0.97 28.64
N ARG B 89 -14.17 0.26 28.12
CA ARG B 89 -13.59 1.38 28.86
C ARG B 89 -14.36 1.65 30.15
N GLU B 90 -15.70 1.63 30.08
CA GLU B 90 -16.52 1.87 31.25
C GLU B 90 -16.36 0.75 32.28
N ARG B 91 -16.22 -0.49 31.82
N ARG B 91 -16.22 -0.49 31.82
CA ARG B 91 -16.15 -1.63 32.72
CA ARG B 91 -16.15 -1.64 32.71
C ARG B 91 -14.71 -2.07 33.01
C ARG B 91 -14.71 -2.07 33.01
N ASN B 92 -13.74 -1.18 32.76
CA ASN B 92 -12.33 -1.55 32.88
C ASN B 92 -11.99 -2.09 34.27
N ASP B 93 -12.36 -1.36 35.33
CA ASP B 93 -11.99 -1.75 36.68
C ASP B 93 -12.67 -3.06 37.09
N GLU B 94 -13.96 -3.22 36.76
CA GLU B 94 -14.64 -4.46 37.09
C GLU B 94 -14.01 -5.65 36.37
N LEU B 95 -13.72 -5.52 35.08
CA LEU B 95 -13.08 -6.60 34.33
C LEU B 95 -11.67 -6.89 34.85
N ALA B 96 -10.93 -5.85 35.22
CA ALA B 96 -9.59 -6.03 35.76
C ALA B 96 -9.60 -6.82 37.06
N ARG B 97 -10.58 -6.54 37.93
CA ARG B 97 -10.64 -7.26 39.20
C ARG B 97 -10.92 -8.74 38.98
N LEU B 98 -11.81 -9.05 38.04
CA LEU B 98 -12.07 -10.45 37.71
C LEU B 98 -10.82 -11.12 37.16
N GLU B 99 -10.07 -10.42 36.30
CA GLU B 99 -8.83 -10.99 35.73
C GLU B 99 -7.81 -11.26 36.82
N THR B 100 -7.69 -10.35 37.78
CA THR B 100 -6.79 -10.57 38.91
C THR B 100 -7.18 -11.82 39.71
N LEU B 101 -8.48 -12.01 39.95
CA LEU B 101 -8.92 -13.21 40.67
C LEU B 101 -8.54 -14.48 39.93
N ASP B 102 -8.70 -14.48 38.60
CA ASP B 102 -8.49 -15.68 37.78
C ASP B 102 -7.02 -15.94 37.49
N THR B 103 -6.20 -14.90 37.34
CA THR B 103 -4.81 -15.07 36.94
C THR B 103 -3.81 -14.91 38.07
N GLY B 104 -4.18 -14.22 39.14
CA GLY B 104 -3.23 -13.85 40.16
C GLY B 104 -2.40 -12.62 39.83
N LYS B 105 -2.66 -11.97 38.71
CA LYS B 105 -1.89 -10.78 38.41
C LYS B 105 -2.38 -9.59 39.23
N PRO B 106 -1.48 -8.75 39.73
CA PRO B 106 -1.90 -7.61 40.55
C PRO B 106 -2.82 -6.67 39.79
N LEU B 107 -3.78 -6.11 40.52
CA LEU B 107 -4.70 -5.12 39.95
C LEU B 107 -3.94 -3.92 39.42
N SER B 108 -2.78 -3.60 40.02
CA SER B 108 -1.96 -2.53 39.49
C SER B 108 -1.57 -2.82 38.04
N GLU B 109 -1.49 -4.09 37.67
CA GLU B 109 -1.25 -4.44 36.27
C GLU B 109 -2.55 -4.51 35.48
N THR B 110 -3.52 -5.30 35.95
CA THR B 110 -4.67 -5.63 35.11
C THR B 110 -5.51 -4.40 34.79
N ALA B 111 -5.63 -3.46 35.73
CA ALA B 111 -6.46 -2.28 35.50
C ALA B 111 -5.77 -1.25 34.63
N ALA B 112 -4.47 -1.39 34.43
CA ALA B 112 -3.73 -0.44 33.60
C ALA B 112 -3.36 -0.99 32.25
N VAL B 113 -3.36 -2.31 32.08
CA VAL B 113 -2.81 -2.91 30.87
C VAL B 113 -3.81 -3.81 30.16
N ASP B 114 -4.32 -4.83 30.87
CA ASP B 114 -4.96 -5.95 30.19
C ASP B 114 -6.14 -5.51 29.34
N ILE B 115 -7.08 -4.79 29.95
CA ILE B 115 -8.24 -4.36 29.19
C ILE B 115 -7.92 -3.11 28.38
N VAL B 116 -7.02 -2.26 28.89
CA VAL B 116 -6.69 -1.01 28.19
C VAL B 116 -6.12 -1.32 26.81
N THR B 117 -5.11 -2.20 26.74
CA THR B 117 -4.49 -2.51 25.47
C THR B 117 -5.33 -3.50 24.65
N GLY B 118 -6.12 -4.34 25.30
CA GLY B 118 -7.06 -5.15 24.54
C GLY B 118 -8.05 -4.28 23.79
N ALA B 119 -8.67 -3.33 24.51
CA ALA B 119 -9.61 -2.40 23.89
C ALA B 119 -8.92 -1.48 22.89
N ASP B 120 -7.65 -1.12 23.12
CA ASP B 120 -6.95 -0.30 22.12
C ASP B 120 -6.92 -0.99 20.76
N VAL B 121 -6.68 -2.30 20.75
CA VAL B 121 -6.59 -3.05 19.49
C VAL B 121 -7.96 -3.17 18.84
N LEU B 122 -9.01 -3.43 19.62
CA LEU B 122 -10.34 -3.47 19.05
C LEU B 122 -10.74 -2.12 18.46
N GLU B 123 -10.41 -1.04 19.17
CA GLU B 123 -10.70 0.30 18.71
C GLU B 123 -9.97 0.60 17.41
N TYR B 124 -8.70 0.18 17.33
CA TYR B 124 -7.89 0.34 16.14
C TYR B 124 -8.51 -0.36 14.95
N TYR B 125 -8.85 -1.64 15.10
CA TYR B 125 -9.40 -2.34 13.95
C TYR B 125 -10.80 -1.85 13.60
N ALA B 126 -11.60 -1.42 14.59
CA ALA B 126 -12.92 -0.88 14.26
C ALA B 126 -12.80 0.26 13.23
N GLY B 127 -11.79 1.11 13.37
CA GLY B 127 -11.64 2.23 12.45
C GLY B 127 -11.08 1.87 11.09
N LEU B 128 -10.38 0.74 10.99
CA LEU B 128 -9.78 0.33 9.73
C LEU B 128 -10.71 -0.43 8.81
N ILE B 129 -11.87 -0.90 9.29
CA ILE B 129 -12.73 -1.73 8.44
C ILE B 129 -12.98 -1.06 7.06
N PRO B 130 -13.34 0.22 7.00
CA PRO B 130 -13.65 0.81 5.67
C PRO B 130 -12.47 0.93 4.76
N ALA B 131 -11.24 0.84 5.28
CA ALA B 131 -10.05 0.91 4.45
C ALA B 131 -9.63 -0.44 3.89
N LEU B 132 -10.31 -1.52 4.23
CA LEU B 132 -9.97 -2.84 3.69
C LEU B 132 -10.38 -2.91 2.23
N GLU B 133 -9.39 -2.94 1.32
CA GLU B 133 -9.62 -2.83 -0.11
C GLU B 133 -8.89 -3.94 -0.87
N GLY B 134 -9.48 -4.35 -1.98
CA GLY B 134 -8.82 -5.17 -2.97
C GLY B 134 -8.07 -4.32 -3.97
N SER B 135 -7.71 -4.95 -5.09
CA SER B 135 -6.86 -4.32 -6.10
CA SER B 135 -6.86 -4.31 -6.10
C SER B 135 -7.52 -4.40 -7.47
N GLN B 136 -6.99 -3.60 -8.41
CA GLN B 136 -7.40 -3.69 -9.81
C GLN B 136 -6.13 -3.62 -10.65
N ILE B 137 -6.02 -4.52 -11.62
CA ILE B 137 -4.80 -4.67 -12.42
C ILE B 137 -5.18 -4.66 -13.90
N PRO B 138 -4.83 -3.63 -14.69
CA PRO B 138 -5.07 -3.71 -16.13
C PRO B 138 -4.07 -4.65 -16.79
N LEU B 139 -4.58 -5.50 -17.68
CA LEU B 139 -3.73 -6.39 -18.46
C LEU B 139 -3.51 -5.87 -19.88
N ARG B 140 -4.58 -5.37 -20.49
CA ARG B 140 -4.63 -4.90 -21.86
C ARG B 140 -5.97 -4.18 -21.97
N ASP B 141 -6.18 -3.49 -23.08
CA ASP B 141 -7.42 -2.73 -23.23
C ASP B 141 -8.65 -3.60 -23.06
N SER B 142 -8.56 -4.88 -23.45
CA SER B 142 -9.73 -5.75 -23.51
C SER B 142 -9.89 -6.65 -22.29
N SER B 143 -9.06 -6.52 -21.26
CA SER B 143 -9.17 -7.38 -20.09
C SER B 143 -8.53 -6.72 -18.88
N PHE B 144 -9.13 -6.93 -17.71
CA PHE B 144 -8.56 -6.48 -16.46
C PHE B 144 -8.87 -7.50 -15.37
N VAL B 145 -8.14 -7.37 -14.26
CA VAL B 145 -8.28 -8.20 -13.07
C VAL B 145 -8.66 -7.32 -11.91
N TYR B 146 -9.55 -7.78 -11.04
CA TYR B 146 -9.71 -7.12 -9.76
C TYR B 146 -9.81 -8.18 -8.68
N THR B 147 -9.45 -7.80 -7.46
CA THR B 147 -9.43 -8.73 -6.35
C THR B 147 -10.43 -8.31 -5.28
N ARG B 148 -10.94 -9.30 -4.59
CA ARG B 148 -11.77 -9.08 -3.41
C ARG B 148 -11.06 -9.67 -2.20
N ARG B 149 -11.14 -8.96 -1.08
CA ARG B 149 -10.65 -9.45 0.20
CA ARG B 149 -10.65 -9.45 0.20
C ARG B 149 -11.87 -9.97 0.95
N GLU B 150 -12.14 -11.31 0.81
CA GLU B 150 -13.34 -11.90 1.37
C GLU B 150 -13.07 -12.48 2.76
N PRO B 151 -14.09 -12.52 3.60
CA PRO B 151 -13.95 -13.20 4.88
C PRO B 151 -13.56 -14.65 4.69
N LEU B 152 -12.78 -15.17 5.63
CA LEU B 152 -12.50 -16.60 5.67
C LEU B 152 -13.75 -17.41 6.03
N GLY B 153 -14.65 -16.84 6.82
CA GLY B 153 -15.82 -17.55 7.29
C GLY B 153 -15.89 -17.69 8.80
N VAL B 154 -15.73 -18.90 9.32
CA VAL B 154 -15.66 -19.14 10.76
C VAL B 154 -14.20 -19.42 11.11
N VAL B 155 -13.66 -18.67 12.05
CA VAL B 155 -12.30 -18.90 12.50
C VAL B 155 -12.33 -19.26 13.98
N ALA B 156 -11.27 -19.87 14.47
CA ALA B 156 -11.18 -20.26 15.87
C ALA B 156 -9.95 -19.61 16.50
N GLY B 157 -10.15 -19.08 17.71
CA GLY B 157 -9.06 -18.58 18.53
C GLY B 157 -8.91 -19.44 19.77
N ILE B 158 -7.66 -19.77 20.11
CA ILE B 158 -7.36 -20.53 21.32
C ILE B 158 -6.43 -19.67 22.18
N GLY B 159 -6.92 -19.28 23.32
CA GLY B 159 -6.18 -18.36 24.17
C GLY B 159 -5.26 -19.03 25.17
N ALA B 160 -4.38 -18.21 25.75
CA ALA B 160 -3.50 -18.61 26.83
C ALA B 160 -3.97 -17.95 28.11
N TRP B 161 -3.36 -18.38 29.23
CA TRP B 161 -3.85 -17.96 30.53
C TRP B 161 -3.15 -16.74 31.09
N ASN B 162 -2.06 -16.26 30.49
CA ASN B 162 -1.37 -15.16 31.14
C ASN B 162 -2.04 -13.81 30.89
N TYR B 163 -2.63 -13.59 29.72
CA TYR B 163 -3.37 -12.36 29.41
C TYR B 163 -4.73 -12.73 28.82
N PRO B 164 -5.64 -13.26 29.62
CA PRO B 164 -6.84 -13.88 29.04
C PRO B 164 -7.71 -12.95 28.21
N ILE B 165 -8.11 -11.80 28.76
CA ILE B 165 -9.03 -10.97 27.99
C ILE B 165 -8.28 -10.20 26.90
N GLN B 166 -7.01 -9.81 27.14
CA GLN B 166 -6.25 -9.14 26.10
C GLN B 166 -6.11 -10.03 24.86
N ILE B 167 -5.76 -11.31 25.08
CA ILE B 167 -5.60 -12.24 23.96
C ILE B 167 -6.94 -12.45 23.24
N ALA B 168 -8.03 -12.58 23.99
CA ALA B 168 -9.33 -12.71 23.34
C ALA B 168 -9.64 -11.49 22.48
N LEU B 169 -9.28 -10.30 22.93
CA LEU B 169 -9.49 -9.09 22.13
C LEU B 169 -8.55 -9.02 20.92
N TRP B 170 -7.26 -9.38 21.12
CA TRP B 170 -6.31 -9.29 20.03
C TRP B 170 -6.62 -10.28 18.92
N LYS B 171 -7.22 -11.41 19.25
CA LYS B 171 -7.61 -12.37 18.21
C LYS B 171 -8.97 -12.01 17.59
N SER B 172 -9.96 -11.68 18.42
CA SER B 172 -11.30 -11.45 17.89
C SER B 172 -11.42 -10.12 17.14
N ALA B 173 -10.64 -9.09 17.53
CA ALA B 173 -10.80 -7.79 16.88
C ALA B 173 -10.50 -7.82 15.39
N PRO B 174 -9.33 -8.28 14.93
CA PRO B 174 -9.13 -8.34 13.48
C PRO B 174 -10.04 -9.35 12.81
N ALA B 175 -10.35 -10.47 13.48
CA ALA B 175 -11.22 -11.48 12.88
C ALA B 175 -12.61 -10.92 12.61
N LEU B 176 -13.21 -10.27 13.61
CA LEU B 176 -14.52 -9.66 13.43
C LEU B 176 -14.46 -8.49 12.45
N ALA B 177 -13.42 -7.67 12.57
CA ALA B 177 -13.30 -6.50 11.70
C ALA B 177 -13.22 -6.89 10.24
N ALA B 178 -12.62 -8.04 9.92
CA ALA B 178 -12.48 -8.55 8.58
C ALA B 178 -13.74 -9.28 8.08
N GLY B 179 -14.78 -9.35 8.90
CA GLY B 179 -16.03 -9.96 8.48
C GLY B 179 -16.24 -11.39 8.89
N ASN B 180 -15.37 -11.97 9.72
CA ASN B 180 -15.54 -13.35 10.14
C ASN B 180 -16.35 -13.45 11.42
N ALA B 181 -16.79 -14.66 11.72
CA ALA B 181 -17.20 -15.02 13.07
C ALA B 181 -16.06 -15.78 13.71
N MET B 182 -15.88 -15.61 15.02
CA MET B 182 -14.86 -16.33 15.76
C MET B 182 -15.46 -17.15 16.90
N ILE B 183 -15.03 -18.40 17.02
CA ILE B 183 -15.26 -19.22 18.19
C ILE B 183 -13.98 -19.19 19.01
N PHE B 184 -14.06 -18.68 20.23
CA PHE B 184 -12.89 -18.53 21.08
C PHE B 184 -12.95 -19.58 22.20
N LYS B 185 -11.84 -20.30 22.38
CA LYS B 185 -11.67 -21.20 23.52
C LYS B 185 -10.66 -20.61 24.49
N PRO B 186 -11.06 -20.13 25.67
CA PRO B 186 -10.08 -19.65 26.64
C PRO B 186 -9.31 -20.80 27.27
N SER B 187 -8.19 -20.46 27.89
CA SER B 187 -7.45 -21.46 28.65
C SER B 187 -8.33 -21.98 29.78
N GLU B 188 -8.24 -23.29 30.04
CA GLU B 188 -8.96 -23.89 31.16
C GLU B 188 -8.53 -23.29 32.48
N VAL B 189 -7.34 -22.69 32.52
CA VAL B 189 -6.88 -22.04 33.74
C VAL B 189 -7.67 -20.77 34.02
N THR B 190 -8.06 -20.03 32.97
CA THR B 190 -8.59 -18.68 33.10
C THR B 190 -9.74 -18.44 32.14
N PRO B 191 -10.90 -19.08 32.36
CA PRO B 191 -12.01 -18.96 31.41
C PRO B 191 -12.97 -17.80 31.63
N LEU B 192 -12.85 -17.05 32.72
CA LEU B 192 -13.94 -16.18 33.15
C LEU B 192 -14.06 -14.89 32.35
N THR B 193 -12.95 -14.20 32.03
CA THR B 193 -13.12 -12.92 31.35
C THR B 193 -13.59 -13.09 29.92
N ALA B 194 -13.28 -14.22 29.27
CA ALA B 194 -13.73 -14.41 27.90
C ALA B 194 -15.26 -14.46 27.82
N LEU B 195 -15.89 -15.06 28.82
CA LEU B 195 -17.35 -15.14 28.87
C LEU B 195 -17.96 -13.77 29.09
N LYS B 196 -17.31 -12.92 29.90
CA LYS B 196 -17.76 -11.54 30.02
C LYS B 196 -17.62 -10.80 28.68
N LEU B 197 -16.54 -11.06 27.94
CA LEU B 197 -16.39 -10.38 26.65
C LEU B 197 -17.53 -10.73 25.70
N ALA B 198 -17.97 -12.00 25.70
CA ALA B 198 -19.06 -12.39 24.82
C ALA B 198 -20.32 -11.61 25.12
N GLU B 199 -20.65 -11.42 26.40
CA GLU B 199 -21.84 -10.63 26.75
C GLU B 199 -21.69 -9.18 26.32
N ILE B 200 -20.48 -8.62 26.46
CA ILE B 200 -20.24 -7.24 26.08
C ILE B 200 -20.42 -7.05 24.57
N TYR B 201 -19.87 -7.97 23.77
CA TYR B 201 -20.07 -7.89 22.33
C TYR B 201 -21.56 -7.88 21.97
N ARG B 202 -22.35 -8.78 22.59
CA ARG B 202 -23.77 -8.82 22.24
C ARG B 202 -24.47 -7.50 22.62
N GLU B 203 -24.14 -6.96 23.80
CA GLU B 203 -24.68 -5.69 24.26
C GLU B 203 -24.38 -4.56 23.28
N ALA B 204 -23.23 -4.62 22.61
CA ALA B 204 -22.86 -3.61 21.63
C ALA B 204 -23.59 -3.79 20.31
N GLY B 205 -24.27 -4.90 20.10
CA GLY B 205 -24.97 -5.17 18.87
C GLY B 205 -24.36 -6.20 17.95
N LEU B 206 -23.34 -6.91 18.40
CA LEU B 206 -22.74 -7.93 17.56
C LEU B 206 -23.81 -8.98 17.27
N PRO B 207 -24.02 -9.37 16.01
CA PRO B 207 -25.05 -10.37 15.73
C PRO B 207 -24.79 -11.68 16.45
N ASP B 208 -25.88 -12.34 16.84
CA ASP B 208 -25.79 -13.62 17.52
C ASP B 208 -25.00 -14.61 16.68
N GLY B 209 -24.06 -15.30 17.33
CA GLY B 209 -23.22 -16.27 16.68
C GLY B 209 -21.87 -15.75 16.22
N VAL B 210 -21.69 -14.44 16.16
CA VAL B 210 -20.43 -13.91 15.62
C VAL B 210 -19.27 -14.10 16.58
N PHE B 211 -19.51 -14.11 17.90
CA PHE B 211 -18.46 -14.41 18.88
C PHE B 211 -19.03 -15.42 19.88
N ASN B 212 -18.66 -16.68 19.71
CA ASN B 212 -19.01 -17.76 20.63
C ASN B 212 -17.79 -18.13 21.46
N VAL B 213 -18.04 -18.50 22.71
CA VAL B 213 -17.00 -18.85 23.66
C VAL B 213 -17.27 -20.24 24.21
N LEU B 214 -16.26 -21.12 24.12
CA LEU B 214 -16.38 -22.52 24.53
C LEU B 214 -15.27 -22.83 25.51
N PRO B 215 -15.52 -22.67 26.81
CA PRO B 215 -14.54 -23.17 27.79
C PRO B 215 -14.38 -24.69 27.65
N GLY B 216 -13.23 -25.18 28.08
CA GLY B 216 -12.94 -26.59 28.03
C GLY B 216 -11.44 -26.80 28.14
N ILE B 217 -11.05 -28.06 27.98
CA ILE B 217 -9.64 -28.43 28.09
C ILE B 217 -9.06 -28.63 26.69
N GLY B 218 -7.73 -28.50 26.60
CA GLY B 218 -7.09 -28.55 25.29
C GLY B 218 -7.28 -29.89 24.60
N ALA B 219 -7.19 -30.97 25.35
CA ALA B 219 -7.26 -32.30 24.77
C ALA B 219 -8.62 -32.59 24.14
N GLU B 220 -9.69 -31.93 24.59
CA GLU B 220 -11.02 -32.16 24.04
C GLU B 220 -11.54 -30.94 23.28
N THR B 221 -11.87 -29.84 23.97
CA THR B 221 -12.48 -28.73 23.27
C THR B 221 -11.51 -28.13 22.26
N GLY B 222 -10.26 -27.96 22.67
CA GLY B 222 -9.26 -27.41 21.77
C GLY B 222 -9.08 -28.26 20.52
N GLN B 223 -8.94 -29.57 20.72
CA GLN B 223 -8.77 -30.47 19.59
C GLN B 223 -9.99 -30.52 18.71
N TYR B 224 -11.19 -30.51 19.29
CA TYR B 224 -12.40 -30.56 18.46
C TYR B 224 -12.48 -29.37 17.52
N LEU B 225 -12.04 -28.19 17.98
CA LEU B 225 -12.03 -27.01 17.13
C LEU B 225 -10.99 -27.12 16.03
N THR B 226 -9.77 -27.55 16.37
CA THR B 226 -8.72 -27.63 15.38
C THR B 226 -9.02 -28.67 14.32
N GLU B 227 -9.88 -29.63 14.65
CA GLU B 227 -10.23 -30.71 13.73
C GLU B 227 -11.47 -30.42 12.90
N HIS B 228 -12.28 -29.43 13.27
CA HIS B 228 -13.60 -29.26 12.64
C HIS B 228 -13.46 -28.89 11.16
N PRO B 229 -14.21 -29.54 10.27
CA PRO B 229 -14.00 -29.27 8.83
C PRO B 229 -14.45 -27.89 8.36
N ASP B 230 -15.32 -27.20 9.10
CA ASP B 230 -15.92 -25.96 8.62
C ASP B 230 -15.30 -24.73 9.27
N ILE B 231 -14.19 -24.89 9.97
CA ILE B 231 -13.42 -23.79 10.52
C ILE B 231 -12.27 -23.52 9.58
N ALA B 232 -12.14 -22.27 9.14
CA ALA B 232 -11.22 -21.94 8.06
C ALA B 232 -9.84 -21.53 8.54
N LYS B 233 -9.70 -21.14 9.80
CA LYS B 233 -8.41 -20.67 10.30
C LYS B 233 -8.38 -20.87 11.80
N ILE B 234 -7.19 -21.20 12.32
CA ILE B 234 -6.96 -21.33 13.75
C ILE B 234 -5.89 -20.33 14.15
N SER B 235 -6.14 -19.57 15.20
CA SER B 235 -5.12 -18.70 15.80
C SER B 235 -4.90 -19.16 17.23
N PHE B 236 -3.65 -19.53 17.55
CA PHE B 236 -3.31 -20.12 18.83
C PHE B 236 -2.20 -19.32 19.50
N THR B 237 -2.35 -19.06 20.80
CA THR B 237 -1.31 -18.46 21.63
C THR B 237 -1.05 -19.43 22.77
N GLY B 238 0.21 -19.74 23.02
CA GLY B 238 0.55 -20.71 24.06
C GLY B 238 2.01 -21.11 24.01
N GLY B 239 2.30 -22.30 24.60
CA GLY B 239 3.67 -22.78 24.66
C GLY B 239 4.15 -23.37 23.35
N VAL B 240 5.47 -23.39 23.16
CA VAL B 240 6.04 -23.82 21.89
C VAL B 240 5.62 -25.25 21.57
N ALA B 241 5.67 -26.14 22.57
CA ALA B 241 5.32 -27.54 22.32
C ALA B 241 3.84 -27.70 21.95
N SER B 242 2.95 -27.12 22.76
CA SER B 242 1.52 -27.19 22.45
C SER B 242 1.21 -26.62 21.07
N GLY B 243 1.96 -25.60 20.65
CA GLY B 243 1.73 -25.02 19.33
C GLY B 243 1.93 -26.02 18.21
N LYS B 244 3.04 -26.78 18.27
CA LYS B 244 3.31 -27.75 17.22
C LYS B 244 2.19 -28.79 17.10
N LYS B 245 1.66 -29.24 18.25
CA LYS B 245 0.55 -30.18 18.22
C LYS B 245 -0.68 -29.56 17.58
N VAL B 246 -0.99 -28.31 17.93
CA VAL B 246 -2.17 -27.66 17.35
C VAL B 246 -1.98 -27.54 15.84
N MET B 247 -0.80 -27.08 15.41
CA MET B 247 -0.60 -26.81 13.99
C MET B 247 -0.64 -28.10 13.18
N ALA B 248 -0.19 -29.21 13.79
CA ALA B 248 -0.25 -30.51 13.12
C ALA B 248 -1.70 -30.96 12.91
N ASN B 249 -2.52 -30.94 13.97
CA ASN B 249 -3.90 -31.40 13.83
C ASN B 249 -4.69 -30.53 12.87
N SER B 250 -4.42 -29.21 12.88
CA SER B 250 -5.11 -28.31 11.96
C SER B 250 -4.79 -28.63 10.52
N ALA B 251 -3.57 -29.06 10.24
CA ALA B 251 -3.20 -29.42 8.88
C ALA B 251 -3.78 -30.78 8.52
N ALA B 252 -3.62 -31.76 9.42
CA ALA B 252 -4.06 -33.12 9.15
C ALA B 252 -5.56 -33.22 8.93
N SER B 253 -6.34 -32.32 9.53
CA SER B 253 -7.80 -32.43 9.43
C SER B 253 -8.34 -31.83 8.13
N SER B 254 -8.20 -30.51 7.94
CA SER B 254 -8.82 -29.86 6.78
C SER B 254 -7.95 -28.76 6.17
N LEU B 255 -6.65 -28.75 6.43
CA LEU B 255 -5.74 -27.80 5.81
C LEU B 255 -6.15 -26.36 6.14
N LYS B 256 -6.18 -26.06 7.43
CA LYS B 256 -6.56 -24.73 7.90
C LYS B 256 -5.38 -23.77 7.81
N GLU B 257 -5.69 -22.51 7.56
CA GLU B 257 -4.73 -21.43 7.79
C GLU B 257 -4.41 -21.36 9.28
N VAL B 258 -3.22 -20.91 9.61
CA VAL B 258 -2.75 -20.94 10.99
C VAL B 258 -2.01 -19.66 11.35
N THR B 259 -2.21 -19.23 12.59
CA THR B 259 -1.40 -18.21 13.25
C THR B 259 -1.00 -18.80 14.60
N MET B 260 0.26 -18.59 15.00
CA MET B 260 0.79 -19.12 16.25
C MET B 260 1.67 -18.07 16.92
N GLU B 261 1.32 -17.71 18.15
CA GLU B 261 2.10 -16.81 18.99
C GLU B 261 2.60 -17.65 20.16
N LEU B 262 3.85 -18.05 20.11
CA LEU B 262 4.40 -18.99 21.08
C LEU B 262 5.42 -18.30 22.00
N GLY B 263 6.15 -19.10 22.76
CA GLY B 263 7.07 -18.54 23.72
C GLY B 263 8.37 -18.12 23.09
N GLY B 264 9.28 -17.66 23.95
CA GLY B 264 10.60 -17.25 23.52
C GLY B 264 11.63 -17.37 24.63
N LYS B 265 12.88 -17.10 24.26
CA LYS B 265 13.96 -16.87 25.22
C LYS B 265 14.71 -15.61 24.77
N SER B 266 14.07 -14.48 24.96
CA SER B 266 14.45 -13.28 24.23
C SER B 266 15.67 -12.63 24.89
N PRO B 267 16.64 -12.16 24.09
CA PRO B 267 17.84 -11.54 24.64
C PRO B 267 17.70 -10.04 24.83
N LEU B 268 18.21 -9.56 25.94
CA LEU B 268 18.38 -8.14 26.22
C LEU B 268 19.88 -7.87 26.24
N ILE B 269 20.35 -7.10 25.26
CA ILE B 269 21.77 -6.81 25.10
C ILE B 269 22.05 -5.44 25.68
N ILE B 270 22.85 -5.39 26.72
CA ILE B 270 23.31 -4.16 27.32
C ILE B 270 24.65 -3.82 26.69
N ALA B 271 24.73 -2.70 26.00
CA ALA B 271 25.93 -2.30 25.30
C ALA B 271 26.96 -1.70 26.27
N GLU B 272 28.20 -1.63 25.81
CA GLU B 272 29.28 -1.11 26.64
C GLU B 272 29.12 0.37 26.98
N ASP B 273 28.32 1.12 26.25
CA ASP B 273 28.09 2.53 26.55
C ASP B 273 26.76 2.79 27.25
N ALA B 274 26.06 1.76 27.70
CA ALA B 274 24.76 1.93 28.32
C ALA B 274 24.87 2.48 29.73
N ASN B 275 23.93 3.35 30.07
CA ASN B 275 23.72 3.74 31.46
C ASN B 275 23.14 2.55 32.24
N LEU B 276 23.79 2.16 33.32
CA LEU B 276 23.45 0.90 33.98
C LEU B 276 22.17 0.97 34.80
N ASP B 277 21.76 2.17 35.25
CA ASP B 277 20.45 2.31 35.88
C ASP B 277 19.33 2.08 34.88
N LEU B 278 19.44 2.66 33.68
CA LEU B 278 18.47 2.40 32.63
C LEU B 278 18.46 0.93 32.26
N ALA B 279 19.64 0.35 32.08
CA ALA B 279 19.71 -1.07 31.75
C ALA B 279 19.07 -1.91 32.83
N ALA B 280 19.30 -1.58 34.10
CA ALA B 280 18.71 -2.36 35.18
C ALA B 280 17.20 -2.23 35.18
N ASP B 281 16.68 -1.01 34.99
CA ASP B 281 15.23 -0.81 34.96
C ASP B 281 14.58 -1.57 33.80
N ILE B 282 15.21 -1.55 32.63
CA ILE B 282 14.67 -2.32 31.51
C ILE B 282 14.69 -3.81 31.82
N ALA B 283 15.80 -4.30 32.37
CA ALA B 283 15.89 -5.72 32.68
C ALA B 283 14.83 -6.14 33.70
N MET B 284 14.59 -5.29 34.71
CA MET B 284 13.56 -5.58 35.70
C MET B 284 12.18 -5.70 35.04
N MET B 285 11.83 -4.70 34.22
CA MET B 285 10.54 -4.74 33.54
C MET B 285 10.48 -5.88 32.52
N ALA B 286 11.63 -6.31 32.01
CA ALA B 286 11.69 -7.38 31.03
C ALA B 286 11.64 -8.77 31.67
N ASN B 287 11.67 -8.85 33.00
CA ASN B 287 11.71 -10.14 33.66
C ASN B 287 10.65 -10.40 34.71
N PHE B 288 10.19 -9.38 35.43
CA PHE B 288 9.34 -9.62 36.61
C PHE B 288 7.94 -9.05 36.50
N TYR B 289 7.56 -8.48 35.35
CA TYR B 289 6.16 -8.10 35.15
C TYR B 289 5.31 -9.35 35.01
N SER B 290 4.08 -9.30 35.55
CA SER B 290 3.17 -10.45 35.54
C SER B 290 3.87 -11.69 36.10
N SER B 291 4.73 -11.46 37.10
CA SER B 291 5.49 -12.50 37.79
C SER B 291 6.29 -13.36 36.82
N GLY B 292 6.80 -12.76 35.76
CA GLY B 292 7.60 -13.48 34.80
C GLY B 292 6.83 -14.29 33.78
N GLN B 293 5.52 -14.17 33.73
CA GLN B 293 4.69 -15.00 32.86
C GLN B 293 4.30 -14.23 31.59
N VAL B 294 5.32 -13.88 30.81
CA VAL B 294 5.16 -13.09 29.59
C VAL B 294 6.02 -13.71 28.51
N CYS B 295 5.41 -13.98 27.35
CA CYS B 295 6.12 -14.65 26.28
C CYS B 295 7.32 -13.86 25.78
N THR B 296 7.24 -12.52 25.79
CA THR B 296 8.27 -11.66 25.22
C THR B 296 9.38 -11.30 26.21
N ASN B 297 9.40 -11.87 27.41
CA ASN B 297 10.32 -11.43 28.44
C ASN B 297 11.78 -11.62 28.04
N GLY B 298 12.61 -10.67 28.45
CA GLY B 298 14.03 -10.66 28.19
C GLY B 298 14.81 -11.43 29.23
N THR B 299 14.69 -12.74 29.15
CA THR B 299 15.16 -13.63 30.19
C THR B 299 16.63 -13.98 30.05
N ARG B 300 17.26 -13.62 28.95
CA ARG B 300 18.71 -13.73 28.80
C ARG B 300 19.23 -12.31 28.75
N VAL B 301 19.85 -11.86 29.85
CA VAL B 301 20.36 -10.50 29.94
C VAL B 301 21.87 -10.58 29.73
N PHE B 302 22.32 -10.04 28.60
CA PHE B 302 23.74 -10.05 28.25
C PHE B 302 24.37 -8.73 28.72
N VAL B 303 25.40 -8.84 29.56
CA VAL B 303 26.04 -7.66 30.13
C VAL B 303 27.52 -7.73 29.81
N PRO B 304 28.16 -6.61 29.46
CA PRO B 304 29.62 -6.64 29.24
C PRO B 304 30.31 -7.07 30.53
N ALA B 305 31.39 -7.84 30.37
CA ALA B 305 32.10 -8.35 31.54
C ALA B 305 32.52 -7.21 32.47
N LYS B 306 33.00 -6.10 31.91
CA LYS B 306 33.50 -5.01 32.74
C LYS B 306 32.42 -4.36 33.61
N PHE B 307 31.14 -4.51 33.24
CA PHE B 307 30.04 -3.91 33.98
C PHE B 307 29.24 -4.92 34.79
N LYS B 308 29.60 -6.20 34.73
CA LYS B 308 28.73 -7.23 35.28
C LYS B 308 28.56 -7.08 36.79
N ALA B 309 29.66 -6.90 37.52
CA ALA B 309 29.54 -6.83 38.98
C ALA B 309 28.63 -5.66 39.37
N GLU B 310 28.83 -4.51 38.72
CA GLU B 310 28.01 -3.34 39.06
C GLU B 310 26.56 -3.55 38.63
N PHE B 311 26.34 -4.18 37.48
CA PHE B 311 24.98 -4.44 37.03
C PHE B 311 24.25 -5.35 38.03
N GLU B 312 24.93 -6.40 38.48
CA GLU B 312 24.33 -7.30 39.47
C GLU B 312 23.89 -6.54 40.71
N HIS B 313 24.71 -5.60 41.16
CA HIS B 313 24.36 -4.81 42.35
C HIS B 313 23.11 -3.97 42.12
N LYS B 314 22.99 -3.37 40.93
CA LYS B 314 21.80 -2.59 40.64
C LYS B 314 20.55 -3.46 40.49
N ILE B 315 20.69 -4.68 39.97
CA ILE B 315 19.54 -5.57 39.91
C ILE B 315 19.09 -5.97 41.32
N LEU B 316 20.03 -6.32 42.19
CA LEU B 316 19.63 -6.76 43.52
C LEU B 316 18.92 -5.64 44.27
N GLU B 317 19.41 -4.41 44.14
CA GLU B 317 18.76 -3.26 44.76
C GLU B 317 17.31 -3.11 44.29
N ARG B 318 17.04 -3.25 42.98
CA ARG B 318 15.67 -3.10 42.48
C ARG B 318 14.80 -4.31 42.84
N VAL B 319 15.40 -5.51 42.85
CA VAL B 319 14.66 -6.71 43.28
C VAL B 319 14.19 -6.53 44.72
N GLY B 320 15.01 -5.90 45.55
CA GLY B 320 14.64 -5.67 46.93
C GLY B 320 13.42 -4.80 47.12
N ARG B 321 13.08 -3.99 46.11
CA ARG B 321 11.92 -3.12 46.15
C ARG B 321 10.64 -3.78 45.68
N ILE B 322 10.70 -4.99 45.13
CA ILE B 322 9.51 -5.65 44.63
C ILE B 322 8.55 -5.87 45.79
N ARG B 323 7.27 -5.55 45.57
CA ARG B 323 6.25 -5.59 46.62
C ARG B 323 5.20 -6.63 46.28
N ALA B 324 5.36 -7.82 46.86
CA ALA B 324 4.36 -8.87 46.83
C ALA B 324 3.39 -8.66 47.99
N GLY B 325 2.13 -9.06 47.79
CA GLY B 325 1.13 -8.95 48.84
C GLY B 325 -0.28 -8.99 48.26
N ASP B 326 -1.21 -8.36 48.99
CA ASP B 326 -2.60 -8.26 48.56
C ASP B 326 -2.69 -7.74 47.13
N LEU B 327 -3.25 -8.56 46.25
CA LEU B 327 -3.28 -8.25 44.82
C LEU B 327 -4.18 -7.06 44.48
N PHE B 328 -5.04 -6.63 45.40
CA PHE B 328 -5.90 -5.48 45.19
C PHE B 328 -5.34 -4.20 45.80
N ALA B 329 -4.21 -4.28 46.51
CA ALA B 329 -3.56 -3.09 47.06
C ALA B 329 -2.80 -2.32 45.98
N ASP B 330 -2.82 -0.99 46.09
CA ASP B 330 -2.22 -0.14 45.06
C ASP B 330 -0.73 -0.40 44.92
N ASP B 331 -0.03 -0.64 46.03
CA ASP B 331 1.41 -0.74 45.97
C ASP B 331 1.90 -2.16 45.64
N THR B 332 1.01 -3.15 45.56
CA THR B 332 1.45 -4.48 45.15
C THR B 332 1.80 -4.48 43.67
N ASN B 333 2.99 -4.98 43.33
CA ASN B 333 3.43 -5.04 41.94
C ASN B 333 3.99 -6.41 41.57
N PHE B 334 3.72 -7.42 42.38
CA PHE B 334 4.21 -8.76 42.12
C PHE B 334 3.16 -9.73 42.67
N GLY B 335 2.82 -10.73 41.87
CA GLY B 335 1.78 -11.65 42.23
C GLY B 335 2.27 -13.08 42.26
N PRO B 336 1.40 -14.00 42.67
CA PRO B 336 1.71 -15.43 42.57
C PRO B 336 1.69 -15.88 41.12
N LEU B 337 2.22 -17.06 40.88
CA LEU B 337 2.07 -17.68 39.58
C LEU B 337 0.64 -18.17 39.39
N VAL B 338 0.28 -18.44 38.13
CA VAL B 338 -1.12 -18.64 37.77
C VAL B 338 -1.73 -19.88 38.40
N SER B 339 -0.93 -20.86 38.78
CA SER B 339 -1.43 -22.12 39.30
C SER B 339 -0.31 -22.82 40.06
N PHE B 340 -0.69 -23.82 40.88
CA PHE B 340 0.28 -24.58 41.67
C PHE B 340 1.08 -25.55 40.81
N PRO B 341 0.47 -26.23 39.83
CA PRO B 341 1.30 -27.04 38.90
C PRO B 341 2.33 -26.22 38.15
N HIS B 342 1.99 -24.98 37.76
CA HIS B 342 2.97 -24.15 37.05
C HIS B 342 4.12 -23.76 37.98
N ARG B 343 3.82 -23.44 39.25
CA ARG B 343 4.91 -23.18 40.18
C ARG B 343 5.84 -24.39 40.28
N GLN B 344 5.29 -25.61 40.27
CA GLN B 344 6.15 -26.79 40.36
C GLN B 344 7.14 -26.83 39.20
N ASN B 345 6.69 -26.51 37.99
CA ASN B 345 7.60 -26.48 36.86
C ASN B 345 8.66 -25.39 37.03
N VAL B 346 8.27 -24.20 37.46
CA VAL B 346 9.24 -23.13 37.63
C VAL B 346 10.29 -23.54 38.67
N LEU B 347 9.84 -24.19 39.75
CA LEU B 347 10.78 -24.64 40.78
C LEU B 347 11.75 -25.70 40.26
N ARG B 348 11.27 -26.60 39.40
CA ARG B 348 12.19 -27.56 38.77
C ARG B 348 13.27 -26.84 37.95
N TYR B 349 12.89 -25.82 37.19
CA TYR B 349 13.90 -25.06 36.45
C TYR B 349 14.89 -24.37 37.39
N ILE B 350 14.39 -23.80 38.49
CA ILE B 350 15.28 -23.12 39.43
C ILE B 350 16.28 -24.12 40.00
N GLU B 351 15.81 -25.32 40.33
CA GLU B 351 16.71 -26.34 40.88
C GLU B 351 17.76 -26.77 39.86
N SER B 352 17.39 -26.86 38.58
CA SER B 352 18.38 -27.16 37.54
C SER B 352 19.46 -26.08 37.46
N GLY B 353 19.07 -24.81 37.57
CA GLY B 353 20.07 -23.76 37.56
C GLY B 353 21.07 -23.93 38.68
N LYS B 354 20.59 -24.28 39.88
CA LYS B 354 21.51 -24.53 41.00
C LYS B 354 22.39 -25.75 40.73
N SER B 355 21.80 -26.82 40.23
CA SER B 355 22.58 -28.05 40.10
C SER B 355 23.58 -27.94 38.96
N GLU B 356 23.28 -27.13 37.95
CA GLU B 356 24.16 -26.98 36.81
C GLU B 356 25.23 -25.91 37.02
N GLY B 357 25.28 -25.32 38.21
CA GLY B 357 26.41 -24.47 38.59
C GLY B 357 26.23 -22.98 38.36
N ALA B 358 25.04 -22.53 37.99
CA ALA B 358 24.76 -21.10 37.93
C ALA B 358 24.70 -20.53 39.34
N ARG B 359 25.14 -19.27 39.49
CA ARG B 359 25.21 -18.64 40.80
C ARG B 359 23.87 -17.98 41.13
N LEU B 360 23.25 -18.40 42.23
CA LEU B 360 22.00 -17.80 42.67
C LEU B 360 22.30 -16.51 43.40
N LEU B 361 21.82 -15.40 42.87
CA LEU B 361 21.99 -14.11 43.52
C LEU B 361 20.85 -13.77 44.47
N CYS B 362 19.64 -14.21 44.19
CA CYS B 362 18.50 -13.94 45.06
C CYS B 362 17.34 -14.85 44.66
N GLY B 363 16.38 -14.94 45.57
CA GLY B 363 15.21 -15.76 45.33
C GLY B 363 15.57 -17.23 45.32
N GLY B 364 14.88 -17.97 44.47
CA GLY B 364 15.11 -19.38 44.31
C GLY B 364 14.19 -20.27 45.11
N ASP B 365 13.29 -19.71 45.90
CA ASP B 365 12.39 -20.50 46.71
C ASP B 365 10.99 -19.91 46.64
N VAL B 366 10.01 -20.68 47.12
CA VAL B 366 8.67 -20.14 47.29
C VAL B 366 8.66 -19.09 48.39
N LEU B 367 7.62 -18.26 48.37
CA LEU B 367 7.40 -17.32 49.47
C LEU B 367 6.54 -17.99 50.54
N LYS B 368 6.81 -17.64 51.80
CA LYS B 368 6.20 -18.32 52.94
C LYS B 368 5.66 -17.27 53.91
N GLY B 369 4.70 -17.69 54.72
CA GLY B 369 4.12 -16.86 55.77
C GLY B 369 2.66 -16.55 55.50
N GLU B 370 2.08 -15.82 56.46
CA GLU B 370 0.68 -15.47 56.36
C GLU B 370 0.44 -14.68 55.09
N GLY B 371 -0.55 -15.11 54.31
CA GLY B 371 -0.85 -14.50 53.04
C GLY B 371 -0.13 -15.08 51.86
N PHE B 372 0.82 -16.00 52.07
CA PHE B 372 1.55 -16.64 50.99
C PHE B 372 1.43 -18.16 50.97
N ASP B 373 1.21 -18.81 52.12
CA ASP B 373 1.24 -20.26 52.17
C ASP B 373 0.15 -20.87 51.29
N ASN B 374 -0.95 -20.15 51.08
CA ASN B 374 -2.04 -20.63 50.25
C ASN B 374 -1.97 -20.13 48.82
N GLY B 375 -0.93 -19.37 48.46
CA GLY B 375 -0.79 -18.92 47.09
C GLY B 375 0.39 -19.54 46.37
N ALA B 376 0.35 -19.51 45.04
CA ALA B 376 1.38 -20.16 44.23
C ALA B 376 2.56 -19.21 44.00
N TRP B 377 3.16 -18.77 45.11
CA TRP B 377 4.20 -17.76 45.06
C TRP B 377 5.58 -18.33 44.85
N VAL B 378 6.36 -17.65 44.01
CA VAL B 378 7.79 -17.90 43.82
C VAL B 378 8.51 -16.55 43.97
N ALA B 379 9.60 -16.54 44.72
CA ALA B 379 10.35 -15.30 44.92
C ALA B 379 10.98 -14.84 43.60
N PRO B 380 11.09 -13.52 43.39
CA PRO B 380 11.84 -13.02 42.22
C PRO B 380 13.27 -13.54 42.27
N THR B 381 13.69 -14.18 41.18
CA THR B 381 14.91 -14.96 41.17
C THR B 381 15.86 -14.48 40.08
N VAL B 382 17.14 -14.34 40.44
CA VAL B 382 18.18 -13.91 39.51
C VAL B 382 19.35 -14.86 39.63
N PHE B 383 19.78 -15.41 38.51
CA PHE B 383 21.00 -16.19 38.38
C PHE B 383 22.05 -15.39 37.64
N THR B 384 23.31 -15.59 38.00
CA THR B 384 24.40 -15.00 37.23
C THR B 384 25.46 -16.06 36.98
N ASP B 385 26.53 -15.64 36.29
CA ASP B 385 27.57 -16.56 35.83
C ASP B 385 26.97 -17.67 34.97
N CYS B 386 25.93 -17.32 34.21
CA CYS B 386 25.26 -18.29 33.37
C CYS B 386 26.03 -18.52 32.07
N THR B 387 25.81 -19.70 31.49
CA THR B 387 26.47 -20.09 30.25
C THR B 387 25.44 -20.66 29.29
N ASP B 388 25.80 -20.62 28.00
CA ASP B 388 24.82 -20.85 26.94
C ASP B 388 24.28 -22.28 26.93
N ASP B 389 24.95 -23.21 27.61
CA ASP B 389 24.53 -24.62 27.62
C ASP B 389 23.57 -24.95 28.77
N MET B 390 23.37 -24.04 29.72
CA MET B 390 22.52 -24.33 30.87
C MET B 390 21.05 -24.40 30.47
N THR B 391 20.32 -25.26 31.17
CA THR B 391 18.90 -25.44 30.89
C THR B 391 18.12 -24.16 31.11
N ILE B 392 18.43 -23.43 32.19
CA ILE B 392 17.70 -22.20 32.45
C ILE B 392 17.98 -21.15 31.38
N VAL B 393 19.10 -21.27 30.66
CA VAL B 393 19.41 -20.33 29.59
C VAL B 393 18.79 -20.78 28.28
N ARG B 394 18.65 -22.10 28.07
CA ARG B 394 18.18 -22.57 26.77
C ARG B 394 16.67 -22.68 26.67
N GLU B 395 15.95 -22.80 27.79
CA GLU B 395 14.53 -23.12 27.78
C GLU B 395 13.72 -22.01 28.44
N GLU B 396 12.53 -21.78 27.90
CA GLU B 396 11.61 -20.82 28.48
C GLU B 396 11.04 -21.35 29.79
N ILE B 397 11.11 -20.52 30.83
CA ILE B 397 10.69 -20.90 32.18
C ILE B 397 9.29 -20.42 32.49
N PHE B 398 8.92 -19.24 31.98
CA PHE B 398 7.60 -18.63 32.20
C PHE B 398 7.34 -18.40 33.68
N GLY B 399 8.38 -17.99 34.38
CA GLY B 399 8.30 -17.60 35.75
C GLY B 399 9.32 -16.49 35.96
N PRO B 400 9.42 -15.98 37.19
CA PRO B 400 10.29 -14.81 37.49
C PRO B 400 11.74 -15.20 37.74
N VAL B 401 12.43 -15.56 36.66
CA VAL B 401 13.81 -16.06 36.72
C VAL B 401 14.62 -15.37 35.63
N MET B 402 15.48 -14.44 36.02
CA MET B 402 16.40 -13.75 35.13
C MET B 402 17.75 -14.47 35.13
N SER B 403 18.30 -14.66 33.93
CA SER B 403 19.63 -15.21 33.74
C SER B 403 20.56 -14.13 33.21
N ILE B 404 21.66 -13.85 33.93
CA ILE B 404 22.62 -12.84 33.52
C ILE B 404 23.85 -13.53 32.92
N LEU B 405 24.23 -13.11 31.71
CA LEU B 405 25.33 -13.72 30.99
C LEU B 405 26.33 -12.63 30.61
N SER B 406 27.61 -12.89 30.84
CA SER B 406 28.67 -11.96 30.50
CA SER B 406 28.65 -11.94 30.49
C SER B 406 29.06 -12.12 29.03
N TYR B 407 29.52 -11.03 28.43
CA TYR B 407 30.07 -11.07 27.08
C TYR B 407 31.18 -10.02 26.94
N ASP B 408 31.99 -10.21 25.91
CA ASP B 408 33.17 -9.40 25.63
C ASP B 408 33.05 -8.48 24.42
N ASP B 409 32.44 -8.90 23.32
CA ASP B 409 32.40 -8.05 22.13
C ASP B 409 31.08 -8.21 21.38
N GLU B 410 30.84 -7.25 20.48
CA GLU B 410 29.54 -7.12 19.82
C GLU B 410 29.25 -8.29 18.88
N ALA B 411 30.25 -8.74 18.11
CA ALA B 411 30.01 -9.87 17.23
C ALA B 411 29.63 -11.09 18.04
N GLU B 412 30.29 -11.30 19.20
CA GLU B 412 30.01 -12.45 20.03
C GLU B 412 28.58 -12.43 20.55
N VAL B 413 28.14 -11.30 21.07
CA VAL B 413 26.83 -11.29 21.71
C VAL B 413 25.74 -11.44 20.67
N ILE B 414 25.95 -10.93 19.45
CA ILE B 414 24.98 -11.12 18.39
C ILE B 414 24.84 -12.59 18.06
N ARG B 415 25.97 -13.28 17.93
CA ARG B 415 25.94 -14.71 17.65
CA ARG B 415 25.94 -14.71 17.64
C ARG B 415 25.24 -15.48 18.76
N ARG B 416 25.54 -15.14 20.03
CA ARG B 416 24.95 -15.88 21.13
C ARG B 416 23.47 -15.55 21.30
N ALA B 417 23.10 -14.29 21.05
CA ALA B 417 21.69 -13.90 21.12
C ALA B 417 20.86 -14.67 20.12
N ASN B 418 21.42 -14.91 18.92
CA ASN B 418 20.72 -15.59 17.83
C ASN B 418 20.80 -17.10 17.87
N ALA B 419 21.68 -17.66 18.70
CA ALA B 419 21.95 -19.10 18.73
C ALA B 419 20.88 -19.76 19.60
N THR B 420 19.66 -19.78 19.06
CA THR B 420 18.49 -20.30 19.75
C THR B 420 17.44 -20.61 18.70
N GLU B 421 16.60 -21.61 19.02
CA GLU B 421 15.46 -21.94 18.19
C GLU B 421 14.31 -20.97 18.40
N TYR B 422 14.33 -20.22 19.50
CA TYR B 422 13.35 -19.19 19.77
C TYR B 422 13.67 -17.93 18.95
N GLY B 423 12.65 -17.11 18.74
CA GLY B 423 12.78 -15.91 17.94
C GLY B 423 11.76 -14.82 18.20
N LEU B 424 11.19 -14.73 19.40
CA LEU B 424 10.04 -13.84 19.56
C LEU B 424 10.48 -12.37 19.66
N ALA B 425 11.26 -12.02 20.68
CA ALA B 425 11.59 -10.64 20.93
C ALA B 425 13.08 -10.49 21.17
N ALA B 426 13.51 -9.22 21.23
CA ALA B 426 14.90 -8.88 21.53
C ALA B 426 14.97 -7.38 21.81
N GLY B 427 16.09 -6.97 22.39
CA GLY B 427 16.28 -5.55 22.67
C GLY B 427 17.74 -5.20 22.90
N VAL B 428 18.02 -3.91 22.78
CA VAL B 428 19.36 -3.37 22.99
C VAL B 428 19.24 -2.08 23.79
N VAL B 429 20.19 -1.88 24.71
CA VAL B 429 20.30 -0.66 25.49
C VAL B 429 21.61 -0.01 25.07
N THR B 430 21.53 1.17 24.42
CA THR B 430 22.67 1.93 23.95
C THR B 430 22.23 3.33 23.55
N PRO B 431 22.99 4.38 23.88
CA PRO B 431 22.66 5.73 23.40
C PRO B 431 23.20 6.04 22.01
N ASP B 432 23.94 5.11 21.42
CA ASP B 432 24.66 5.33 20.16
C ASP B 432 23.75 4.99 18.99
N LEU B 433 23.63 5.93 18.06
CA LEU B 433 22.78 5.76 16.89
C LEU B 433 23.17 4.53 16.09
N ASN B 434 24.45 4.42 15.70
CA ASN B 434 24.88 3.32 14.84
C ASN B 434 24.74 1.98 15.54
N ARG B 435 25.14 1.92 16.80
CA ARG B 435 25.11 0.64 17.50
C ARG B 435 23.69 0.14 17.63
N ALA B 436 22.74 1.03 17.93
CA ALA B 436 21.37 0.61 18.15
C ALA B 436 20.77 -0.04 16.90
N HIS B 437 20.81 0.67 15.76
CA HIS B 437 20.22 0.11 14.56
C HIS B 437 21.03 -1.06 14.02
N ARG B 438 22.35 -0.95 14.06
CA ARG B 438 23.22 -2.00 13.54
C ARG B 438 22.98 -3.32 14.24
N ILE B 439 22.96 -3.32 15.58
CA ILE B 439 22.75 -4.55 16.32
C ILE B 439 21.35 -5.09 16.07
N ILE B 440 20.33 -4.23 16.17
CA ILE B 440 18.96 -4.69 16.05
C ILE B 440 18.72 -5.32 14.69
N HIS B 441 19.33 -4.75 13.63
CA HIS B 441 19.11 -5.29 12.29
C HIS B 441 19.63 -6.72 12.15
N GLN B 442 20.61 -7.12 12.98
CA GLN B 442 21.18 -8.45 12.92
C GLN B 442 20.49 -9.46 13.83
N LEU B 443 19.56 -9.05 14.69
CA LEU B 443 18.93 -9.99 15.61
C LEU B 443 17.76 -10.69 14.94
N GLU B 444 17.65 -11.99 15.20
CA GLU B 444 16.63 -12.85 14.57
C GLU B 444 15.42 -12.96 15.48
N ALA B 445 14.64 -11.88 15.53
CA ALA B 445 13.44 -11.80 16.34
C ALA B 445 12.46 -10.85 15.69
N GLY B 446 11.17 -11.08 15.95
CA GLY B 446 10.15 -10.27 15.30
C GLY B 446 9.78 -8.96 15.98
N ILE B 447 10.08 -8.87 17.27
CA ILE B 447 9.71 -7.76 18.14
C ILE B 447 11.00 -7.23 18.78
N CYS B 448 11.43 -6.04 18.41
CA CYS B 448 12.70 -5.49 18.85
C CYS B 448 12.51 -4.13 19.50
N TRP B 449 13.09 -3.96 20.68
CA TRP B 449 12.95 -2.76 21.48
C TRP B 449 14.30 -2.11 21.68
N ILE B 450 14.38 -0.81 21.43
CA ILE B 450 15.61 -0.05 21.64
C ILE B 450 15.38 0.86 22.84
N ASN B 451 16.15 0.65 23.90
CA ASN B 451 16.09 1.47 25.12
C ASN B 451 14.70 1.44 25.76
N SER B 452 14.03 0.31 25.66
CA SER B 452 12.75 0.10 26.33
CA SER B 452 12.74 0.11 26.31
C SER B 452 12.46 -1.39 26.32
N TRP B 453 11.27 -1.75 26.80
CA TRP B 453 10.83 -3.14 26.72
C TRP B 453 9.33 -3.19 26.93
N GLY B 454 8.65 -4.07 26.17
CA GLY B 454 7.29 -4.47 26.48
C GLY B 454 6.17 -3.73 25.75
N GLU B 455 6.39 -2.52 25.27
CA GLU B 455 5.30 -1.77 24.67
C GLU B 455 4.90 -2.41 23.35
N SER B 456 3.60 -2.60 23.13
CA SER B 456 3.11 -3.34 21.96
C SER B 456 1.96 -2.56 21.31
N PRO B 457 2.27 -1.49 20.58
CA PRO B 457 1.20 -0.65 20.02
C PRO B 457 0.30 -1.42 19.08
N ALA B 458 -0.98 -1.04 19.05
CA ALA B 458 -1.93 -1.69 18.15
C ALA B 458 -1.48 -1.63 16.71
N GLU B 459 -0.70 -0.60 16.36
CA GLU B 459 -0.23 -0.43 14.99
C GLU B 459 0.91 -1.35 14.62
N MET B 460 1.55 -1.99 15.61
CA MET B 460 2.83 -2.66 15.41
C MET B 460 2.62 -4.17 15.28
N PRO B 461 2.88 -4.76 14.11
CA PRO B 461 2.78 -6.23 13.99
C PRO B 461 3.77 -6.90 14.92
N VAL B 462 3.31 -7.94 15.59
CA VAL B 462 4.13 -8.67 16.56
C VAL B 462 3.97 -10.18 16.35
N GLY B 463 5.08 -10.89 16.41
CA GLY B 463 5.07 -12.34 16.32
C GLY B 463 6.48 -12.83 16.18
N GLY B 464 6.62 -14.14 16.08
CA GLY B 464 7.91 -14.79 16.22
C GLY B 464 8.60 -15.27 14.95
N TYR B 465 9.93 -15.16 14.96
CA TYR B 465 10.78 -15.91 14.07
C TYR B 465 10.92 -17.37 14.53
N LYS B 466 11.30 -18.25 13.60
CA LYS B 466 11.72 -19.64 13.92
C LYS B 466 10.65 -20.34 14.75
N HIS B 467 10.99 -20.96 15.88
CA HIS B 467 10.02 -21.74 16.63
C HIS B 467 9.08 -20.91 17.47
N SER B 468 9.22 -19.59 17.49
CA SER B 468 8.37 -18.77 18.33
C SER B 468 7.06 -18.36 17.66
N GLY B 469 6.87 -18.62 16.36
CA GLY B 469 5.56 -18.33 15.83
C GLY B 469 5.44 -18.49 14.33
N ILE B 470 4.19 -18.41 13.90
CA ILE B 470 3.77 -18.34 12.50
C ILE B 470 2.83 -17.15 12.40
N GLY B 471 3.06 -16.28 11.42
CA GLY B 471 2.17 -15.14 11.26
C GLY B 471 2.41 -14.05 12.29
N ARG B 472 1.46 -13.10 12.32
CA ARG B 472 1.59 -11.91 13.16
C ARG B 472 0.23 -11.54 13.73
N GLU B 473 0.26 -10.73 14.78
CA GLU B 473 -0.92 -10.06 15.31
C GLU B 473 -0.66 -8.56 15.33
N ASN B 474 -1.76 -7.81 15.33
CA ASN B 474 -1.78 -6.34 15.33
C ASN B 474 -1.26 -5.80 14.01
N GLY B 475 -1.39 -4.49 13.81
CA GLY B 475 -1.06 -3.86 12.54
C GLY B 475 -2.09 -4.08 11.43
N VAL B 476 -1.93 -3.31 10.35
CA VAL B 476 -2.83 -3.43 9.20
CA VAL B 476 -2.83 -3.43 9.21
C VAL B 476 -2.74 -4.80 8.57
N MET B 477 -1.55 -5.41 8.59
CA MET B 477 -1.40 -6.70 7.92
C MET B 477 -2.25 -7.79 8.57
N THR B 478 -2.51 -7.68 9.88
CA THR B 478 -3.31 -8.73 10.52
C THR B 478 -4.78 -8.61 10.18
N LEU B 479 -5.29 -7.41 9.93
CA LEU B 479 -6.65 -7.32 9.37
C LEU B 479 -6.73 -8.04 8.03
N GLN B 480 -5.73 -7.84 7.16
CA GLN B 480 -5.73 -8.49 5.85
C GLN B 480 -5.56 -10.00 5.95
N SER B 481 -4.79 -10.48 6.92
CA SER B 481 -4.56 -11.92 7.08
C SER B 481 -5.79 -12.66 7.61
N TYR B 482 -6.83 -11.96 8.05
CA TYR B 482 -8.13 -12.58 8.35
C TYR B 482 -9.11 -12.48 7.18
N THR B 483 -8.65 -12.08 6.00
CA THR B 483 -9.40 -12.22 4.77
C THR B 483 -8.64 -13.16 3.84
N GLN B 484 -9.31 -13.60 2.78
CA GLN B 484 -8.67 -14.37 1.73
C GLN B 484 -8.90 -13.66 0.39
N VAL B 485 -7.89 -13.71 -0.47
CA VAL B 485 -7.95 -13.00 -1.75
C VAL B 485 -8.65 -13.86 -2.78
N LYS B 486 -9.61 -13.27 -3.48
CA LYS B 486 -10.20 -13.82 -4.68
C LYS B 486 -9.77 -12.95 -5.86
N SER B 487 -9.13 -13.56 -6.86
CA SER B 487 -8.76 -12.84 -8.07
C SER B 487 -9.77 -13.12 -9.15
N ILE B 488 -10.24 -12.06 -9.80
CA ILE B 488 -11.31 -12.13 -10.77
C ILE B 488 -10.82 -11.49 -12.07
N GLN B 489 -10.75 -12.27 -13.14
CA GLN B 489 -10.39 -11.75 -14.45
C GLN B 489 -11.64 -11.55 -15.29
N VAL B 490 -11.81 -10.34 -15.81
CA VAL B 490 -12.86 -10.00 -16.76
C VAL B 490 -12.21 -9.97 -18.15
N GLU B 491 -12.57 -10.95 -18.97
CA GLU B 491 -12.09 -11.02 -20.35
C GLU B 491 -13.19 -10.47 -21.26
N MET B 492 -12.94 -9.29 -21.83
CA MET B 492 -13.87 -8.64 -22.75
C MET B 492 -13.54 -8.88 -24.21
N GLY B 493 -12.41 -9.53 -24.50
CA GLY B 493 -12.02 -9.89 -25.84
C GLY B 493 -12.52 -11.28 -26.20
N PRO B 494 -12.42 -11.64 -27.47
CA PRO B 494 -12.89 -12.97 -27.89
C PRO B 494 -11.96 -14.07 -27.39
N PHE B 495 -12.54 -15.08 -26.76
CA PHE B 495 -11.74 -16.19 -26.24
C PHE B 495 -11.32 -17.10 -27.38
N GLN B 496 -10.05 -17.51 -27.36
CA GLN B 496 -9.46 -18.34 -28.39
C GLN B 496 -9.19 -19.72 -27.84
N SER B 497 -9.75 -20.73 -28.48
CA SER B 497 -9.47 -22.12 -28.16
C SER B 497 -8.48 -22.66 -29.20
N ILE B 498 -7.54 -23.50 -28.74
CA ILE B 498 -6.64 -24.20 -29.65
C ILE B 498 -7.26 -25.49 -30.18
N PHE B 499 -8.44 -25.86 -29.70
CA PHE B 499 -9.09 -27.08 -30.15
C PHE B 499 -10.17 -26.77 -31.18
N MET C 13 -31.57 36.76 12.95
CA MET C 13 -30.21 36.40 13.40
C MET C 13 -29.37 37.67 13.57
N ALA C 14 -28.52 37.71 14.59
CA ALA C 14 -27.73 38.94 14.87
C ALA C 14 -26.44 38.93 14.07
N GLU C 15 -25.75 40.07 14.01
CA GLU C 15 -24.51 40.15 13.21
C GLU C 15 -23.68 38.89 13.47
N GLN C 16 -23.65 37.98 12.51
CA GLN C 16 -22.85 36.75 12.64
C GLN C 16 -21.37 37.14 12.64
N GLN C 17 -20.62 36.63 13.61
CA GLN C 17 -19.21 37.04 13.75
C GLN C 17 -18.23 35.99 13.22
N LEU C 18 -16.93 36.30 13.23
CA LEU C 18 -15.92 35.32 12.88
C LEU C 18 -15.78 34.29 13.99
N TYR C 19 -15.25 33.10 13.65
CA TYR C 19 -14.92 32.07 14.63
C TYR C 19 -13.43 31.83 14.61
N ILE C 20 -12.73 32.29 15.65
CA ILE C 20 -11.28 32.18 15.75
C ILE C 20 -10.91 31.68 17.15
N HIS C 21 -10.10 30.62 17.20
CA HIS C 21 -9.54 30.09 18.45
C HIS C 21 -10.60 29.70 19.47
N GLY C 22 -11.59 28.93 19.02
CA GLY C 22 -12.57 28.36 19.91
C GLY C 22 -13.65 29.30 20.40
N LYS C 23 -13.80 30.47 19.77
CA LYS C 23 -14.84 31.40 20.19
C LYS C 23 -15.22 32.29 19.02
N PHE C 24 -16.43 32.83 19.07
CA PHE C 24 -16.83 33.86 18.15
C PHE C 24 -16.16 35.17 18.52
N VAL C 25 -15.68 35.90 17.53
CA VAL C 25 -14.96 37.15 17.75
C VAL C 25 -15.36 38.14 16.66
N ALA C 26 -15.44 39.42 17.03
CA ALA C 26 -15.80 40.45 16.07
C ALA C 26 -14.70 40.65 15.05
N ALA C 27 -15.08 40.82 13.79
CA ALA C 27 -14.14 41.19 12.75
C ALA C 27 -13.67 42.63 12.95
N THR C 28 -12.41 42.88 12.57
CA THR C 28 -11.85 44.23 12.59
C THR C 28 -11.83 44.87 11.21
N SER C 29 -12.48 44.24 10.23
CA SER C 29 -12.53 44.81 8.90
C SER C 29 -13.53 45.95 8.80
N GLY C 30 -14.55 45.96 9.64
CA GLY C 30 -15.61 46.95 9.50
C GLY C 30 -16.55 46.70 8.34
N LYS C 31 -16.51 45.52 7.73
CA LYS C 31 -17.31 45.22 6.55
C LYS C 31 -18.27 44.09 6.85
N THR C 32 -19.42 44.10 6.17
CA THR C 32 -20.42 43.07 6.37
C THR C 32 -21.07 42.74 5.03
N PHE C 33 -21.79 41.62 5.01
CA PHE C 33 -22.60 41.24 3.86
C PHE C 33 -23.85 40.53 4.36
N GLU C 34 -24.80 40.34 3.45
CA GLU C 34 -26.08 39.72 3.78
C GLU C 34 -26.26 38.42 3.02
N THR C 35 -26.88 37.43 3.67
CA THR C 35 -27.31 36.21 2.99
C THR C 35 -28.83 36.21 2.92
N ILE C 36 -29.35 35.89 1.74
CA ILE C 36 -30.77 35.99 1.44
C ILE C 36 -31.38 34.60 1.46
N ASN C 37 -32.62 34.51 1.94
CA ASN C 37 -33.39 33.27 1.79
C ASN C 37 -33.89 33.20 0.35
N PRO C 38 -33.39 32.27 -0.47
CA PRO C 38 -33.79 32.26 -1.89
C PRO C 38 -35.26 31.94 -2.11
N ALA C 39 -35.96 31.44 -1.10
CA ALA C 39 -37.38 31.12 -1.27
C ALA C 39 -38.29 32.32 -1.05
N THR C 40 -37.83 33.32 -0.31
CA THR C 40 -38.65 34.47 0.04
C THR C 40 -38.03 35.81 -0.31
N GLY C 41 -36.73 35.88 -0.54
CA GLY C 41 -36.06 37.15 -0.72
C GLY C 41 -35.68 37.87 0.56
N GLU C 42 -36.07 37.33 1.71
CA GLU C 42 -35.76 37.97 2.97
C GLU C 42 -34.28 37.83 3.31
N VAL C 43 -33.78 38.78 4.10
CA VAL C 43 -32.44 38.69 4.66
C VAL C 43 -32.46 37.67 5.79
N LEU C 44 -31.62 36.62 5.67
CA LEU C 44 -31.45 35.67 6.76
C LEU C 44 -30.60 36.24 7.88
N ALA C 45 -29.51 36.91 7.54
CA ALA C 45 -28.61 37.44 8.56
C ALA C 45 -27.62 38.39 7.92
N THR C 46 -27.12 39.31 8.73
CA THR C 46 -25.94 40.11 8.40
C THR C 46 -24.71 39.39 8.95
N VAL C 47 -23.66 39.33 8.14
CA VAL C 47 -22.48 38.53 8.43
C VAL C 47 -21.24 39.39 8.33
N GLN C 48 -20.37 39.28 9.34
CA GLN C 48 -19.11 40.01 9.33
C GLN C 48 -18.13 39.38 8.36
N ALA C 49 -17.32 40.21 7.71
CA ALA C 49 -16.36 39.81 6.70
C ALA C 49 -14.94 39.90 7.26
N ALA C 50 -14.16 38.83 7.11
CA ALA C 50 -12.82 38.82 7.67
C ALA C 50 -11.87 39.69 6.87
N GLY C 51 -11.16 40.59 7.57
CA GLY C 51 -10.20 41.45 6.95
C GLY C 51 -8.80 40.85 6.95
N ARG C 52 -7.85 41.63 6.43
CA ARG C 52 -6.49 41.13 6.29
C ARG C 52 -5.89 40.84 7.65
N GLU C 53 -6.15 41.71 8.63
CA GLU C 53 -5.68 41.49 9.99
C GLU C 53 -6.39 40.31 10.63
N ASP C 54 -7.67 40.12 10.31
CA ASP C 54 -8.41 38.97 10.84
C ASP C 54 -7.82 37.66 10.31
N VAL C 55 -7.45 37.62 9.03
CA VAL C 55 -6.84 36.41 8.47
C VAL C 55 -5.53 36.09 9.18
N ASP C 56 -4.71 37.10 9.43
CA ASP C 56 -3.45 36.86 10.12
C ASP C 56 -3.66 36.36 11.54
N ARG C 57 -4.64 36.91 12.27
CA ARG C 57 -4.97 36.39 13.58
C ARG C 57 -5.34 34.92 13.49
N ALA C 58 -6.21 34.59 12.54
CA ALA C 58 -6.68 33.22 12.37
C ALA C 58 -5.53 32.28 12.07
N VAL C 59 -4.54 32.74 11.30
CA VAL C 59 -3.40 31.88 10.98
C VAL C 59 -2.57 31.62 12.24
N LYS C 60 -2.29 32.66 13.03
CA LYS C 60 -1.48 32.47 14.24
C LYS C 60 -2.21 31.60 15.25
N SER C 61 -3.53 31.77 15.36
CA SER C 61 -4.33 30.86 16.16
C SER C 61 -4.21 29.43 15.66
N ALA C 62 -4.31 29.25 14.33
CA ALA C 62 -4.24 27.92 13.75
C ALA C 62 -2.87 27.28 13.97
N GLN C 63 -1.81 28.08 13.90
CA GLN C 63 -0.48 27.52 14.12
C GLN C 63 -0.34 26.96 15.53
N GLN C 64 -0.90 27.69 16.51
CA GLN C 64 -0.84 27.26 17.90
C GLN C 64 -1.70 26.03 18.14
N GLY C 65 -2.91 26.00 17.60
CA GLY C 65 -3.76 24.83 17.80
C GLY C 65 -3.22 23.59 17.12
N GLN C 66 -2.65 23.75 15.93
CA GLN C 66 -2.14 22.61 15.18
C GLN C 66 -1.04 21.88 15.96
N LYS C 67 -0.18 22.64 16.65
CA LYS C 67 0.91 22.01 17.40
C LYS C 67 0.35 21.13 18.52
N VAL C 68 -0.66 21.62 19.23
CA VAL C 68 -1.32 20.82 20.26
C VAL C 68 -1.96 19.58 19.62
N TRP C 69 -2.70 19.78 18.53
CA TRP C 69 -3.41 18.70 17.86
C TRP C 69 -2.45 17.64 17.35
N ALA C 70 -1.36 18.06 16.73
CA ALA C 70 -0.42 17.09 16.17
C ALA C 70 0.31 16.33 17.27
N ALA C 71 0.48 16.94 18.44
CA ALA C 71 1.20 16.27 19.50
C ALA C 71 0.39 15.17 20.16
N MET C 72 -0.92 15.21 20.05
CA MET C 72 -1.77 14.16 20.59
C MET C 72 -1.47 12.82 19.91
N SER C 73 -1.92 11.76 20.55
CA SER C 73 -1.85 10.45 19.90
C SER C 73 -2.84 10.39 18.73
N ALA C 74 -2.59 9.44 17.85
CA ALA C 74 -3.49 9.24 16.72
C ALA C 74 -4.90 8.91 17.20
N MET C 75 -5.03 8.02 18.20
CA MET C 75 -6.35 7.60 18.64
C MET C 75 -7.05 8.71 19.41
N ALA C 76 -6.29 9.56 20.11
CA ALA C 76 -6.91 10.73 20.73
C ALA C 76 -7.54 11.65 19.68
N ARG C 77 -6.84 11.87 18.57
CA ARG C 77 -7.43 12.64 17.47
C ARG C 77 -8.65 11.93 16.92
N SER C 78 -8.56 10.62 16.74
CA SER C 78 -9.69 9.85 16.22
CA SER C 78 -9.69 9.87 16.22
C SER C 78 -10.92 9.99 17.12
N ARG C 79 -10.73 9.95 18.44
CA ARG C 79 -11.89 10.02 19.34
C ARG C 79 -12.59 11.38 19.27
N ILE C 80 -11.82 12.45 19.11
CA ILE C 80 -12.42 13.77 19.05
C ILE C 80 -13.23 13.95 17.78
N LEU C 81 -12.70 13.52 16.64
CA LEU C 81 -13.49 13.60 15.41
C LEU C 81 -14.73 12.73 15.52
N ARG C 82 -14.62 11.57 16.18
CA ARG C 82 -15.79 10.71 16.35
CA ARG C 82 -15.80 10.71 16.33
C ARG C 82 -16.85 11.35 17.22
N LYS C 83 -16.45 12.15 18.21
CA LYS C 83 -17.44 12.88 19.00
C LYS C 83 -18.14 13.92 18.12
N ALA C 84 -17.40 14.60 17.24
CA ALA C 84 -18.05 15.53 16.32
C ALA C 84 -19.06 14.80 15.44
N VAL C 85 -18.71 13.59 14.97
CA VAL C 85 -19.65 12.80 14.20
C VAL C 85 -20.94 12.58 14.97
N ASP C 86 -20.82 12.16 16.24
CA ASP C 86 -22.01 11.86 17.04
C ASP C 86 -22.89 13.10 17.21
N ILE C 87 -22.28 14.25 17.42
CA ILE C 87 -23.03 15.49 17.53
C ILE C 87 -23.73 15.82 16.21
N LEU C 88 -23.05 15.60 15.08
CA LEU C 88 -23.66 15.88 13.78
C LEU C 88 -24.87 15.00 13.53
N ARG C 89 -24.78 13.72 13.93
CA ARG C 89 -25.92 12.83 13.78
C ARG C 89 -27.09 13.32 14.61
N GLU C 90 -26.81 13.75 15.84
CA GLU C 90 -27.85 14.21 16.75
C GLU C 90 -28.55 15.46 16.21
N ARG C 91 -27.78 16.39 15.63
CA ARG C 91 -28.28 17.67 15.20
C ARG C 91 -28.61 17.72 13.71
N ASN C 92 -28.74 16.55 13.08
CA ASN C 92 -28.97 16.49 11.64
C ASN C 92 -30.17 17.34 11.22
N ASP C 93 -31.31 17.14 11.87
CA ASP C 93 -32.52 17.83 11.43
C ASP C 93 -32.42 19.34 11.64
N GLU C 94 -31.87 19.78 12.76
CA GLU C 94 -31.67 21.22 12.98
C GLU C 94 -30.75 21.81 11.92
N LEU C 95 -29.62 21.16 11.65
CA LEU C 95 -28.67 21.67 10.66
C LEU C 95 -29.26 21.64 9.26
N ALA C 96 -30.03 20.59 8.95
CA ALA C 96 -30.65 20.48 7.63
C ALA C 96 -31.61 21.64 7.38
N ARG C 97 -32.38 22.01 8.39
CA ARG C 97 -33.35 23.10 8.25
C ARG C 97 -32.62 24.41 8.00
N LEU C 98 -31.53 24.67 8.71
CA LEU C 98 -30.74 25.87 8.46
C LEU C 98 -30.17 25.86 7.04
N GLU C 99 -29.69 24.70 6.59
CA GLU C 99 -29.14 24.60 5.24
C GLU C 99 -30.21 24.89 4.21
N THR C 100 -31.43 24.37 4.42
CA THR C 100 -32.54 24.64 3.53
C THR C 100 -32.83 26.13 3.46
N LEU C 101 -32.83 26.80 4.61
CA LEU C 101 -33.08 28.25 4.63
C LEU C 101 -32.00 29.00 3.85
N ASP C 102 -30.75 28.57 3.97
CA ASP C 102 -29.65 29.31 3.37
C ASP C 102 -29.47 29.01 1.88
N THR C 103 -29.73 27.76 1.45
CA THR C 103 -29.45 27.33 0.08
C THR C 103 -30.68 27.24 -0.81
N GLY C 104 -31.85 27.09 -0.22
CA GLY C 104 -33.05 26.81 -0.98
C GLY C 104 -33.26 25.36 -1.35
N LYS C 105 -32.38 24.48 -0.92
CA LYS C 105 -32.59 23.06 -1.24
C LYS C 105 -33.68 22.47 -0.35
N PRO C 106 -34.51 21.58 -0.89
CA PRO C 106 -35.59 21.02 -0.07
C PRO C 106 -35.07 20.28 1.14
N LEU C 107 -35.81 20.38 2.23
CA LEU C 107 -35.48 19.63 3.42
C LEU C 107 -35.42 18.14 3.13
N SER C 108 -36.24 17.66 2.19
CA SER C 108 -36.19 16.26 1.79
C SER C 108 -34.79 15.87 1.32
N GLU C 109 -34.03 16.83 0.77
CA GLU C 109 -32.62 16.59 0.43
C GLU C 109 -31.69 16.84 1.61
N THR C 110 -31.77 18.03 2.22
CA THR C 110 -30.76 18.42 3.20
C THR C 110 -30.78 17.52 4.42
N ALA C 111 -31.96 17.05 4.81
CA ALA C 111 -32.06 16.19 5.98
C ALA C 111 -31.61 14.76 5.71
N ALA C 112 -31.52 14.36 4.44
CA ALA C 112 -31.14 13.00 4.08
C ALA C 112 -29.74 12.91 3.50
N VAL C 113 -29.15 14.02 3.02
CA VAL C 113 -27.91 13.95 2.27
C VAL C 113 -26.82 14.84 2.85
N ASP C 114 -27.11 16.13 3.04
CA ASP C 114 -26.05 17.10 3.24
C ASP C 114 -25.21 16.78 4.47
N ILE C 115 -25.86 16.64 5.63
CA ILE C 115 -25.11 16.37 6.85
C ILE C 115 -24.77 14.88 6.98
N VAL C 116 -25.63 14.00 6.50
CA VAL C 116 -25.37 12.57 6.59
C VAL C 116 -24.08 12.20 5.86
N THR C 117 -23.94 12.65 4.60
CA THR C 117 -22.74 12.28 3.85
C THR C 117 -21.53 13.11 4.27
N GLY C 118 -21.73 14.33 4.75
CA GLY C 118 -20.63 15.05 5.36
C GLY C 118 -20.09 14.32 6.57
N ALA C 119 -21.00 13.93 7.47
CA ALA C 119 -20.57 13.19 8.65
C ALA C 119 -19.99 11.83 8.28
N ASP C 120 -20.52 11.18 7.23
CA ASP C 120 -19.95 9.90 6.82
C ASP C 120 -18.47 10.02 6.52
N VAL C 121 -18.07 11.12 5.87
CA VAL C 121 -16.67 11.30 5.51
C VAL C 121 -15.84 11.59 6.74
N LEU C 122 -16.35 12.42 7.65
CA LEU C 122 -15.62 12.68 8.89
C LEU C 122 -15.44 11.40 9.69
N GLU C 123 -16.49 10.58 9.74
CA GLU C 123 -16.43 9.31 10.46
C GLU C 123 -15.39 8.40 9.84
N TYR C 124 -15.35 8.34 8.52
CA TYR C 124 -14.38 7.53 7.78
C TYR C 124 -12.95 7.94 8.11
N TYR C 125 -12.64 9.23 7.99
CA TYR C 125 -11.26 9.64 8.24
C TYR C 125 -10.88 9.52 9.70
N ALA C 126 -11.83 9.71 10.62
CA ALA C 126 -11.54 9.53 12.04
C ALA C 126 -10.96 8.15 12.30
N GLY C 127 -11.48 7.13 11.63
CA GLY C 127 -11.00 5.79 11.84
C GLY C 127 -9.68 5.45 11.18
N LEU C 128 -9.30 6.20 10.15
CA LEU C 128 -8.07 5.94 9.42
C LEU C 128 -6.84 6.61 10.02
N ILE C 129 -7.00 7.54 10.96
CA ILE C 129 -5.83 8.25 11.48
C ILE C 129 -4.76 7.29 11.95
N PRO C 130 -5.05 6.22 12.69
CA PRO C 130 -3.97 5.34 13.16
C PRO C 130 -3.25 4.58 12.06
N ALA C 131 -3.86 4.43 10.88
CA ALA C 131 -3.26 3.73 9.76
C ALA C 131 -2.38 4.61 8.90
N LEU C 132 -2.26 5.89 9.21
CA LEU C 132 -1.38 6.77 8.45
C LEU C 132 0.07 6.42 8.78
N GLU C 133 0.79 5.85 7.80
CA GLU C 133 2.14 5.33 8.04
C GLU C 133 3.10 5.86 6.97
N GLY C 134 4.35 6.01 7.36
CA GLY C 134 5.43 6.19 6.43
C GLY C 134 5.96 4.84 6.00
N SER C 135 7.16 4.88 5.42
CA SER C 135 7.79 3.72 4.81
CA SER C 135 7.79 3.71 4.82
C SER C 135 9.21 3.60 5.35
N GLN C 136 9.83 2.47 5.10
CA GLN C 136 11.22 2.21 5.44
C GLN C 136 11.84 1.48 4.28
N ILE C 137 13.05 1.87 3.91
CA ILE C 137 13.69 1.39 2.69
C ILE C 137 15.12 1.02 3.02
N PRO C 138 15.51 -0.26 2.99
CA PRO C 138 16.91 -0.61 3.18
C PRO C 138 17.70 -0.22 1.92
N LEU C 139 18.85 0.37 2.13
CA LEU C 139 19.77 0.66 1.03
C LEU C 139 20.92 -0.33 1.00
N ARG C 140 21.47 -0.61 2.18
CA ARG C 140 22.62 -1.47 2.37
C ARG C 140 22.71 -1.72 3.87
N ASP C 141 23.61 -2.63 4.27
CA ASP C 141 23.73 -2.95 5.69
C ASP C 141 24.02 -1.71 6.53
N SER C 142 24.75 -0.75 5.97
CA SER C 142 25.18 0.41 6.74
C SER C 142 24.30 1.64 6.55
N SER C 143 23.17 1.54 5.85
CA SER C 143 22.32 2.71 5.69
C SER C 143 20.89 2.33 5.34
N PHE C 144 19.93 3.09 5.87
CA PHE C 144 18.54 2.89 5.50
C PHE C 144 17.86 4.25 5.48
N VAL C 145 16.68 4.25 4.85
CA VAL C 145 15.82 5.41 4.74
C VAL C 145 14.51 5.09 5.43
N TYR C 146 13.93 6.07 6.11
CA TYR C 146 12.54 5.98 6.52
C TYR C 146 11.88 7.30 6.21
N THR C 147 10.57 7.26 6.01
CA THR C 147 9.81 8.46 5.69
C THR C 147 8.79 8.73 6.77
N ARG C 148 8.50 10.01 6.97
CA ARG C 148 7.39 10.48 7.80
C ARG C 148 6.37 11.22 6.95
N ARG C 149 5.11 10.97 7.24
CA ARG C 149 4.00 11.70 6.63
CA ARG C 149 4.00 11.70 6.63
C ARG C 149 3.61 12.79 7.62
N GLU C 150 4.22 13.97 7.45
CA GLU C 150 4.04 15.05 8.40
C GLU C 150 2.88 15.96 7.99
N PRO C 151 2.23 16.57 8.95
CA PRO C 151 1.22 17.58 8.62
C PRO C 151 1.80 18.69 7.78
N LEU C 152 0.96 19.22 6.90
CA LEU C 152 1.31 20.42 6.16
C LEU C 152 1.40 21.62 7.09
N GLY C 153 0.62 21.61 8.18
CA GLY C 153 0.59 22.72 9.11
C GLY C 153 -0.76 23.40 9.13
N VAL C 154 -0.83 24.63 8.62
CA VAL C 154 -2.08 25.34 8.46
C VAL C 154 -2.51 25.30 7.00
N VAL C 155 -3.72 24.82 6.75
CA VAL C 155 -4.25 24.74 5.40
C VAL C 155 -5.53 25.58 5.35
N ALA C 156 -5.94 25.96 4.15
CA ALA C 156 -7.16 26.73 3.96
C ALA C 156 -8.09 26.01 2.99
N GLY C 157 -9.35 25.97 3.35
CA GLY C 157 -10.41 25.47 2.49
C GLY C 157 -11.36 26.59 2.13
N ILE C 158 -11.76 26.64 0.87
CA ILE C 158 -12.69 27.64 0.36
C ILE C 158 -13.90 26.92 -0.19
N GLY C 159 -15.07 27.14 0.42
CA GLY C 159 -16.26 26.39 0.09
C GLY C 159 -17.11 27.02 -1.01
N ALA C 160 -18.02 26.21 -1.55
CA ALA C 160 -19.02 26.65 -2.51
C ALA C 160 -20.39 26.62 -1.84
N TRP C 161 -21.37 27.18 -2.54
CA TRP C 161 -22.66 27.39 -1.93
C TRP C 161 -23.68 26.28 -2.16
N ASN C 162 -23.41 25.31 -3.02
CA ASN C 162 -24.46 24.34 -3.28
C ASN C 162 -24.57 23.27 -2.18
N TYR C 163 -23.46 22.86 -1.57
CA TYR C 163 -23.46 21.91 -0.46
C TYR C 163 -22.58 22.48 0.65
N PRO C 164 -23.03 23.52 1.34
CA PRO C 164 -22.11 24.26 2.22
C PRO C 164 -21.50 23.41 3.33
N ILE C 165 -22.32 22.73 4.12
CA ILE C 165 -21.74 22.02 5.26
C ILE C 165 -21.10 20.71 4.80
N GLN C 166 -21.64 20.08 3.75
CA GLN C 166 -20.99 18.88 3.22
C GLN C 166 -19.58 19.20 2.74
N ILE C 167 -19.44 20.28 1.98
CA ILE C 167 -18.12 20.67 1.50
C ILE C 167 -17.19 21.02 2.65
N ALA C 168 -17.70 21.74 3.65
CA ALA C 168 -16.86 22.04 4.81
C ALA C 168 -16.37 20.74 5.49
N LEU C 169 -17.22 19.73 5.55
CA LEU C 169 -16.79 18.47 6.16
C LEU C 169 -15.83 17.69 5.27
N TRP C 170 -16.08 17.68 3.95
CA TRP C 170 -15.20 16.93 3.06
C TRP C 170 -13.81 17.53 3.00
N LYS C 171 -13.67 18.84 3.24
CA LYS C 171 -12.34 19.44 3.28
C LYS C 171 -11.70 19.31 4.66
N SER C 172 -12.46 19.63 5.71
CA SER C 172 -11.87 19.65 7.05
C SER C 172 -11.61 18.27 7.60
N ALA C 173 -12.42 17.27 7.24
CA ALA C 173 -12.20 15.93 7.81
C ALA C 173 -10.83 15.37 7.47
N PRO C 174 -10.40 15.27 6.21
CA PRO C 174 -9.04 14.75 5.96
C PRO C 174 -7.96 15.70 6.43
N ALA C 175 -8.20 17.02 6.36
CA ALA C 175 -7.19 17.96 6.81
C ALA C 175 -6.89 17.78 8.31
N LEU C 176 -7.94 17.72 9.13
CA LEU C 176 -7.79 17.51 10.57
C LEU C 176 -7.27 16.11 10.87
N ALA C 177 -7.78 15.10 10.16
CA ALA C 177 -7.34 13.74 10.42
C ALA C 177 -5.85 13.59 10.17
N ALA C 178 -5.29 14.38 9.23
CA ALA C 178 -3.88 14.34 8.88
C ALA C 178 -2.99 15.16 9.81
N GLY C 179 -3.57 15.81 10.81
CA GLY C 179 -2.82 16.56 11.79
C GLY C 179 -2.73 18.05 11.54
N ASN C 180 -3.45 18.58 10.56
CA ASN C 180 -3.42 20.00 10.27
C ASN C 180 -4.51 20.76 11.01
N ALA C 181 -4.35 22.08 11.05
CA ALA C 181 -5.44 23.00 11.31
C ALA C 181 -5.92 23.56 9.98
N MET C 182 -7.22 23.80 9.87
CA MET C 182 -7.80 24.37 8.67
C MET C 182 -8.50 25.67 9.01
N ILE C 183 -8.26 26.69 8.19
CA ILE C 183 -9.05 27.91 8.16
C ILE C 183 -10.02 27.77 6.99
N PHE C 184 -11.32 27.79 7.28
CA PHE C 184 -12.34 27.57 6.26
C PHE C 184 -13.08 28.88 5.96
N LYS C 185 -13.19 29.21 4.67
CA LYS C 185 -14.00 30.34 4.23
C LYS C 185 -15.24 29.82 3.52
N PRO C 186 -16.42 29.93 4.11
CA PRO C 186 -17.61 29.51 3.37
C PRO C 186 -17.90 30.50 2.26
N SER C 187 -18.71 30.05 1.31
CA SER C 187 -19.23 30.96 0.28
C SER C 187 -20.03 32.08 0.92
N GLU C 188 -19.90 33.30 0.36
CA GLU C 188 -20.71 34.42 0.85
C GLU C 188 -22.20 34.19 0.65
N VAL C 189 -22.59 33.35 -0.30
CA VAL C 189 -24.01 33.05 -0.49
C VAL C 189 -24.58 32.25 0.67
N THR C 190 -23.78 31.35 1.26
CA THR C 190 -24.26 30.36 2.22
C THR C 190 -23.24 30.21 3.36
N PRO C 191 -23.12 31.22 4.23
CA PRO C 191 -22.10 31.17 5.27
C PRO C 191 -22.49 30.54 6.61
N LEU C 192 -23.76 30.20 6.83
CA LEU C 192 -24.25 29.98 8.19
C LEU C 192 -23.87 28.61 8.76
N THR C 193 -24.00 27.52 7.98
CA THR C 193 -23.77 26.19 8.57
C THR C 193 -22.31 25.97 8.92
N ALA C 194 -21.39 26.65 8.24
CA ALA C 194 -19.97 26.53 8.57
C ALA C 194 -19.68 27.05 9.97
N LEU C 195 -20.38 28.11 10.38
CA LEU C 195 -20.18 28.64 11.73
C LEU C 195 -20.70 27.67 12.79
N LYS C 196 -21.83 27.01 12.53
CA LYS C 196 -22.33 25.98 13.45
C LYS C 196 -21.37 24.80 13.55
N LEU C 197 -20.77 24.41 12.42
CA LEU C 197 -19.84 23.30 12.43
C LEU C 197 -18.64 23.62 13.32
N ALA C 198 -18.19 24.88 13.29
CA ALA C 198 -17.06 25.29 14.12
C ALA C 198 -17.34 25.11 15.61
N GLU C 199 -18.56 25.44 16.04
CA GLU C 199 -18.95 25.21 17.44
C GLU C 199 -19.01 23.73 17.75
N ILE C 200 -19.52 22.93 16.80
CA ILE C 200 -19.65 21.49 17.02
C ILE C 200 -18.28 20.86 17.22
N TYR C 201 -17.31 21.24 16.38
CA TYR C 201 -15.96 20.67 16.52
C TYR C 201 -15.39 20.95 17.91
N ARG C 202 -15.43 22.19 18.38
CA ARG C 202 -14.89 22.48 19.69
C ARG C 202 -15.65 21.74 20.77
N GLU C 203 -16.99 21.72 20.65
CA GLU C 203 -17.79 20.96 21.61
C GLU C 203 -17.31 19.52 21.66
N ALA C 204 -16.81 18.99 20.54
CA ALA C 204 -16.28 17.64 20.51
C ALA C 204 -14.91 17.54 21.16
N GLY C 205 -14.27 18.66 21.46
CA GLY C 205 -12.95 18.62 22.06
C GLY C 205 -11.84 19.02 21.12
N LEU C 206 -12.15 19.51 19.93
CA LEU C 206 -11.10 19.94 19.03
C LEU C 206 -10.37 21.12 19.67
N PRO C 207 -9.04 21.08 19.72
CA PRO C 207 -8.30 22.19 20.34
C PRO C 207 -8.57 23.52 19.66
N ASP C 208 -8.50 24.59 20.46
CA ASP C 208 -8.69 25.94 19.95
C ASP C 208 -7.71 26.23 18.82
N GLY C 209 -8.22 26.80 17.73
CA GLY C 209 -7.43 27.16 16.59
C GLY C 209 -7.39 26.13 15.47
N VAL C 210 -7.77 24.89 15.75
CA VAL C 210 -7.63 23.85 14.73
C VAL C 210 -8.67 24.00 13.60
N PHE C 211 -9.87 24.52 13.89
CA PHE C 211 -10.85 24.82 12.83
C PHE C 211 -11.42 26.22 13.08
N ASN C 212 -10.91 27.19 12.32
CA ASN C 212 -11.40 28.57 12.33
C ASN C 212 -12.23 28.81 11.07
N VAL C 213 -13.28 29.63 11.21
CA VAL C 213 -14.17 29.91 10.10
C VAL C 213 -14.22 31.42 9.90
N LEU C 214 -13.92 31.85 8.68
CA LEU C 214 -13.85 33.27 8.31
C LEU C 214 -14.80 33.53 7.15
N PRO C 215 -16.04 33.95 7.44
CA PRO C 215 -16.92 34.40 6.34
C PRO C 215 -16.30 35.60 5.62
N GLY C 216 -16.73 35.79 4.39
CA GLY C 216 -16.22 36.90 3.60
C GLY C 216 -16.49 36.68 2.12
N ILE C 217 -15.97 37.62 1.31
CA ILE C 217 -16.12 37.57 -0.14
C ILE C 217 -14.82 37.11 -0.78
N GLY C 218 -14.94 36.53 -1.98
CA GLY C 218 -13.77 35.96 -2.64
C GLY C 218 -12.71 36.99 -2.97
N ALA C 219 -13.14 38.19 -3.40
CA ALA C 219 -12.18 39.20 -3.81
C ALA C 219 -11.31 39.70 -2.66
N GLU C 220 -11.80 39.63 -1.42
CA GLU C 220 -11.03 40.11 -0.28
C GLU C 220 -10.63 38.97 0.65
N THR C 221 -11.59 38.35 1.34
CA THR C 221 -11.22 37.35 2.34
C THR C 221 -10.59 36.14 1.70
N GLY C 222 -11.18 35.64 0.62
CA GLY C 222 -10.58 34.52 -0.08
C GLY C 222 -9.17 34.82 -0.55
N GLN C 223 -8.96 36.02 -1.10
CA GLN C 223 -7.63 36.40 -1.57
C GLN C 223 -6.64 36.54 -0.43
N TYR C 224 -7.06 37.05 0.72
CA TYR C 224 -6.13 37.18 1.84
C TYR C 224 -5.61 35.82 2.28
N LEU C 225 -6.48 34.79 2.20
CA LEU C 225 -6.06 33.43 2.53
C LEU C 225 -5.10 32.88 1.48
N THR C 226 -5.41 33.09 0.20
CA THR C 226 -4.56 32.53 -0.84
C THR C 226 -3.19 33.19 -0.86
N GLU C 227 -3.08 34.41 -0.34
CA GLU C 227 -1.82 35.14 -0.33
C GLU C 227 -0.99 34.93 0.92
N HIS C 228 -1.57 34.40 1.99
CA HIS C 228 -0.85 34.40 3.26
C HIS C 228 0.40 33.53 3.19
N PRO C 229 1.55 34.02 3.64
CA PRO C 229 2.79 33.23 3.49
C PRO C 229 2.86 31.98 4.33
N ASP C 230 2.04 31.85 5.38
CA ASP C 230 2.17 30.73 6.31
C ASP C 230 1.07 29.68 6.16
N ILE C 231 0.29 29.76 5.09
CA ILE C 231 -0.68 28.74 4.76
C ILE C 231 -0.05 27.83 3.72
N ALA C 232 -0.03 26.54 4.00
CA ALA C 232 0.75 25.60 3.20
C ALA C 232 -0.05 24.98 2.05
N LYS C 233 -1.37 25.05 2.10
CA LYS C 233 -2.19 24.42 1.08
C LYS C 233 -3.54 25.12 1.01
N ILE C 234 -4.08 25.22 -0.19
CA ILE C 234 -5.42 25.73 -0.46
C ILE C 234 -6.22 24.62 -1.11
N SER C 235 -7.41 24.36 -0.59
CA SER C 235 -8.36 23.47 -1.25
C SER C 235 -9.61 24.28 -1.62
N PHE C 236 -9.96 24.29 -2.91
CA PHE C 236 -11.00 25.14 -3.45
C PHE C 236 -12.03 24.30 -4.21
N THR C 237 -13.30 24.61 -3.95
CA THR C 237 -14.43 24.06 -4.69
C THR C 237 -15.22 25.23 -5.22
N GLY C 238 -15.55 25.20 -6.52
CA GLY C 238 -16.25 26.31 -7.13
C GLY C 238 -16.24 26.20 -8.65
N GLY C 239 -16.38 27.34 -9.31
CA GLY C 239 -16.41 27.36 -10.76
C GLY C 239 -15.04 27.25 -11.40
N VAL C 240 -15.05 26.86 -12.68
CA VAL C 240 -13.80 26.65 -13.41
C VAL C 240 -12.98 27.94 -13.47
N ALA C 241 -13.64 29.06 -13.79
CA ALA C 241 -12.92 30.33 -13.92
C ALA C 241 -12.36 30.78 -12.59
N SER C 242 -13.20 30.81 -11.55
CA SER C 242 -12.73 31.22 -10.23
C SER C 242 -11.58 30.33 -9.76
N GLY C 243 -11.63 29.04 -10.09
CA GLY C 243 -10.54 28.16 -9.71
C GLY C 243 -9.21 28.57 -10.31
N LYS C 244 -9.22 28.91 -11.60
CA LYS C 244 -7.98 29.34 -12.25
C LYS C 244 -7.41 30.58 -11.55
N LYS C 245 -8.27 31.53 -11.18
CA LYS C 245 -7.80 32.70 -10.45
C LYS C 245 -7.20 32.31 -9.11
N VAL C 246 -7.88 31.43 -8.37
CA VAL C 246 -7.40 31.03 -7.04
C VAL C 246 -6.05 30.31 -7.16
N MET C 247 -5.95 29.36 -8.09
CA MET C 247 -4.73 28.58 -8.18
C MET C 247 -3.54 29.46 -8.57
N ALA C 248 -3.78 30.48 -9.40
CA ALA C 248 -2.73 31.42 -9.79
C ALA C 248 -2.24 32.25 -8.60
N ASN C 249 -3.15 32.85 -7.83
CA ASN C 249 -2.73 33.68 -6.70
C ASN C 249 -2.01 32.84 -5.64
N SER C 250 -2.48 31.60 -5.40
CA SER C 250 -1.82 30.73 -4.44
C SER C 250 -0.40 30.43 -4.86
N ALA C 251 -0.15 30.34 -6.17
CA ALA C 251 1.19 30.08 -6.66
C ALA C 251 2.07 31.31 -6.57
N ALA C 252 1.56 32.46 -7.05
CA ALA C 252 2.35 33.69 -7.09
C ALA C 252 2.76 34.17 -5.69
N SER C 253 1.95 33.86 -4.67
CA SER C 253 2.22 34.37 -3.33
C SER C 253 3.28 33.55 -2.60
N SER C 254 2.98 32.27 -2.32
CA SER C 254 3.89 31.46 -1.50
C SER C 254 4.02 30.02 -1.97
N LEU C 255 3.69 29.72 -3.21
CA LEU C 255 3.87 28.38 -3.78
C LEU C 255 3.15 27.32 -2.95
N LYS C 256 1.85 27.50 -2.78
CA LYS C 256 1.07 26.59 -1.97
C LYS C 256 0.74 25.32 -2.74
N GLU C 257 0.64 24.20 -2.01
CA GLU C 257 -0.01 23.02 -2.55
C GLU C 257 -1.48 23.35 -2.82
N VAL C 258 -2.09 22.65 -3.79
CA VAL C 258 -3.43 23.01 -4.26
C VAL C 258 -4.28 21.76 -4.49
N THR C 259 -5.55 21.89 -4.17
CA THR C 259 -6.61 20.97 -4.58
C THR C 259 -7.75 21.81 -5.15
N MET C 260 -8.32 21.36 -6.27
CA MET C 260 -9.41 22.07 -6.94
C MET C 260 -10.47 21.09 -7.39
N GLU C 261 -11.70 21.33 -6.95
CA GLU C 261 -12.88 20.58 -7.35
C GLU C 261 -13.77 21.58 -8.06
N LEU C 262 -13.78 21.56 -9.40
CA LEU C 262 -14.44 22.58 -10.19
C LEU C 262 -15.68 21.97 -10.88
N GLY C 263 -16.25 22.71 -11.81
CA GLY C 263 -17.46 22.24 -12.47
C GLY C 263 -17.17 21.23 -13.58
N GLY C 264 -18.25 20.85 -14.26
CA GLY C 264 -18.15 19.91 -15.36
C GLY C 264 -19.27 20.08 -16.38
N LYS C 265 -19.16 19.30 -17.45
CA LYS C 265 -20.24 19.12 -18.42
C LYS C 265 -20.34 17.62 -18.69
N SER C 266 -20.73 16.87 -17.69
CA SER C 266 -20.52 15.44 -17.70
C SER C 266 -21.50 14.72 -18.64
N PRO C 267 -21.03 13.74 -19.41
CA PRO C 267 -21.94 13.02 -20.31
C PRO C 267 -22.57 11.78 -19.69
N LEU C 268 -23.85 11.58 -19.97
CA LEU C 268 -24.56 10.35 -19.66
C LEU C 268 -24.83 9.64 -20.98
N ILE C 269 -24.20 8.49 -21.19
CA ILE C 269 -24.32 7.75 -22.43
C ILE C 269 -25.33 6.64 -22.24
N ILE C 270 -26.42 6.70 -23.00
CA ILE C 270 -27.43 5.65 -23.02
C ILE C 270 -27.12 4.71 -24.17
N ALA C 271 -26.85 3.46 -23.83
CA ALA C 271 -26.47 2.49 -24.84
C ALA C 271 -27.70 1.98 -25.60
N GLU C 272 -27.44 1.40 -26.77
CA GLU C 272 -28.52 0.93 -27.62
C GLU C 272 -29.30 -0.21 -26.99
N ASP C 273 -28.72 -0.92 -26.01
CA ASP C 273 -29.39 -2.00 -25.32
C ASP C 273 -29.93 -1.59 -23.97
N ALA C 274 -29.99 -0.30 -23.68
CA ALA C 274 -30.44 0.16 -22.37
C ALA C 274 -31.96 0.09 -22.26
N ASN C 275 -32.43 -0.26 -21.06
CA ASN C 275 -33.83 -0.09 -20.71
C ASN C 275 -34.11 1.40 -20.53
N LEU C 276 -35.07 1.92 -21.29
CA LEU C 276 -35.26 3.37 -21.34
C LEU C 276 -35.97 3.94 -20.12
N ASP C 277 -36.69 3.12 -19.35
CA ASP C 277 -37.21 3.58 -18.06
C ASP C 277 -36.07 3.84 -17.08
N LEU C 278 -35.11 2.90 -17.01
CA LEU C 278 -33.94 3.09 -16.15
C LEU C 278 -33.11 4.30 -16.62
N ALA C 279 -32.86 4.39 -17.93
CA ALA C 279 -32.07 5.51 -18.45
C ALA C 279 -32.72 6.86 -18.16
N ALA C 280 -34.05 6.94 -18.32
CA ALA C 280 -34.74 8.19 -18.01
C ALA C 280 -34.67 8.52 -16.52
N ASP C 281 -34.81 7.50 -15.67
CA ASP C 281 -34.66 7.69 -14.23
C ASP C 281 -33.26 8.19 -13.86
N ILE C 282 -32.23 7.59 -14.46
CA ILE C 282 -30.86 8.04 -14.19
C ILE C 282 -30.68 9.47 -14.71
N ALA C 283 -31.18 9.75 -15.91
CA ALA C 283 -31.07 11.10 -16.47
C ALA C 283 -31.77 12.12 -15.58
N MET C 284 -32.92 11.77 -15.02
CA MET C 284 -33.61 12.67 -14.10
C MET C 284 -32.75 12.98 -12.88
N MET C 285 -32.23 11.94 -12.22
CA MET C 285 -31.43 12.16 -11.02
C MET C 285 -30.12 12.85 -11.34
N ALA C 286 -29.61 12.71 -12.57
CA ALA C 286 -28.37 13.36 -12.95
C ALA C 286 -28.55 14.82 -13.34
N ASN C 287 -29.80 15.32 -13.39
CA ASN C 287 -30.03 16.68 -13.85
C ASN C 287 -30.82 17.57 -12.92
N PHE C 288 -31.76 17.02 -12.14
CA PHE C 288 -32.71 17.85 -11.42
C PHE C 288 -32.61 17.76 -9.90
N TYR C 289 -31.67 16.97 -9.38
CA TYR C 289 -31.41 17.01 -7.94
C TYR C 289 -30.77 18.34 -7.58
N SER C 290 -31.13 18.87 -6.42
CA SER C 290 -30.65 20.17 -5.98
C SER C 290 -30.90 21.24 -7.03
N SER C 291 -32.03 21.10 -7.73
CA SER C 291 -32.43 22.05 -8.78
C SER C 291 -31.33 22.22 -9.82
N GLY C 292 -30.58 21.16 -10.08
CA GLY C 292 -29.53 21.20 -11.09
C GLY C 292 -28.22 21.82 -10.65
N GLN C 293 -28.05 22.12 -9.37
CA GLN C 293 -26.85 22.81 -8.89
C GLN C 293 -25.85 21.82 -8.31
N VAL C 294 -25.37 20.93 -9.16
CA VAL C 294 -24.43 19.87 -8.78
C VAL C 294 -23.34 19.78 -9.84
N CYS C 295 -22.08 19.86 -9.40
CA CYS C 295 -20.96 19.92 -10.34
C CYS C 295 -20.88 18.68 -11.21
N THR C 296 -21.29 17.53 -10.67
CA THR C 296 -21.19 16.23 -11.31
C THR C 296 -22.39 15.89 -12.20
N ASN C 297 -23.32 16.83 -12.42
CA ASN C 297 -24.55 16.49 -13.12
C ASN C 297 -24.28 16.04 -14.55
N GLY C 298 -25.04 15.05 -14.99
CA GLY C 298 -24.94 14.52 -16.35
C GLY C 298 -25.79 15.32 -17.32
N THR C 299 -25.32 16.52 -17.65
CA THR C 299 -26.09 17.51 -18.36
C THR C 299 -26.04 17.36 -19.89
N ARG C 300 -25.23 16.46 -20.41
CA ARG C 300 -25.25 16.06 -21.80
C ARG C 300 -25.71 14.60 -21.85
N VAL C 301 -26.95 14.37 -22.26
CA VAL C 301 -27.52 13.03 -22.30
C VAL C 301 -27.50 12.56 -23.74
N PHE C 302 -26.65 11.58 -24.02
CA PHE C 302 -26.51 11.02 -25.35
C PHE C 302 -27.46 9.83 -25.49
N VAL C 303 -28.37 9.89 -26.46
CA VAL C 303 -29.35 8.84 -26.68
C VAL C 303 -29.29 8.35 -28.11
N PRO C 304 -29.39 7.04 -28.36
CA PRO C 304 -29.39 6.57 -29.76
C PRO C 304 -30.53 7.19 -30.55
N ALA C 305 -30.25 7.51 -31.81
CA ALA C 305 -31.26 8.11 -32.66
C ALA C 305 -32.54 7.30 -32.67
N LYS C 306 -32.43 5.97 -32.75
CA LYS C 306 -33.63 5.13 -32.84
C LYS C 306 -34.49 5.18 -31.59
N PHE C 307 -33.93 5.59 -30.44
CA PHE C 307 -34.68 5.64 -29.18
C PHE C 307 -35.03 7.04 -28.75
N LYS C 308 -34.60 8.07 -29.51
CA LYS C 308 -34.67 9.43 -29.00
C LYS C 308 -36.10 9.86 -28.73
N ALA C 309 -36.99 9.64 -29.68
CA ALA C 309 -38.38 10.07 -29.52
C ALA C 309 -39.03 9.40 -28.32
N GLU C 310 -38.84 8.09 -28.17
CA GLU C 310 -39.40 7.40 -27.01
C GLU C 310 -38.78 7.92 -25.71
N PHE C 311 -37.47 8.18 -25.71
CA PHE C 311 -36.82 8.72 -24.51
C PHE C 311 -37.37 10.09 -24.15
N GLU C 312 -37.55 10.96 -25.14
CA GLU C 312 -38.10 12.29 -24.86
C GLU C 312 -39.46 12.20 -24.18
N HIS C 313 -40.32 11.26 -24.61
CA HIS C 313 -41.61 11.12 -23.96
C HIS C 313 -41.44 10.66 -22.52
N LYS C 314 -40.52 9.72 -22.27
CA LYS C 314 -40.31 9.26 -20.90
C LYS C 314 -39.75 10.37 -20.02
N ILE C 315 -38.93 11.26 -20.57
CA ILE C 315 -38.46 12.39 -19.78
C ILE C 315 -39.63 13.33 -19.45
N LEU C 316 -40.48 13.64 -20.43
CA LEU C 316 -41.61 14.54 -20.17
C LEU C 316 -42.52 13.98 -19.08
N GLU C 317 -42.77 12.68 -19.14
CA GLU C 317 -43.57 12.02 -18.12
C GLU C 317 -43.02 12.28 -16.72
N ARG C 318 -41.71 12.08 -16.55
CA ARG C 318 -41.08 12.23 -15.24
C ARG C 318 -40.93 13.68 -14.83
N VAL C 319 -40.66 14.59 -15.77
CA VAL C 319 -40.58 16.00 -15.44
C VAL C 319 -41.90 16.47 -14.87
N GLY C 320 -43.01 15.95 -15.39
CA GLY C 320 -44.32 16.28 -14.87
C GLY C 320 -44.56 15.87 -13.44
N ARG C 321 -43.79 14.89 -12.95
CA ARG C 321 -43.93 14.42 -11.57
C ARG C 321 -43.14 15.25 -10.58
N ILE C 322 -42.30 16.18 -11.05
CA ILE C 322 -41.51 17.00 -10.13
C ILE C 322 -42.43 17.86 -9.30
N ARG C 323 -42.16 17.92 -7.99
CA ARG C 323 -43.02 18.61 -7.02
C ARG C 323 -42.25 19.77 -6.40
N ALA C 324 -42.44 20.95 -6.96
CA ALA C 324 -41.97 22.19 -6.36
C ALA C 324 -43.00 22.71 -5.35
N GLY C 325 -42.49 23.38 -4.32
CA GLY C 325 -43.36 24.00 -3.32
C GLY C 325 -42.59 24.26 -2.03
N ASP C 326 -43.35 24.29 -0.94
CA ASP C 326 -42.80 24.51 0.39
C ASP C 326 -41.59 23.63 0.63
N LEU C 327 -40.43 24.25 0.88
CA LEU C 327 -39.20 23.48 1.00
C LEU C 327 -39.20 22.60 2.25
N PHE C 328 -40.09 22.87 3.21
CA PHE C 328 -40.20 22.07 4.43
C PHE C 328 -41.31 21.02 4.35
N ALA C 329 -42.05 20.98 3.25
CA ALA C 329 -43.05 19.95 3.06
C ALA C 329 -42.38 18.63 2.69
N ASP C 330 -43.00 17.54 3.15
CA ASP C 330 -42.42 16.22 2.95
C ASP C 330 -42.29 15.86 1.48
N ASP C 331 -43.29 16.21 0.67
CA ASP C 331 -43.34 15.79 -0.72
C ASP C 331 -42.60 16.71 -1.69
N THR C 332 -42.13 17.87 -1.23
CA THR C 332 -41.35 18.75 -2.10
C THR C 332 -39.99 18.15 -2.41
N ASN C 333 -39.65 18.07 -3.69
CA ASN C 333 -38.38 17.53 -4.14
C ASN C 333 -37.68 18.43 -5.17
N PHE C 334 -38.08 19.70 -5.25
CA PHE C 334 -37.45 20.65 -6.18
C PHE C 334 -37.50 22.02 -5.51
N GLY C 335 -36.39 22.74 -5.56
CA GLY C 335 -36.30 24.03 -4.91
C GLY C 335 -35.99 25.17 -5.84
N PRO C 336 -35.94 26.39 -5.30
CA PRO C 336 -35.47 27.53 -6.08
C PRO C 336 -33.97 27.42 -6.25
N LEU C 337 -33.43 28.23 -7.14
CA LEU C 337 -31.98 28.35 -7.22
C LEU C 337 -31.47 29.13 -6.02
N VAL C 338 -30.15 29.03 -5.79
CA VAL C 338 -29.58 29.52 -4.55
C VAL C 338 -29.72 31.03 -4.41
N SER C 339 -29.89 31.75 -5.51
CA SER C 339 -29.92 33.21 -5.43
C SER C 339 -30.58 33.75 -6.68
N PHE C 340 -31.00 35.00 -6.60
CA PHE C 340 -31.65 35.61 -7.74
C PHE C 340 -30.66 35.94 -8.85
N PRO C 341 -29.47 36.45 -8.54
CA PRO C 341 -28.48 36.65 -9.61
C PRO C 341 -28.14 35.36 -10.35
N HIS C 342 -28.10 34.23 -9.65
CA HIS C 342 -27.82 32.97 -10.30
C HIS C 342 -28.97 32.56 -11.21
N ARG C 343 -30.21 32.79 -10.78
CA ARG C 343 -31.33 32.53 -11.68
C ARG C 343 -31.16 33.33 -12.96
N GLN C 344 -30.68 34.57 -12.86
CA GLN C 344 -30.52 35.39 -14.06
C GLN C 344 -29.53 34.74 -15.02
N ASN C 345 -28.40 34.22 -14.50
CA ASN C 345 -27.46 33.56 -15.38
C ASN C 345 -28.06 32.32 -16.03
N VAL C 346 -28.78 31.52 -15.25
CA VAL C 346 -29.40 30.31 -15.79
C VAL C 346 -30.39 30.67 -16.89
N LEU C 347 -31.15 31.76 -16.71
CA LEU C 347 -32.10 32.19 -17.71
C LEU C 347 -31.41 32.63 -18.99
N ARG C 348 -30.26 33.29 -18.87
CA ARG C 348 -29.51 33.68 -20.06
C ARG C 348 -29.09 32.45 -20.85
N TYR C 349 -28.70 31.38 -20.16
CA TYR C 349 -28.36 30.15 -20.88
C TYR C 349 -29.58 29.60 -21.60
N ILE C 350 -30.74 29.62 -20.95
CA ILE C 350 -31.95 29.09 -21.57
C ILE C 350 -32.27 29.89 -22.83
N GLU C 351 -32.17 31.22 -22.75
CA GLU C 351 -32.42 32.04 -23.93
C GLU C 351 -31.41 31.76 -25.02
N SER C 352 -30.17 31.48 -24.63
CA SER C 352 -29.16 31.10 -25.61
C SER C 352 -29.57 29.84 -26.36
N GLY C 353 -30.09 28.85 -25.63
CA GLY C 353 -30.55 27.62 -26.27
C GLY C 353 -31.64 27.88 -27.29
N LYS C 354 -32.61 28.72 -26.94
CA LYS C 354 -33.68 29.06 -27.88
C LYS C 354 -33.13 29.77 -29.11
N SER C 355 -32.19 30.70 -28.92
CA SER C 355 -31.72 31.52 -30.03
C SER C 355 -30.84 30.72 -31.01
N GLU C 356 -30.19 29.66 -30.53
CA GLU C 356 -29.35 28.81 -31.37
C GLU C 356 -30.13 27.65 -31.99
N GLY C 357 -31.42 27.55 -31.72
CA GLY C 357 -32.26 26.59 -32.40
C GLY C 357 -32.47 25.27 -31.69
N ALA C 358 -32.00 25.13 -30.46
CA ALA C 358 -32.34 23.94 -29.70
C ALA C 358 -33.85 23.94 -29.42
N ARG C 359 -34.43 22.74 -29.41
CA ARG C 359 -35.87 22.59 -29.22
C ARG C 359 -36.18 22.48 -27.74
N LEU C 360 -37.03 23.37 -27.24
CA LEU C 360 -37.45 23.35 -25.85
C LEU C 360 -38.50 22.26 -25.71
N LEU C 361 -38.16 21.22 -24.93
CA LEU C 361 -39.10 20.13 -24.70
C LEU C 361 -40.05 20.43 -23.57
N CYS C 362 -39.59 21.14 -22.54
CA CYS C 362 -40.44 21.53 -21.42
C CYS C 362 -39.67 22.55 -20.60
N GLY C 363 -40.39 23.24 -19.71
CA GLY C 363 -39.79 24.25 -18.86
C GLY C 363 -39.36 25.46 -19.66
N GLY C 364 -38.25 26.08 -19.21
CA GLY C 364 -37.70 27.23 -19.89
C GLY C 364 -38.09 28.58 -19.32
N ASP C 365 -38.91 28.61 -18.28
CA ASP C 365 -39.39 29.87 -17.71
C ASP C 365 -39.31 29.80 -16.19
N VAL C 366 -39.44 30.97 -15.55
CA VAL C 366 -39.58 31.00 -14.10
C VAL C 366 -40.95 30.45 -13.71
N LEU C 367 -41.06 30.06 -12.44
CA LEU C 367 -42.35 29.65 -11.90
C LEU C 367 -43.08 30.86 -11.33
N LYS C 368 -44.40 30.85 -11.47
CA LYS C 368 -45.23 31.97 -11.07
C LYS C 368 -46.38 31.47 -10.21
N GLY C 369 -46.95 32.37 -9.43
CA GLY C 369 -48.10 32.07 -8.61
C GLY C 369 -47.76 32.16 -7.12
N GLU C 370 -48.78 31.86 -6.31
CA GLU C 370 -48.63 31.92 -4.87
C GLU C 370 -47.52 30.96 -4.42
N GLY C 371 -46.57 31.49 -3.65
CA GLY C 371 -45.47 30.69 -3.16
C GLY C 371 -44.26 30.63 -4.05
N PHE C 372 -44.32 31.17 -5.26
CA PHE C 372 -43.20 31.17 -6.18
C PHE C 372 -42.74 32.55 -6.59
N ASP C 373 -43.60 33.57 -6.55
CA ASP C 373 -43.24 34.88 -7.08
C ASP C 373 -42.09 35.50 -6.31
N ASN C 374 -41.90 35.13 -5.05
CA ASN C 374 -40.84 35.70 -4.23
C ASN C 374 -39.58 34.85 -4.16
N GLY C 375 -39.55 33.70 -4.85
CA GLY C 375 -38.38 32.84 -4.86
C GLY C 375 -37.68 32.78 -6.20
N ALA C 376 -36.42 32.34 -6.20
CA ALA C 376 -35.61 32.33 -7.42
C ALA C 376 -35.83 31.04 -8.20
N TRP C 377 -37.10 30.81 -8.57
CA TRP C 377 -37.48 29.53 -9.16
C TRP C 377 -37.23 29.52 -10.66
N VAL C 378 -36.71 28.38 -11.14
CA VAL C 378 -36.62 28.09 -12.55
C VAL C 378 -37.28 26.73 -12.80
N ALA C 379 -38.11 26.67 -13.82
CA ALA C 379 -38.79 25.42 -14.12
C ALA C 379 -37.79 24.38 -14.61
N PRO C 380 -38.01 23.10 -14.28
CA PRO C 380 -37.20 22.03 -14.88
C PRO C 380 -37.27 22.12 -16.39
N THR C 381 -36.11 22.21 -17.02
CA THR C 381 -36.00 22.56 -18.43
C THR C 381 -35.22 21.48 -19.15
N VAL C 382 -35.73 21.07 -20.32
CA VAL C 382 -35.09 20.08 -21.15
C VAL C 382 -35.06 20.62 -22.57
N PHE C 383 -33.86 20.65 -23.16
CA PHE C 383 -33.67 20.94 -24.57
C PHE C 383 -33.34 19.63 -25.26
N THR C 384 -33.83 19.47 -26.49
CA THR C 384 -33.48 18.32 -27.30
C THR C 384 -33.09 18.81 -28.70
N ASP C 385 -32.76 17.86 -29.58
CA ASP C 385 -32.17 18.16 -30.89
C ASP C 385 -30.88 18.96 -30.76
N CYS C 386 -30.14 18.72 -29.67
CA CYS C 386 -28.94 19.50 -29.37
C CYS C 386 -27.73 18.97 -30.13
N THR C 387 -26.76 19.86 -30.33
CA THR C 387 -25.54 19.58 -31.05
C THR C 387 -24.33 20.12 -30.28
N ASP C 388 -23.17 19.57 -30.63
CA ASP C 388 -21.97 19.75 -29.81
C ASP C 388 -21.46 21.18 -29.76
N ASP C 389 -21.86 22.05 -30.70
CA ASP C 389 -21.36 23.42 -30.77
C ASP C 389 -22.24 24.42 -30.03
N MET C 390 -23.38 24.00 -29.52
CA MET C 390 -24.30 24.92 -28.87
C MET C 390 -23.73 25.41 -27.54
N THR C 391 -24.06 26.65 -27.19
CA THR C 391 -23.56 27.19 -25.92
C THR C 391 -24.07 26.38 -24.73
N ILE C 392 -25.36 25.99 -24.74
CA ILE C 392 -25.87 25.22 -23.62
C ILE C 392 -25.21 23.85 -23.56
N VAL C 393 -24.66 23.36 -24.66
CA VAL C 393 -24.00 22.07 -24.63
C VAL C 393 -22.54 22.18 -24.24
N ARG C 394 -21.90 23.31 -24.54
CA ARG C 394 -20.48 23.44 -24.31
C ARG C 394 -20.15 23.93 -22.91
N GLU C 395 -21.07 24.64 -22.26
CA GLU C 395 -20.78 25.36 -21.04
C GLU C 395 -21.66 24.86 -19.90
N GLU C 396 -21.08 24.85 -18.70
CA GLU C 396 -21.80 24.47 -17.50
C GLU C 396 -22.81 25.55 -17.13
N ILE C 397 -24.05 25.13 -16.92
CA ILE C 397 -25.15 26.04 -16.61
C ILE C 397 -25.38 26.11 -15.10
N PHE C 398 -25.17 24.99 -14.40
CA PHE C 398 -25.38 24.93 -12.96
C PHE C 398 -26.81 25.30 -12.62
N GLY C 399 -27.73 24.82 -13.46
CA GLY C 399 -29.15 24.96 -13.23
C GLY C 399 -29.87 23.73 -13.76
N PRO C 400 -31.19 23.74 -13.62
CA PRO C 400 -31.96 22.56 -14.03
C PRO C 400 -32.23 22.52 -15.53
N VAL C 401 -31.19 22.27 -16.31
CA VAL C 401 -31.27 22.33 -17.77
C VAL C 401 -30.59 21.09 -18.35
N MET C 402 -31.39 20.15 -18.83
CA MET C 402 -30.88 18.94 -19.48
C MET C 402 -30.78 19.18 -20.98
N SER C 403 -29.68 18.73 -21.58
CA SER C 403 -29.49 18.73 -23.03
C SER C 403 -29.44 17.31 -23.56
N ILE C 404 -30.32 16.99 -24.52
CA ILE C 404 -30.41 15.66 -25.11
C ILE C 404 -29.78 15.70 -26.49
N LEU C 405 -28.85 14.77 -26.74
CA LEU C 405 -28.11 14.73 -27.98
C LEU C 405 -28.23 13.35 -28.61
N SER C 406 -28.65 13.32 -29.87
CA SER C 406 -28.75 12.06 -30.60
CA SER C 406 -28.74 12.06 -30.59
C SER C 406 -27.37 11.62 -31.07
N TYR C 407 -27.19 10.29 -31.16
CA TYR C 407 -25.95 9.73 -31.66
C TYR C 407 -26.28 8.43 -32.39
N ASP C 408 -25.34 7.97 -33.20
CA ASP C 408 -25.53 6.80 -34.06
C ASP C 408 -24.70 5.59 -33.64
N ASP C 409 -23.44 5.76 -33.25
CA ASP C 409 -22.58 4.61 -32.96
C ASP C 409 -21.68 4.87 -31.76
N GLU C 410 -21.10 3.77 -31.25
CA GLU C 410 -20.37 3.81 -29.99
C GLU C 410 -19.07 4.60 -30.10
N ALA C 411 -18.33 4.41 -31.18
CA ALA C 411 -17.10 5.16 -31.35
C ALA C 411 -17.38 6.66 -31.40
N GLU C 412 -18.45 7.05 -32.08
CA GLU C 412 -18.83 8.46 -32.18
C GLU C 412 -19.14 9.06 -30.83
N VAL C 413 -19.96 8.36 -30.03
CA VAL C 413 -20.40 8.94 -28.77
C VAL C 413 -19.24 9.06 -27.79
N ILE C 414 -18.27 8.16 -27.87
CA ILE C 414 -17.10 8.31 -27.01
C ILE C 414 -16.32 9.56 -27.39
N ARG C 415 -16.13 9.80 -28.69
CA ARG C 415 -15.41 10.98 -29.14
CA ARG C 415 -15.40 10.98 -29.12
C ARG C 415 -16.09 12.26 -28.68
N ARG C 416 -17.42 12.31 -28.82
CA ARG C 416 -18.18 13.51 -28.48
C ARG C 416 -18.27 13.69 -26.98
N ALA C 417 -18.38 12.60 -26.21
CA ALA C 417 -18.39 12.71 -24.77
C ALA C 417 -17.08 13.32 -24.26
N ASN C 418 -15.96 12.94 -24.90
CA ASN C 418 -14.64 13.37 -24.48
C ASN C 418 -14.23 14.72 -25.06
N ALA C 419 -14.93 15.25 -26.07
CA ALA C 419 -14.48 16.46 -26.76
C ALA C 419 -14.92 17.70 -25.99
N THR C 420 -14.24 17.91 -24.86
CA THR C 420 -14.58 19.01 -23.96
C THR C 420 -13.37 19.27 -23.08
N GLU C 421 -13.27 20.50 -22.58
CA GLU C 421 -12.24 20.84 -21.60
C GLU C 421 -12.60 20.36 -20.20
N TYR C 422 -13.87 20.06 -19.95
CA TYR C 422 -14.32 19.53 -18.68
C TYR C 422 -14.00 18.06 -18.59
N GLY C 423 -13.94 17.56 -17.35
CA GLY C 423 -13.57 16.19 -17.12
C GLY C 423 -14.06 15.62 -15.79
N LEU C 424 -15.15 16.10 -15.23
CA LEU C 424 -15.47 15.74 -13.85
C LEU C 424 -16.06 14.33 -13.74
N ALA C 425 -17.23 14.11 -14.35
CA ALA C 425 -17.94 12.86 -14.21
C ALA C 425 -18.41 12.32 -15.55
N ALA C 426 -18.96 11.11 -15.53
CA ALA C 426 -19.50 10.48 -16.73
C ALA C 426 -20.26 9.24 -16.30
N GLY C 427 -21.12 8.74 -17.19
CA GLY C 427 -21.82 7.51 -16.88
C GLY C 427 -22.34 6.81 -18.11
N VAL C 428 -22.62 5.52 -17.97
CA VAL C 428 -23.13 4.72 -19.05
C VAL C 428 -24.26 3.86 -18.51
N VAL C 429 -25.29 3.69 -19.32
CA VAL C 429 -26.42 2.83 -19.03
C VAL C 429 -26.39 1.68 -20.04
N THR C 430 -26.15 0.47 -19.53
CA THR C 430 -26.11 -0.71 -20.38
C THR C 430 -26.11 -1.96 -19.51
N PRO C 431 -26.87 -2.99 -19.89
CA PRO C 431 -26.80 -4.26 -19.14
C PRO C 431 -25.64 -5.14 -19.57
N ASP C 432 -24.87 -4.73 -20.57
CA ASP C 432 -23.85 -5.59 -21.18
C ASP C 432 -22.52 -5.45 -20.44
N LEU C 433 -21.96 -6.59 -20.02
CA LEU C 433 -20.69 -6.60 -19.30
C LEU C 433 -19.58 -5.89 -20.09
N ASN C 434 -19.35 -6.33 -21.32
CA ASN C 434 -18.24 -5.81 -22.10
C ASN C 434 -18.44 -4.32 -22.39
N ARG C 435 -19.65 -3.93 -22.77
CA ARG C 435 -19.91 -2.55 -23.16
C ARG C 435 -19.72 -1.58 -22.01
N ALA C 436 -20.17 -1.96 -20.81
CA ALA C 436 -20.08 -1.06 -19.66
C ALA C 436 -18.64 -0.72 -19.33
N HIS C 437 -17.80 -1.74 -19.16
CA HIS C 437 -16.41 -1.48 -18.82
C HIS C 437 -15.67 -0.88 -20.01
N ARG C 438 -15.93 -1.41 -21.21
CA ARG C 438 -15.23 -0.95 -22.41
C ARG C 438 -15.44 0.55 -22.64
N ILE C 439 -16.68 1.01 -22.52
CA ILE C 439 -16.95 2.42 -22.72
C ILE C 439 -16.34 3.24 -21.59
N ILE C 440 -16.55 2.81 -20.35
CA ILE C 440 -16.13 3.61 -19.20
C ILE C 440 -14.62 3.78 -19.23
N HIS C 441 -13.89 2.75 -19.64
CA HIS C 441 -12.43 2.85 -19.63
C HIS C 441 -11.91 3.90 -20.61
N GLN C 442 -12.68 4.24 -21.63
CA GLN C 442 -12.25 5.23 -22.62
C GLN C 442 -12.71 6.65 -22.31
N LEU C 443 -13.55 6.86 -21.30
CA LEU C 443 -14.04 8.21 -21.02
C LEU C 443 -13.04 8.98 -20.17
N GLU C 444 -12.86 10.26 -20.49
CA GLU C 444 -11.87 11.11 -19.81
C GLU C 444 -12.54 11.89 -18.69
N ALA C 445 -12.81 11.17 -17.60
CA ALA C 445 -13.46 11.73 -16.42
C ALA C 445 -13.00 10.97 -15.19
N GLY C 446 -13.00 11.64 -14.04
CA GLY C 446 -12.53 11.04 -12.81
C GLY C 446 -13.55 10.26 -12.01
N ILE C 447 -14.84 10.52 -12.26
CA ILE C 447 -15.97 9.96 -11.52
C ILE C 447 -16.90 9.30 -12.54
N CYS C 448 -16.98 7.97 -12.53
CA CYS C 448 -17.72 7.25 -13.55
C CYS C 448 -18.74 6.29 -12.94
N TRP C 449 -19.98 6.39 -13.41
CA TRP C 449 -21.08 5.61 -12.87
C TRP C 449 -21.64 4.69 -13.93
N ILE C 450 -21.81 3.42 -13.58
CA ILE C 450 -22.42 2.43 -14.44
C ILE C 450 -23.80 2.09 -13.87
N ASN C 451 -24.82 2.40 -14.65
CA ASN C 451 -26.22 2.12 -14.33
C ASN C 451 -26.67 2.80 -13.04
N SER C 452 -26.20 4.02 -12.82
CA SER C 452 -26.58 4.81 -11.65
CA SER C 452 -26.55 4.80 -11.64
C SER C 452 -26.04 6.22 -11.86
N TRP C 453 -26.23 7.07 -10.85
CA TRP C 453 -25.62 8.40 -10.88
C TRP C 453 -25.58 8.96 -9.47
N GLY C 454 -24.51 9.69 -9.14
CA GLY C 454 -24.50 10.58 -8.01
C GLY C 454 -23.92 10.03 -6.72
N GLU C 455 -23.85 8.71 -6.54
CA GLU C 455 -23.39 8.19 -5.26
C GLU C 455 -21.87 8.41 -5.13
N SER C 456 -21.46 8.95 -3.98
CA SER C 456 -20.07 9.35 -3.74
C SER C 456 -19.61 8.83 -2.38
N PRO C 457 -19.33 7.53 -2.29
CA PRO C 457 -18.94 6.94 -0.99
C PRO C 457 -17.68 7.58 -0.42
N ALA C 458 -17.59 7.60 0.91
CA ALA C 458 -16.43 8.16 1.59
C ALA C 458 -15.14 7.51 1.11
N GLU C 459 -15.21 6.23 0.73
CA GLU C 459 -14.05 5.46 0.29
C GLU C 459 -13.58 5.80 -1.12
N MET C 460 -14.39 6.51 -1.91
CA MET C 460 -14.17 6.64 -3.34
C MET C 460 -13.56 7.99 -3.68
N PRO C 461 -12.32 8.05 -4.16
CA PRO C 461 -11.74 9.34 -4.56
C PRO C 461 -12.52 9.98 -5.71
N VAL C 462 -12.74 11.27 -5.59
CA VAL C 462 -13.50 12.03 -6.59
C VAL C 462 -12.81 13.33 -6.92
N GLY C 463 -12.77 13.64 -8.22
CA GLY C 463 -12.19 14.87 -8.71
C GLY C 463 -12.14 14.82 -10.22
N GLY C 464 -11.65 15.91 -10.79
CA GLY C 464 -11.76 16.14 -12.21
C GLY C 464 -10.48 15.92 -13.01
N TYR C 465 -10.67 15.46 -14.25
CA TYR C 465 -9.69 15.55 -15.31
C TYR C 465 -9.71 16.94 -15.94
N LYS C 466 -8.63 17.28 -16.65
CA LYS C 466 -8.53 18.47 -17.51
C LYS C 466 -8.93 19.71 -16.69
N HIS C 467 -9.84 20.55 -17.18
CA HIS C 467 -10.12 21.82 -16.50
C HIS C 467 -11.05 21.64 -15.32
N SER C 468 -11.52 20.43 -15.03
CA SER C 468 -12.47 20.22 -13.95
C SER C 468 -11.80 20.02 -12.59
N GLY C 469 -10.47 19.90 -12.51
CA GLY C 469 -9.90 19.86 -11.17
C GLY C 469 -8.42 19.57 -11.12
N ILE C 470 -7.89 19.72 -9.90
CA ILE C 470 -6.55 19.31 -9.50
C ILE C 470 -6.72 18.49 -8.23
N GLY C 471 -6.12 17.31 -8.20
CA GLY C 471 -6.19 16.49 -6.99
C GLY C 471 -7.54 15.82 -6.81
N ARG C 472 -7.72 15.24 -5.62
CA ARG C 472 -8.91 14.46 -5.32
C ARG C 472 -9.39 14.76 -3.91
N GLU C 473 -10.64 14.41 -3.66
CA GLU C 473 -11.18 14.36 -2.31
C GLU C 473 -11.75 12.97 -2.03
N ASN C 474 -11.79 12.65 -0.74
CA ASN C 474 -12.28 11.36 -0.24
C ASN C 474 -11.33 10.24 -0.59
N GLY C 475 -11.57 9.05 -0.03
CA GLY C 475 -10.67 7.92 -0.20
C GLY C 475 -9.43 8.06 0.67
N VAL C 476 -8.68 6.97 0.72
CA VAL C 476 -7.45 6.97 1.53
CA VAL C 476 -7.45 6.97 1.53
C VAL C 476 -6.46 7.98 0.96
N MET C 477 -6.41 8.11 -0.36
CA MET C 477 -5.42 9.00 -0.95
C MET C 477 -5.56 10.44 -0.48
N THR C 478 -6.77 10.89 -0.15
CA THR C 478 -6.91 12.29 0.27
C THR C 478 -6.38 12.53 1.67
N LEU C 479 -6.43 11.54 2.56
CA LEU C 479 -5.73 11.66 3.83
C LEU C 479 -4.22 11.82 3.60
N GLN C 480 -3.66 11.04 2.70
CA GLN C 480 -2.23 11.16 2.46
C GLN C 480 -1.89 12.50 1.81
N SER C 481 -2.78 13.04 0.98
CA SER C 481 -2.47 14.29 0.29
C SER C 481 -2.56 15.52 1.19
N TYR C 482 -3.09 15.38 2.40
CA TYR C 482 -3.00 16.44 3.40
C TYR C 482 -1.81 16.24 4.34
N THR C 483 -0.90 15.32 4.01
CA THR C 483 0.41 15.27 4.63
C THR C 483 1.46 15.58 3.58
N GLN C 484 2.67 15.86 4.05
CA GLN C 484 3.81 16.01 3.18
C GLN C 484 4.88 15.02 3.63
N VAL C 485 5.57 14.44 2.66
CA VAL C 485 6.55 13.39 2.91
C VAL C 485 7.88 14.02 3.25
N LYS C 486 8.48 13.55 4.35
CA LYS C 486 9.86 13.84 4.70
C LYS C 486 10.63 12.53 4.61
N SER C 487 11.68 12.51 3.78
CA SER C 487 12.56 11.36 3.67
C SER C 487 13.80 11.58 4.55
N ILE C 488 14.17 10.55 5.31
CA ILE C 488 15.28 10.60 6.27
C ILE C 488 16.23 9.45 5.98
N GLN C 489 17.48 9.78 5.69
CA GLN C 489 18.52 8.78 5.52
C GLN C 489 19.38 8.71 6.77
N VAL C 490 19.53 7.49 7.31
CA VAL C 490 20.47 7.21 8.39
C VAL C 490 21.68 6.56 7.75
N GLU C 491 22.79 7.27 7.75
CA GLU C 491 24.06 6.75 7.27
C GLU C 491 24.88 6.33 8.48
N MET C 492 25.07 5.03 8.62
CA MET C 492 25.87 4.46 9.70
C MET C 492 27.29 4.15 9.28
N GLY C 493 27.61 4.28 8.00
CA GLY C 493 28.95 4.04 7.51
C GLY C 493 29.77 5.31 7.54
N PRO C 494 31.07 5.20 7.30
CA PRO C 494 31.92 6.39 7.28
C PRO C 494 31.63 7.23 6.04
N PHE C 495 31.39 8.51 6.26
CA PHE C 495 31.11 9.43 5.16
C PHE C 495 32.40 9.77 4.41
N GLN C 496 32.32 9.73 3.09
CA GLN C 496 33.48 9.97 2.23
C GLN C 496 33.32 11.31 1.53
N SER C 497 34.28 12.19 1.76
CA SER C 497 34.39 13.46 1.05
C SER C 497 35.47 13.33 -0.02
N ILE C 498 35.21 13.91 -1.19
CA ILE C 498 36.20 13.92 -2.27
C ILE C 498 37.17 15.08 -2.16
N PHE C 499 37.02 15.94 -1.16
CA PHE C 499 37.91 17.10 -1.00
C PHE C 499 38.96 16.76 0.05
N MET D 13 20.89 -39.20 -22.12
CA MET D 13 21.60 -38.32 -21.14
C MET D 13 22.50 -39.19 -20.25
N ALA D 14 23.15 -38.59 -19.26
CA ALA D 14 24.00 -39.37 -18.33
C ALA D 14 23.22 -39.72 -17.06
N GLU D 15 23.95 -39.89 -15.95
CA GLU D 15 23.28 -40.12 -14.65
C GLU D 15 23.10 -38.74 -14.00
N GLN D 16 21.88 -38.25 -13.92
CA GLN D 16 21.64 -36.88 -13.40
C GLN D 16 22.08 -36.78 -11.94
N GLN D 17 22.83 -35.74 -11.62
CA GLN D 17 23.34 -35.54 -10.27
C GLN D 17 22.56 -34.46 -9.55
N LEU D 18 22.87 -34.31 -8.25
CA LEU D 18 22.34 -33.18 -7.47
C LEU D 18 23.06 -31.88 -7.87
N TYR D 19 22.41 -30.75 -7.62
CA TYR D 19 23.02 -29.44 -7.86
C TYR D 19 23.15 -28.72 -6.52
N ILE D 20 24.37 -28.62 -6.01
CA ILE D 20 24.60 -27.97 -4.73
C ILE D 20 25.76 -27.00 -4.83
N HIS D 21 25.53 -25.75 -4.43
CA HIS D 21 26.55 -24.73 -4.37
C HIS D 21 27.22 -24.52 -5.73
N GLY D 22 26.38 -24.39 -6.76
CA GLY D 22 26.89 -23.98 -8.05
C GLY D 22 27.62 -25.02 -8.86
N LYS D 23 27.43 -26.30 -8.56
CA LYS D 23 28.07 -27.36 -9.32
C LYS D 23 27.22 -28.63 -9.18
N PHE D 24 27.31 -29.50 -10.17
CA PHE D 24 26.73 -30.83 -10.02
C PHE D 24 27.60 -31.68 -9.10
N VAL D 25 26.96 -32.42 -8.22
CA VAL D 25 27.66 -33.23 -7.22
C VAL D 25 26.92 -34.55 -7.09
N ALA D 26 27.69 -35.61 -6.87
CA ALA D 26 27.10 -36.92 -6.64
C ALA D 26 26.35 -36.93 -5.33
N ALA D 27 25.19 -37.60 -5.33
CA ALA D 27 24.45 -37.83 -4.10
C ALA D 27 25.18 -38.79 -3.18
N THR D 28 24.97 -38.60 -1.88
CA THR D 28 25.51 -39.48 -0.85
C THR D 28 24.50 -40.51 -0.37
N SER D 29 23.35 -40.62 -1.04
CA SER D 29 22.37 -41.61 -0.63
C SER D 29 22.72 -43.02 -1.06
N GLY D 30 23.47 -43.16 -2.15
CA GLY D 30 23.65 -44.45 -2.78
C GLY D 30 22.43 -44.95 -3.50
N LYS D 31 21.43 -44.09 -3.70
CA LYS D 31 20.17 -44.46 -4.33
C LYS D 31 19.94 -43.64 -5.60
N THR D 32 19.22 -44.24 -6.54
CA THR D 32 18.83 -43.60 -7.79
C THR D 32 17.40 -44.01 -8.12
N PHE D 33 16.81 -43.28 -9.06
CA PHE D 33 15.48 -43.59 -9.59
C PHE D 33 15.49 -43.25 -11.08
N GLU D 34 14.46 -43.70 -11.78
CA GLU D 34 14.37 -43.50 -13.23
C GLU D 34 13.17 -42.63 -13.55
N THR D 35 13.31 -41.78 -14.55
CA THR D 35 12.19 -41.05 -15.11
C THR D 35 11.90 -41.60 -16.49
N ILE D 36 10.63 -41.87 -16.75
CA ILE D 36 10.20 -42.58 -17.96
C ILE D 36 9.67 -41.54 -18.94
N ASN D 37 9.95 -41.75 -20.21
CA ASN D 37 9.32 -40.97 -21.27
C ASN D 37 7.90 -41.49 -21.45
N PRO D 38 6.87 -40.71 -21.09
CA PRO D 38 5.50 -41.23 -21.15
C PRO D 38 5.02 -41.55 -22.55
N ALA D 39 5.72 -41.11 -23.59
CA ALA D 39 5.31 -41.36 -24.97
C ALA D 39 5.82 -42.70 -25.51
N THR D 40 6.92 -43.22 -24.97
CA THR D 40 7.53 -44.44 -25.48
C THR D 40 7.69 -45.52 -24.42
N GLY D 41 7.65 -45.15 -23.13
CA GLY D 41 7.94 -46.08 -22.06
C GLY D 41 9.40 -46.26 -21.80
N GLU D 42 10.26 -45.68 -22.62
CA GLU D 42 11.71 -45.81 -22.46
C GLU D 42 12.18 -44.97 -21.28
N VAL D 43 13.28 -45.40 -20.67
CA VAL D 43 13.90 -44.63 -19.60
C VAL D 43 14.60 -43.41 -20.20
N LEU D 44 14.21 -42.20 -19.75
CA LEU D 44 14.91 -41.00 -20.17
C LEU D 44 16.26 -40.87 -19.47
N ALA D 45 16.30 -41.11 -18.16
CA ALA D 45 17.55 -40.93 -17.45
C ALA D 45 17.46 -41.56 -16.07
N THR D 46 18.63 -41.92 -15.55
CA THR D 46 18.75 -42.29 -14.15
C THR D 46 19.19 -41.06 -13.37
N VAL D 47 18.54 -40.81 -12.25
CA VAL D 47 18.69 -39.57 -11.49
C VAL D 47 19.05 -39.94 -10.06
N GLN D 48 20.11 -39.33 -9.54
CA GLN D 48 20.51 -39.58 -8.17
C GLN D 48 19.53 -38.93 -7.20
N ALA D 49 19.28 -39.61 -6.07
CA ALA D 49 18.30 -39.17 -5.08
C ALA D 49 19.00 -38.60 -3.87
N ALA D 50 18.55 -37.44 -3.41
CA ALA D 50 19.21 -36.79 -2.28
C ALA D 50 18.80 -37.46 -0.98
N GLY D 51 19.79 -37.83 -0.17
CA GLY D 51 19.55 -38.40 1.12
C GLY D 51 19.52 -37.33 2.20
N ARG D 52 19.41 -37.79 3.44
CA ARG D 52 19.36 -36.87 4.57
C ARG D 52 20.64 -36.06 4.68
N GLU D 53 21.78 -36.69 4.38
CA GLU D 53 23.05 -35.97 4.39
C GLU D 53 23.15 -34.96 3.24
N ASP D 54 22.57 -35.29 2.08
CA ASP D 54 22.58 -34.36 0.97
C ASP D 54 21.76 -33.11 1.31
N VAL D 55 20.61 -33.30 1.98
CA VAL D 55 19.79 -32.16 2.37
C VAL D 55 20.53 -31.25 3.33
N ASP D 56 21.24 -31.83 4.31
CA ASP D 56 21.99 -31.00 5.24
C ASP D 56 23.09 -30.22 4.52
N ARG D 57 23.74 -30.85 3.54
N ARG D 57 23.75 -30.87 3.54
CA ARG D 57 24.75 -30.15 2.75
CA ARG D 57 24.75 -30.16 2.73
C ARG D 57 24.12 -29.04 1.92
C ARG D 57 24.12 -29.04 1.93
N ALA D 58 22.94 -29.30 1.34
CA ALA D 58 22.24 -28.26 0.59
C ALA D 58 21.86 -27.09 1.49
N VAL D 59 21.43 -27.37 2.71
CA VAL D 59 21.02 -26.30 3.61
C VAL D 59 22.22 -25.44 4.01
N LYS D 60 23.35 -26.08 4.33
CA LYS D 60 24.51 -25.31 4.73
C LYS D 60 25.02 -24.46 3.58
N SER D 61 24.99 -25.01 2.36
CA SER D 61 25.33 -24.24 1.16
C SER D 61 24.38 -23.06 0.99
N ALA D 62 23.07 -23.30 1.18
CA ALA D 62 22.08 -22.24 1.05
C ALA D 62 22.29 -21.14 2.08
N GLN D 63 22.65 -21.51 3.32
CA GLN D 63 22.87 -20.50 4.34
C GLN D 63 24.01 -19.57 3.94
N GLN D 64 25.07 -20.16 3.39
CA GLN D 64 26.23 -19.38 2.97
C GLN D 64 25.88 -18.48 1.78
N GLY D 65 25.19 -19.03 0.78
CA GLY D 65 24.81 -18.23 -0.37
C GLY D 65 23.80 -17.13 -0.04
N GLN D 66 22.83 -17.44 0.80
CA GLN D 66 21.81 -16.45 1.13
C GLN D 66 22.45 -15.20 1.73
N LYS D 67 23.49 -15.38 2.55
CA LYS D 67 24.12 -14.21 3.16
C LYS D 67 24.78 -13.33 2.10
N VAL D 68 25.44 -13.93 1.11
CA VAL D 68 25.98 -13.14 0.00
C VAL D 68 24.86 -12.45 -0.75
N TRP D 69 23.80 -13.20 -1.08
CA TRP D 69 22.69 -12.68 -1.87
C TRP D 69 22.00 -11.51 -1.18
N ALA D 70 21.70 -11.65 0.12
CA ALA D 70 20.97 -10.60 0.83
C ALA D 70 21.80 -9.35 1.05
N ALA D 71 23.12 -9.49 1.10
CA ALA D 71 24.01 -8.35 1.31
C ALA D 71 24.14 -7.48 0.06
N MET D 72 23.82 -8.02 -1.11
CA MET D 72 23.83 -7.22 -2.33
C MET D 72 22.77 -6.12 -2.25
N SER D 73 22.91 -5.12 -3.10
CA SER D 73 21.86 -4.12 -3.23
C SER D 73 20.63 -4.74 -3.87
N ALA D 74 19.49 -4.09 -3.69
CA ALA D 74 18.26 -4.55 -4.33
C ALA D 74 18.39 -4.59 -5.86
N MET D 75 18.95 -3.55 -6.45
CA MET D 75 19.08 -3.53 -7.92
C MET D 75 20.12 -4.54 -8.39
N ALA D 76 21.15 -4.84 -7.59
CA ALA D 76 22.07 -5.91 -7.98
C ALA D 76 21.35 -7.25 -8.11
N ARG D 77 20.48 -7.57 -7.14
CA ARG D 77 19.66 -8.77 -7.24
C ARG D 77 18.75 -8.73 -8.46
N SER D 78 18.10 -7.58 -8.69
CA SER D 78 17.21 -7.44 -9.83
CA SER D 78 17.21 -7.46 -9.83
C SER D 78 17.92 -7.76 -11.14
N ARG D 79 19.13 -7.26 -11.31
CA ARG D 79 19.81 -7.43 -12.59
C ARG D 79 20.17 -8.89 -12.84
N ILE D 80 20.53 -9.61 -11.78
CA ILE D 80 20.91 -11.00 -11.93
C ILE D 80 19.70 -11.83 -12.35
N LEU D 81 18.55 -11.60 -11.70
CA LEU D 81 17.34 -12.33 -12.09
C LEU D 81 16.94 -11.99 -13.51
N ARG D 82 17.09 -10.72 -13.91
CA ARG D 82 16.79 -10.31 -15.28
CA ARG D 82 16.78 -10.34 -15.28
C ARG D 82 17.70 -11.03 -16.28
N LYS D 83 18.98 -11.23 -15.93
CA LYS D 83 19.85 -11.99 -16.82
C LYS D 83 19.38 -13.43 -16.96
N ALA D 84 18.90 -14.01 -15.87
CA ALA D 84 18.31 -15.36 -15.97
C ALA D 84 17.13 -15.36 -16.91
N VAL D 85 16.28 -14.31 -16.85
CA VAL D 85 15.15 -14.19 -17.77
C VAL D 85 15.63 -14.19 -19.21
N ASP D 86 16.65 -13.38 -19.51
CA ASP D 86 17.16 -13.30 -20.88
C ASP D 86 17.66 -14.67 -21.35
N ILE D 87 18.32 -15.41 -20.46
CA ILE D 87 18.78 -16.74 -20.82
C ILE D 87 17.60 -17.65 -21.10
N LEU D 88 16.56 -17.56 -20.27
CA LEU D 88 15.41 -18.44 -20.45
C LEU D 88 14.70 -18.16 -21.76
N ARG D 89 14.59 -16.89 -22.15
CA ARG D 89 13.97 -16.57 -23.44
C ARG D 89 14.76 -17.18 -24.59
N GLU D 90 16.08 -17.06 -24.54
CA GLU D 90 16.92 -17.55 -25.63
C GLU D 90 16.84 -19.07 -25.77
N ARG D 91 16.78 -19.78 -24.65
CA ARG D 91 16.77 -21.23 -24.64
CA ARG D 91 16.77 -21.23 -24.64
C ARG D 91 15.36 -21.81 -24.52
N ASN D 92 14.33 -21.01 -24.84
CA ASN D 92 12.96 -21.46 -24.69
C ASN D 92 12.70 -22.79 -25.39
N ASP D 93 13.09 -22.88 -26.66
CA ASP D 93 12.77 -24.06 -27.45
C ASP D 93 13.52 -25.28 -26.93
N GLU D 94 14.81 -25.12 -26.62
CA GLU D 94 15.60 -26.22 -26.07
C GLU D 94 15.00 -26.72 -24.77
N LEU D 95 14.64 -25.81 -23.87
CA LEU D 95 14.06 -26.22 -22.59
C LEU D 95 12.70 -26.88 -22.80
N ALA D 96 11.91 -26.37 -23.73
CA ALA D 96 10.60 -26.93 -23.99
C ALA D 96 10.71 -28.38 -24.47
N ARG D 97 11.69 -28.66 -25.33
CA ARG D 97 11.85 -30.02 -25.84
C ARG D 97 12.20 -30.98 -24.72
N LEU D 98 13.07 -30.55 -23.80
CA LEU D 98 13.37 -31.39 -22.64
C LEU D 98 12.12 -31.60 -21.81
N GLU D 99 11.30 -30.55 -21.65
CA GLU D 99 10.08 -30.66 -20.85
C GLU D 99 9.10 -31.64 -21.48
N THR D 100 8.96 -31.60 -22.81
CA THR D 100 8.06 -32.53 -23.50
C THR D 100 8.49 -33.98 -23.30
N LEU D 101 9.79 -34.26 -23.40
CA LEU D 101 10.26 -35.63 -23.20
C LEU D 101 9.93 -36.12 -21.80
N ASP D 102 10.06 -35.24 -20.79
CA ASP D 102 9.89 -35.65 -19.39
C ASP D 102 8.42 -35.74 -18.99
N THR D 103 7.56 -34.88 -19.54
CA THR D 103 6.17 -34.77 -19.12
C THR D 103 5.19 -35.41 -20.09
N GLY D 104 5.54 -35.52 -21.36
CA GLY D 104 4.59 -35.93 -22.36
C GLY D 104 3.67 -34.84 -22.86
N LYS D 105 3.87 -33.61 -22.43
CA LYS D 105 3.03 -32.54 -22.95
C LYS D 105 3.52 -32.16 -24.35
N PRO D 106 2.60 -31.83 -25.27
CA PRO D 106 3.03 -31.50 -26.64
C PRO D 106 4.01 -30.33 -26.66
N LEU D 107 4.92 -30.36 -27.64
CA LEU D 107 5.82 -29.23 -27.83
C LEU D 107 5.04 -27.94 -28.11
N SER D 108 3.89 -28.06 -28.77
CA SER D 108 3.05 -26.88 -29.03
C SER D 108 2.64 -26.16 -27.75
N GLU D 109 2.56 -26.88 -26.63
CA GLU D 109 2.32 -26.26 -25.34
C GLU D 109 3.64 -25.82 -24.69
N THR D 110 4.62 -26.73 -24.57
CA THR D 110 5.80 -26.43 -23.78
C THR D 110 6.59 -25.26 -24.36
N ALA D 111 6.62 -25.12 -25.69
CA ALA D 111 7.36 -24.01 -26.29
C ALA D 111 6.62 -22.69 -26.20
N ALA D 112 5.31 -22.71 -25.93
CA ALA D 112 4.53 -21.48 -25.88
C ALA D 112 4.10 -21.06 -24.48
N VAL D 113 4.11 -21.96 -23.49
CA VAL D 113 3.53 -21.67 -22.18
C VAL D 113 4.52 -21.89 -21.05
N ASP D 114 5.11 -23.09 -20.97
CA ASP D 114 5.79 -23.50 -19.74
C ASP D 114 6.95 -22.55 -19.41
N ILE D 115 7.86 -22.33 -20.35
CA ILE D 115 8.98 -21.45 -20.06
C ILE D 115 8.56 -19.99 -20.21
N VAL D 116 7.66 -19.68 -21.14
CA VAL D 116 7.27 -18.29 -21.34
C VAL D 116 6.68 -17.72 -20.07
N THR D 117 5.71 -18.40 -19.47
CA THR D 117 5.06 -17.87 -18.27
C THR D 117 5.90 -18.08 -17.00
N GLY D 118 6.75 -19.10 -16.99
CA GLY D 118 7.71 -19.19 -15.91
C GLY D 118 8.61 -17.98 -15.89
N ALA D 119 9.16 -17.62 -17.05
CA ALA D 119 10.04 -16.47 -17.15
C ALA D 119 9.29 -15.17 -16.90
N ASP D 120 8.02 -15.07 -17.32
CA ASP D 120 7.25 -13.85 -17.06
C ASP D 120 7.20 -13.55 -15.57
N VAL D 121 7.01 -14.58 -14.74
CA VAL D 121 6.90 -14.36 -13.30
C VAL D 121 8.26 -13.97 -12.72
N LEU D 122 9.33 -14.60 -13.18
CA LEU D 122 10.67 -14.21 -12.75
C LEU D 122 10.96 -12.77 -13.13
N GLU D 123 10.59 -12.39 -14.36
CA GLU D 123 10.79 -11.03 -14.84
C GLU D 123 10.01 -10.04 -14.01
N TYR D 124 8.77 -10.40 -13.68
CA TYR D 124 7.93 -9.56 -12.83
C TYR D 124 8.57 -9.31 -11.48
N TYR D 125 9.00 -10.38 -10.80
CA TYR D 125 9.54 -10.18 -9.47
C TYR D 125 10.89 -9.49 -9.51
N ALA D 126 11.68 -9.71 -10.56
CA ALA D 126 12.97 -9.02 -10.66
C ALA D 126 12.78 -7.51 -10.55
N GLY D 127 11.74 -7.00 -11.20
CA GLY D 127 11.49 -5.56 -11.19
C GLY D 127 10.92 -5.03 -9.89
N LEU D 128 10.31 -5.90 -9.08
CA LEU D 128 9.70 -5.41 -7.84
C LEU D 128 10.67 -5.35 -6.67
N ILE D 129 11.85 -5.99 -6.75
CA ILE D 129 12.74 -6.07 -5.60
C ILE D 129 12.95 -4.69 -4.96
N PRO D 130 13.23 -3.63 -5.74
CA PRO D 130 13.47 -2.32 -5.12
C PRO D 130 12.25 -1.69 -4.47
N ALA D 131 11.05 -2.17 -4.78
CA ALA D 131 9.84 -1.62 -4.18
C ALA D 131 9.46 -2.31 -2.87
N LEU D 132 10.20 -3.34 -2.46
CA LEU D 132 9.90 -4.04 -1.21
C LEU D 132 10.30 -3.14 -0.04
N GLU D 133 9.30 -2.61 0.68
CA GLU D 133 9.54 -1.61 1.72
C GLU D 133 8.85 -2.03 3.01
N GLY D 134 9.42 -1.62 4.11
CA GLY D 134 8.75 -1.66 5.41
C GLY D 134 7.97 -0.40 5.67
N SER D 135 7.59 -0.22 6.95
CA SER D 135 6.74 0.89 7.32
CA SER D 135 6.71 0.84 7.37
C SER D 135 7.35 1.68 8.45
N GLN D 136 6.78 2.86 8.69
CA GLN D 136 7.15 3.69 9.82
C GLN D 136 5.88 4.23 10.45
N ILE D 137 5.82 4.16 11.77
CA ILE D 137 4.62 4.51 12.52
C ILE D 137 5.00 5.44 13.66
N PRO D 138 4.61 6.71 13.66
CA PRO D 138 4.89 7.55 14.82
C PRO D 138 3.97 7.16 15.98
N LEU D 139 4.53 7.11 17.17
CA LEU D 139 3.69 6.85 18.34
C LEU D 139 3.40 8.13 19.10
N ARG D 140 4.43 8.96 19.26
CA ARG D 140 4.41 10.21 20.02
C ARG D 140 5.71 10.92 19.65
N ASP D 141 5.84 12.16 20.08
CA ASP D 141 7.04 12.90 19.69
C ASP D 141 8.30 12.15 20.11
N SER D 142 8.24 11.39 21.20
CA SER D 142 9.43 10.76 21.74
C SER D 142 9.61 9.28 21.36
N SER D 143 8.77 8.71 20.51
CA SER D 143 8.96 7.31 20.14
C SER D 143 8.31 7.02 18.79
N PHE D 144 8.96 6.17 18.00
CA PHE D 144 8.37 5.75 16.76
C PHE D 144 8.77 4.31 16.53
N VAL D 145 8.06 3.66 15.62
CA VAL D 145 8.30 2.28 15.21
C VAL D 145 8.64 2.27 13.73
N TYR D 146 9.56 1.41 13.32
CA TYR D 146 9.72 1.10 11.90
C TYR D 146 9.84 -0.40 11.75
N THR D 147 9.47 -0.89 10.58
CA THR D 147 9.52 -2.32 10.31
C THR D 147 10.46 -2.61 9.16
N ARG D 148 11.07 -3.78 9.22
CA ARG D 148 11.88 -4.32 8.13
C ARG D 148 11.21 -5.58 7.60
N ARG D 149 11.22 -5.74 6.29
CA ARG D 149 10.80 -6.97 5.64
CA ARG D 149 10.80 -6.97 5.64
C ARG D 149 12.07 -7.77 5.37
N GLU D 150 12.41 -8.70 6.29
CA GLU D 150 13.66 -9.42 6.21
C GLU D 150 13.48 -10.76 5.51
N PRO D 151 14.51 -11.27 4.85
CA PRO D 151 14.41 -12.62 4.30
C PRO D 151 14.08 -13.64 5.38
N LEU D 152 13.34 -14.67 4.98
CA LEU D 152 13.13 -15.82 5.85
C LEU D 152 14.41 -16.61 6.08
N GLY D 153 15.32 -16.61 5.11
CA GLY D 153 16.55 -17.37 5.20
C GLY D 153 16.64 -18.42 4.11
N VAL D 154 16.57 -19.68 4.51
CA VAL D 154 16.50 -20.81 3.58
C VAL D 154 15.08 -21.33 3.56
N VAL D 155 14.50 -21.40 2.37
CA VAL D 155 13.16 -21.92 2.15
C VAL D 155 13.25 -23.09 1.18
N ALA D 156 12.21 -23.92 1.16
CA ALA D 156 12.18 -25.07 0.28
C ALA D 156 10.94 -25.05 -0.58
N GLY D 157 11.09 -25.40 -1.85
CA GLY D 157 9.97 -25.61 -2.76
C GLY D 157 9.89 -27.08 -3.14
N ILE D 158 8.68 -27.60 -3.18
CA ILE D 158 8.46 -28.97 -3.62
C ILE D 158 7.52 -28.88 -4.80
N GLY D 159 8.02 -29.23 -6.00
CA GLY D 159 7.28 -29.04 -7.22
C GLY D 159 6.43 -30.24 -7.59
N ALA D 160 5.53 -30.00 -8.53
CA ALA D 160 4.71 -31.04 -9.12
C ALA D 160 5.21 -31.36 -10.53
N TRP D 161 4.65 -32.42 -11.12
CA TRP D 161 5.17 -32.93 -12.38
C TRP D 161 4.44 -32.40 -13.60
N ASN D 162 3.30 -31.74 -13.44
CA ASN D 162 2.56 -31.32 -14.63
C ASN D 162 3.17 -30.06 -15.29
N TYR D 163 3.75 -29.15 -14.51
CA TYR D 163 4.43 -27.98 -15.04
C TYR D 163 5.79 -27.82 -14.36
N PRO D 164 6.74 -28.70 -14.67
CA PRO D 164 7.97 -28.76 -13.83
C PRO D 164 8.75 -27.46 -13.79
N ILE D 165 9.10 -26.87 -14.94
CA ILE D 165 9.95 -25.69 -14.88
C ILE D 165 9.15 -24.46 -14.49
N GLN D 166 7.88 -24.38 -14.90
CA GLN D 166 7.07 -23.23 -14.52
C GLN D 166 6.94 -23.13 -13.00
N ILE D 167 6.61 -24.26 -12.35
CA ILE D 167 6.47 -24.29 -10.90
C ILE D 167 7.80 -23.95 -10.22
N ALA D 168 8.91 -24.47 -10.75
CA ALA D 168 10.22 -24.10 -10.21
C ALA D 168 10.45 -22.58 -10.27
N LEU D 169 10.02 -21.94 -11.36
CA LEU D 169 10.20 -20.49 -11.48
C LEU D 169 9.22 -19.73 -10.59
N TRP D 170 7.97 -20.19 -10.54
CA TRP D 170 6.96 -19.50 -9.74
C TRP D 170 7.27 -19.56 -8.25
N LYS D 171 7.93 -20.62 -7.81
CA LYS D 171 8.33 -20.68 -6.41
C LYS D 171 9.64 -19.93 -6.20
N SER D 172 10.62 -20.16 -7.06
CA SER D 172 11.94 -19.59 -6.79
C SER D 172 11.99 -18.10 -7.05
N ALA D 173 11.20 -17.58 -8.00
CA ALA D 173 11.27 -16.16 -8.32
C ALA D 173 10.92 -15.26 -7.15
N PRO D 174 9.76 -15.40 -6.49
CA PRO D 174 9.53 -14.53 -5.33
C PRO D 174 10.46 -14.87 -4.17
N ALA D 175 10.83 -16.14 -3.99
CA ALA D 175 11.73 -16.50 -2.90
C ALA D 175 13.08 -15.81 -3.05
N LEU D 176 13.67 -15.90 -4.25
CA LEU D 176 14.95 -15.25 -4.50
C LEU D 176 14.82 -13.75 -4.49
N ALA D 177 13.75 -13.22 -5.08
CA ALA D 177 13.55 -11.78 -5.11
C ALA D 177 13.44 -11.22 -3.70
N ALA D 178 12.94 -12.02 -2.76
CA ALA D 178 12.80 -11.58 -1.38
C ALA D 178 14.09 -11.67 -0.58
N GLY D 179 15.17 -12.15 -1.19
CA GLY D 179 16.44 -12.25 -0.51
C GLY D 179 16.72 -13.60 0.08
N ASN D 180 15.91 -14.61 -0.22
CA ASN D 180 16.13 -15.93 0.35
C ASN D 180 16.97 -16.78 -0.60
N ALA D 181 17.46 -17.88 -0.08
CA ALA D 181 17.92 -19.00 -0.89
C ALA D 181 16.83 -20.05 -0.87
N MET D 182 16.68 -20.75 -1.98
CA MET D 182 15.70 -21.83 -2.07
C MET D 182 16.39 -23.15 -2.43
N ILE D 183 16.00 -24.21 -1.73
CA ILE D 183 16.31 -25.59 -2.11
C ILE D 183 15.07 -26.14 -2.80
N PHE D 184 15.19 -26.55 -4.07
CA PHE D 184 14.05 -27.02 -4.83
C PHE D 184 14.16 -28.52 -5.06
N LYS D 185 13.09 -29.24 -4.73
CA LYS D 185 12.94 -30.66 -5.02
C LYS D 185 11.88 -30.82 -6.11
N PRO D 186 12.26 -31.16 -7.32
CA PRO D 186 11.25 -31.44 -8.34
C PRO D 186 10.58 -32.78 -8.08
N SER D 187 9.42 -32.95 -8.71
CA SER D 187 8.79 -34.25 -8.66
C SER D 187 9.72 -35.31 -9.25
N GLU D 188 9.70 -36.48 -8.63
CA GLU D 188 10.49 -37.61 -9.11
C GLU D 188 10.08 -38.03 -10.51
N VAL D 189 8.84 -37.72 -10.91
CA VAL D 189 8.40 -38.01 -12.26
C VAL D 189 9.12 -37.14 -13.29
N THR D 190 9.42 -35.88 -12.94
CA THR D 190 9.87 -34.88 -13.92
C THR D 190 10.97 -34.02 -13.36
N PRO D 191 12.17 -34.57 -13.15
CA PRO D 191 13.25 -33.82 -12.50
C PRO D 191 14.19 -33.04 -13.41
N LEU D 192 14.07 -33.15 -14.72
CA LEU D 192 15.18 -32.78 -15.59
C LEU D 192 15.30 -31.27 -15.80
N THR D 193 14.18 -30.57 -16.03
CA THR D 193 14.32 -29.14 -16.32
C THR D 193 14.75 -28.36 -15.09
N ALA D 194 14.41 -28.84 -13.88
CA ALA D 194 14.80 -28.11 -12.68
C ALA D 194 16.32 -28.01 -12.58
N LEU D 195 17.01 -29.06 -13.01
CA LEU D 195 18.47 -29.03 -13.01
C LEU D 195 19.01 -28.07 -14.05
N LYS D 196 18.34 -27.97 -15.19
CA LYS D 196 18.73 -26.99 -16.19
C LYS D 196 18.58 -25.57 -15.65
N LEU D 197 17.51 -25.30 -14.92
CA LEU D 197 17.30 -23.97 -14.37
C LEU D 197 18.42 -23.61 -13.39
N ALA D 198 18.86 -24.57 -12.60
CA ALA D 198 19.93 -24.30 -11.65
C ALA D 198 21.19 -23.82 -12.37
N GLU D 199 21.50 -24.43 -13.51
CA GLU D 199 22.65 -23.98 -14.30
C GLU D 199 22.42 -22.59 -14.87
N ILE D 200 21.20 -22.31 -15.34
CA ILE D 200 20.92 -21.00 -15.91
C ILE D 200 21.08 -19.93 -14.85
N TYR D 201 20.54 -20.17 -13.65
CA TYR D 201 20.68 -19.19 -12.57
C TYR D 201 22.14 -18.85 -12.32
N ARG D 202 22.98 -19.88 -12.17
CA ARG D 202 24.40 -19.61 -11.89
C ARG D 202 25.03 -18.86 -13.06
N GLU D 203 24.70 -19.27 -14.28
CA GLU D 203 25.19 -18.54 -15.46
C GLU D 203 24.77 -17.08 -15.40
N ALA D 204 23.60 -16.79 -14.84
CA ALA D 204 23.16 -15.41 -14.74
C ALA D 204 23.85 -14.63 -13.63
N GLY D 205 24.61 -15.29 -12.77
CA GLY D 205 25.27 -14.60 -11.68
C GLY D 205 24.68 -14.84 -10.31
N LEU D 206 23.74 -15.75 -10.17
CA LEU D 206 23.20 -16.06 -8.86
C LEU D 206 24.31 -16.63 -7.98
N PRO D 207 24.48 -16.14 -6.75
CA PRO D 207 25.54 -16.70 -5.89
C PRO D 207 25.34 -18.18 -5.65
N ASP D 208 26.46 -18.89 -5.52
CA ASP D 208 26.44 -20.31 -5.22
C ASP D 208 25.66 -20.57 -3.95
N GLY D 209 24.80 -21.59 -3.98
CA GLY D 209 23.98 -21.98 -2.84
C GLY D 209 22.61 -21.34 -2.82
N VAL D 210 22.39 -20.27 -3.60
CA VAL D 210 21.11 -19.57 -3.52
C VAL D 210 19.99 -20.39 -4.15
N PHE D 211 20.29 -21.19 -5.17
CA PHE D 211 19.29 -22.11 -5.75
C PHE D 211 19.96 -23.47 -5.94
N ASN D 212 19.68 -24.38 -5.01
CA ASN D 212 20.13 -25.75 -5.04
C ASN D 212 18.94 -26.64 -5.40
N VAL D 213 19.22 -27.72 -6.15
CA VAL D 213 18.17 -28.60 -6.65
C VAL D 213 18.51 -30.02 -6.19
N LEU D 214 17.57 -30.66 -5.51
CA LEU D 214 17.74 -32.00 -4.95
C LEU D 214 16.66 -32.92 -5.49
N PRO D 215 16.90 -33.61 -6.61
CA PRO D 215 15.96 -34.65 -7.05
C PRO D 215 15.87 -35.77 -6.03
N GLY D 216 14.75 -36.48 -6.05
CA GLY D 216 14.51 -37.56 -5.12
C GLY D 216 13.03 -37.90 -5.10
N ILE D 217 12.68 -38.80 -4.18
CA ILE D 217 11.29 -39.23 -4.08
C ILE D 217 10.63 -38.50 -2.91
N GLY D 218 9.30 -38.36 -2.99
CA GLY D 218 8.60 -37.59 -1.97
C GLY D 218 8.73 -38.21 -0.60
N ALA D 219 8.70 -39.54 -0.54
CA ALA D 219 8.73 -40.24 0.74
C ALA D 219 10.04 -40.03 1.48
N GLU D 220 11.14 -39.77 0.78
CA GLU D 220 12.44 -39.58 1.43
C GLU D 220 12.94 -38.14 1.30
N THR D 221 13.27 -37.69 0.09
CA THR D 221 13.88 -36.38 -0.05
C THR D 221 12.92 -35.29 0.40
N GLY D 222 11.66 -35.39 -0.01
CA GLY D 222 10.69 -34.39 0.41
C GLY D 222 10.55 -34.33 1.91
N GLN D 223 10.45 -35.50 2.55
CA GLN D 223 10.29 -35.52 3.99
C GLN D 223 11.51 -34.94 4.68
N TYR D 224 12.72 -35.21 4.17
CA TYR D 224 13.91 -34.66 4.81
C TYR D 224 13.91 -33.14 4.76
N LEU D 225 13.39 -32.55 3.67
CA LEU D 225 13.32 -31.10 3.59
C LEU D 225 12.33 -30.53 4.60
N THR D 226 11.14 -31.14 4.69
CA THR D 226 10.12 -30.65 5.60
C THR D 226 10.54 -30.80 7.06
N GLU D 227 11.47 -31.70 7.35
CA GLU D 227 11.89 -31.93 8.73
C GLU D 227 13.10 -31.11 9.13
N HIS D 228 13.83 -30.54 8.19
CA HIS D 228 15.12 -29.95 8.55
C HIS D 228 14.90 -28.74 9.46
N PRO D 229 15.64 -28.63 10.57
CA PRO D 229 15.37 -27.55 11.53
C PRO D 229 15.72 -26.16 11.04
N ASP D 230 16.56 -26.01 10.01
CA ASP D 230 17.05 -24.71 9.56
C ASP D 230 16.39 -24.22 8.29
N ILE D 231 15.29 -24.85 7.87
CA ILE D 231 14.48 -24.41 6.74
C ILE D 231 13.27 -23.66 7.30
N ALA D 232 13.06 -22.43 6.83
CA ALA D 232 12.10 -21.52 7.46
C ALA D 232 10.70 -21.58 6.85
N LYS D 233 10.58 -22.08 5.63
CA LYS D 233 9.30 -22.12 4.96
C LYS D 233 9.35 -23.24 3.92
N ILE D 234 8.21 -23.90 3.72
CA ILE D 234 8.03 -24.93 2.70
C ILE D 234 6.92 -24.45 1.79
N SER D 235 7.15 -24.49 0.48
CA SER D 235 6.10 -24.23 -0.50
C SER D 235 5.91 -25.48 -1.34
N PHE D 236 4.68 -26.01 -1.36
CA PHE D 236 4.37 -27.30 -1.95
C PHE D 236 3.24 -27.18 -2.97
N THR D 237 3.43 -27.84 -4.10
CA THR D 237 2.39 -27.99 -5.12
C THR D 237 2.20 -29.47 -5.38
N GLY D 238 0.95 -29.93 -5.38
CA GLY D 238 0.67 -31.34 -5.60
C GLY D 238 -0.77 -31.64 -5.27
N GLY D 239 -1.04 -32.93 -4.99
CA GLY D 239 -2.39 -33.36 -4.68
C GLY D 239 -2.82 -33.03 -3.24
N VAL D 240 -4.13 -33.01 -3.03
CA VAL D 240 -4.67 -32.59 -1.74
C VAL D 240 -4.16 -33.51 -0.63
N ALA D 241 -4.18 -34.82 -0.86
CA ALA D 241 -3.76 -35.76 0.18
C ALA D 241 -2.28 -35.57 0.51
N SER D 242 -1.43 -35.58 -0.52
CA SER D 242 0.00 -35.38 -0.30
C SER D 242 0.28 -34.07 0.42
N GLY D 243 -0.53 -33.04 0.15
CA GLY D 243 -0.34 -31.77 0.83
C GLY D 243 -0.52 -31.88 2.33
N LYS D 244 -1.56 -32.57 2.78
CA LYS D 244 -1.79 -32.71 4.22
C LYS D 244 -0.63 -33.40 4.92
N LYS D 245 -0.04 -34.42 4.28
CA LYS D 245 1.15 -35.04 4.87
C LYS D 245 2.28 -34.03 4.99
N VAL D 246 2.53 -33.25 3.94
CA VAL D 246 3.63 -32.30 3.96
C VAL D 246 3.44 -31.26 5.05
N MET D 247 2.23 -30.68 5.14
CA MET D 247 2.02 -29.57 6.07
C MET D 247 2.10 -30.02 7.52
N ALA D 248 1.66 -31.24 7.82
CA ALA D 248 1.77 -31.78 9.16
C ALA D 248 3.22 -31.94 9.58
N ASN D 249 4.03 -32.58 8.73
CA ASN D 249 5.44 -32.82 9.07
C ASN D 249 6.20 -31.51 9.25
N SER D 250 5.85 -30.49 8.46
CA SER D 250 6.49 -29.19 8.62
C SER D 250 6.16 -28.59 9.99
N ALA D 251 4.95 -28.87 10.50
CA ALA D 251 4.55 -28.36 11.81
C ALA D 251 5.21 -29.15 12.93
N ALA D 252 5.13 -30.48 12.85
CA ALA D 252 5.68 -31.31 13.92
C ALA D 252 7.18 -31.11 14.11
N SER D 253 7.89 -30.78 13.03
CA SER D 253 9.35 -30.71 13.09
C SER D 253 9.87 -29.37 13.65
N SER D 254 9.63 -28.26 12.94
CA SER D 254 10.24 -27.01 13.38
C SER D 254 9.32 -25.78 13.21
N LEU D 255 8.02 -25.99 13.09
CA LEU D 255 7.06 -24.91 12.99
C LEU D 255 7.39 -23.99 11.81
N LYS D 256 7.45 -24.58 10.63
CA LYS D 256 7.77 -23.84 9.43
C LYS D 256 6.54 -23.09 8.94
N GLU D 257 6.78 -21.92 8.35
CA GLU D 257 5.77 -21.28 7.51
C GLU D 257 5.51 -22.17 6.28
N VAL D 258 4.29 -22.14 5.76
CA VAL D 258 3.87 -23.07 4.71
C VAL D 258 3.04 -22.34 3.67
N THR D 259 3.21 -22.75 2.41
CA THR D 259 2.34 -22.43 1.29
C THR D 259 1.99 -23.73 0.58
N MET D 260 0.72 -23.88 0.21
CA MET D 260 0.27 -25.10 -0.45
C MET D 260 -0.64 -24.74 -1.62
N GLU D 261 -0.29 -25.21 -2.80
CA GLU D 261 -1.09 -25.08 -4.01
C GLU D 261 -1.51 -26.50 -4.41
N LEU D 262 -2.75 -26.86 -4.10
CA LEU D 262 -3.22 -28.22 -4.25
C LEU D 262 -4.20 -28.31 -5.42
N GLY D 263 -4.89 -29.44 -5.53
CA GLY D 263 -5.82 -29.65 -6.61
C GLY D 263 -7.18 -29.02 -6.35
N GLY D 264 -8.09 -29.24 -7.30
CA GLY D 264 -9.44 -28.73 -7.18
C GLY D 264 -10.41 -29.56 -7.99
N LYS D 265 -11.70 -29.24 -7.86
CA LYS D 265 -12.76 -29.72 -8.74
C LYS D 265 -13.58 -28.48 -9.14
N SER D 266 -13.02 -27.68 -10.02
CA SER D 266 -13.49 -26.31 -10.21
C SER D 266 -14.74 -26.28 -11.09
N PRO D 267 -15.73 -25.47 -10.75
CA PRO D 267 -16.94 -25.40 -11.58
C PRO D 267 -16.85 -24.35 -12.66
N LEU D 268 -17.34 -24.72 -13.84
CA LEU D 268 -17.55 -23.80 -14.96
C LEU D 268 -19.06 -23.64 -15.13
N ILE D 269 -19.56 -22.43 -14.88
CA ILE D 269 -20.99 -22.15 -14.91
C ILE D 269 -21.33 -21.47 -16.22
N ILE D 270 -22.14 -22.12 -17.03
CA ILE D 270 -22.66 -21.57 -18.28
C ILE D 270 -24.04 -21.00 -18.01
N ALA D 271 -24.18 -19.69 -18.22
CA ALA D 271 -25.43 -18.98 -17.95
C ALA D 271 -26.44 -19.18 -19.08
N GLU D 272 -27.70 -18.83 -18.77
CA GLU D 272 -28.80 -18.99 -19.73
C GLU D 272 -28.66 -18.07 -20.93
N ASP D 273 -27.90 -16.98 -20.82
CA ASP D 273 -27.69 -16.06 -21.94
C ASP D 273 -26.33 -16.26 -22.59
N ALA D 274 -25.64 -17.35 -22.28
CA ALA D 274 -24.30 -17.56 -22.82
C ALA D 274 -24.38 -17.98 -24.28
N ASN D 275 -23.42 -17.49 -25.07
CA ASN D 275 -23.21 -18.02 -26.41
C ASN D 275 -22.59 -19.40 -26.30
N LEU D 276 -23.22 -20.40 -26.92
CA LEU D 276 -22.80 -21.77 -26.68
C LEU D 276 -21.53 -22.14 -27.43
N ASP D 277 -21.20 -21.42 -28.51
CA ASP D 277 -19.91 -21.61 -29.14
C ASP D 277 -18.78 -21.16 -28.21
N LEU D 278 -18.96 -19.98 -27.59
CA LEU D 278 -17.98 -19.51 -26.61
C LEU D 278 -17.90 -20.44 -25.41
N ALA D 279 -19.05 -20.85 -24.88
CA ALA D 279 -19.07 -21.73 -23.71
C ALA D 279 -18.36 -23.05 -24.00
N ALA D 280 -18.57 -23.59 -25.20
CA ALA D 280 -17.92 -24.85 -25.58
C ALA D 280 -16.41 -24.67 -25.73
N ASP D 281 -15.98 -23.55 -26.35
CA ASP D 281 -14.54 -23.29 -26.44
C ASP D 281 -13.92 -23.17 -25.05
N ILE D 282 -14.58 -22.47 -24.14
CA ILE D 282 -14.06 -22.33 -22.79
C ILE D 282 -14.00 -23.68 -22.09
N ALA D 283 -15.08 -24.47 -22.21
CA ALA D 283 -15.10 -25.78 -21.56
C ALA D 283 -14.00 -26.69 -22.10
N MET D 284 -13.76 -26.66 -23.41
CA MET D 284 -12.69 -27.46 -23.99
C MET D 284 -11.33 -27.07 -23.40
N MET D 285 -11.02 -25.77 -23.38
CA MET D 285 -9.75 -25.31 -22.84
C MET D 285 -9.65 -25.55 -21.34
N ALA D 286 -10.77 -25.61 -20.65
CA ALA D 286 -10.77 -25.84 -19.21
C ALA D 286 -10.63 -27.31 -18.86
N ASN D 287 -10.60 -28.22 -19.84
CA ASN D 287 -10.55 -29.64 -19.53
C ASN D 287 -9.46 -30.45 -20.20
N PHE D 288 -9.05 -30.09 -21.40
CA PHE D 288 -8.19 -30.97 -22.17
C PHE D 288 -6.81 -30.40 -22.44
N TYR D 289 -6.50 -29.22 -21.92
CA TYR D 289 -5.13 -28.72 -22.01
C TYR D 289 -4.21 -29.57 -21.15
N SER D 290 -2.98 -29.78 -21.63
CA SER D 290 -2.03 -30.63 -20.91
C SER D 290 -2.65 -31.98 -20.59
N SER D 291 -3.49 -32.47 -21.49
CA SER D 291 -4.18 -33.76 -21.33
C SER D 291 -4.98 -33.82 -20.04
N GLY D 292 -5.52 -32.68 -19.61
CA GLY D 292 -6.33 -32.63 -18.40
C GLY D 292 -5.57 -32.60 -17.10
N GLN D 293 -4.25 -32.45 -17.15
CA GLN D 293 -3.42 -32.51 -15.94
C GLN D 293 -3.11 -31.10 -15.43
N VAL D 294 -4.16 -30.37 -15.06
CA VAL D 294 -4.03 -28.99 -14.60
C VAL D 294 -4.90 -28.83 -13.37
N CYS D 295 -4.31 -28.29 -12.28
CA CYS D 295 -5.00 -28.22 -11.01
C CYS D 295 -6.29 -27.39 -11.11
N THR D 296 -6.28 -26.35 -11.95
CA THR D 296 -7.37 -25.38 -12.06
C THR D 296 -8.45 -25.78 -13.05
N ASN D 297 -8.39 -26.98 -13.63
CA ASN D 297 -9.31 -27.31 -14.69
C ASN D 297 -10.76 -27.25 -14.19
N GLY D 298 -11.64 -26.73 -15.04
CA GLY D 298 -13.06 -26.65 -14.76
C GLY D 298 -13.74 -27.95 -15.11
N THR D 299 -13.54 -28.98 -14.26
CA THR D 299 -13.93 -30.35 -14.55
C THR D 299 -15.39 -30.64 -14.23
N ARG D 300 -16.09 -29.72 -13.58
CA ARG D 300 -17.54 -29.76 -13.41
C ARG D 300 -18.14 -28.64 -14.24
N VAL D 301 -18.76 -28.98 -15.37
CA VAL D 301 -19.35 -28.00 -16.27
C VAL D 301 -20.85 -28.00 -16.06
N PHE D 302 -21.36 -26.88 -15.54
CA PHE D 302 -22.78 -26.71 -15.28
C PHE D 302 -23.42 -26.01 -16.48
N VAL D 303 -24.41 -26.65 -17.08
CA VAL D 303 -25.08 -26.08 -18.25
C VAL D 303 -26.58 -26.06 -18.01
N PRO D 304 -27.31 -25.02 -18.45
CA PRO D 304 -28.77 -25.02 -18.29
C PRO D 304 -29.40 -26.20 -19.00
N ALA D 305 -30.45 -26.77 -18.38
CA ALA D 305 -31.14 -27.91 -18.95
C ALA D 305 -31.61 -27.63 -20.38
N LYS D 306 -32.15 -26.42 -20.63
CA LYS D 306 -32.74 -26.14 -21.94
C LYS D 306 -31.69 -26.17 -23.08
N PHE D 307 -30.42 -25.99 -22.80
CA PHE D 307 -29.37 -25.99 -23.80
C PHE D 307 -28.46 -27.23 -23.75
N LYS D 308 -28.70 -28.17 -22.84
CA LYS D 308 -27.74 -29.24 -22.62
C LYS D 308 -27.48 -30.01 -23.89
N ALA D 309 -28.54 -30.36 -24.62
CA ALA D 309 -28.38 -31.15 -25.84
C ALA D 309 -27.50 -30.43 -26.85
N GLU D 310 -27.77 -29.15 -27.08
CA GLU D 310 -26.96 -28.38 -28.02
C GLU D 310 -25.52 -28.23 -27.55
N PHE D 311 -25.33 -28.02 -26.24
CA PHE D 311 -23.98 -27.90 -25.72
C PHE D 311 -23.20 -29.20 -25.92
N GLU D 312 -23.84 -30.35 -25.63
CA GLU D 312 -23.18 -31.63 -25.84
C GLU D 312 -22.75 -31.81 -27.29
N HIS D 313 -23.60 -31.38 -28.23
CA HIS D 313 -23.23 -31.49 -29.65
C HIS D 313 -21.99 -30.65 -29.94
N LYS D 314 -21.96 -29.42 -29.43
CA LYS D 314 -20.83 -28.54 -29.69
C LYS D 314 -19.55 -29.08 -29.06
N ILE D 315 -19.66 -29.73 -27.90
CA ILE D 315 -18.49 -30.35 -27.27
C ILE D 315 -17.98 -31.52 -28.11
N LEU D 316 -18.88 -32.38 -28.59
CA LEU D 316 -18.45 -33.53 -29.38
C LEU D 316 -17.76 -33.07 -30.67
N GLU D 317 -18.32 -32.05 -31.33
CA GLU D 317 -17.69 -31.51 -32.53
C GLU D 317 -16.27 -31.06 -32.24
N ARG D 318 -16.06 -30.34 -31.13
CA ARG D 318 -14.71 -29.86 -30.86
C ARG D 318 -13.79 -30.99 -30.42
N VAL D 319 -14.31 -31.98 -29.69
CA VAL D 319 -13.49 -33.12 -29.28
C VAL D 319 -12.95 -33.86 -30.51
N GLY D 320 -13.72 -33.91 -31.59
CA GLY D 320 -13.27 -34.58 -32.81
C GLY D 320 -12.08 -33.94 -33.48
N ARG D 321 -11.84 -32.65 -33.21
CA ARG D 321 -10.69 -31.94 -33.78
C ARG D 321 -9.42 -32.11 -32.96
N ILE D 322 -9.49 -32.73 -31.79
CA ILE D 322 -8.30 -32.92 -30.97
C ILE D 322 -7.33 -33.82 -31.73
N ARG D 323 -6.06 -33.41 -31.76
CA ARG D 323 -5.01 -34.06 -32.56
C ARG D 323 -3.95 -34.64 -31.64
N ALA D 324 -4.05 -35.93 -31.36
CA ALA D 324 -3.01 -36.68 -30.67
C ALA D 324 -2.01 -37.23 -31.67
N GLY D 325 -0.75 -37.33 -31.25
CA GLY D 325 0.27 -37.89 -32.13
C GLY D 325 1.67 -37.48 -31.68
N ASP D 326 2.58 -37.45 -32.65
CA ASP D 326 3.95 -37.05 -32.39
C ASP D 326 3.98 -35.75 -31.61
N LEU D 327 4.55 -35.79 -30.41
CA LEU D 327 4.55 -34.62 -29.52
C LEU D 327 5.39 -33.48 -30.05
N PHE D 328 6.25 -33.73 -31.01
CA PHE D 328 7.06 -32.68 -31.64
C PHE D 328 6.44 -32.18 -32.94
N ALA D 329 5.30 -32.71 -33.34
CA ALA D 329 4.60 -32.20 -34.51
C ALA D 329 3.91 -30.88 -34.18
N ASP D 330 3.87 -29.99 -35.17
CA ASP D 330 3.28 -28.67 -34.95
C ASP D 330 1.81 -28.74 -34.62
N ASP D 331 1.07 -29.60 -35.30
CA ASP D 331 -0.37 -29.63 -35.14
C ASP D 331 -0.82 -30.51 -33.98
N THR D 332 0.08 -31.25 -33.33
CA THR D 332 -0.30 -32.02 -32.15
C THR D 332 -0.65 -31.08 -31.00
N ASN D 333 -1.82 -31.29 -30.39
CA ASN D 333 -2.28 -30.49 -29.27
C ASN D 333 -2.80 -31.35 -28.10
N PHE D 334 -2.48 -32.63 -28.10
CA PHE D 334 -2.93 -33.55 -27.06
C PHE D 334 -1.83 -34.59 -26.86
N GLY D 335 -1.51 -34.88 -25.60
CA GLY D 335 -0.44 -35.78 -25.27
C GLY D 335 -0.86 -36.95 -24.40
N PRO D 336 0.08 -37.83 -24.13
CA PRO D 336 -0.14 -38.90 -23.15
C PRO D 336 -0.12 -38.34 -21.72
N LEU D 337 -0.61 -39.15 -20.79
CA LEU D 337 -0.48 -38.80 -19.39
C LEU D 337 0.98 -38.98 -18.93
N VAL D 338 1.30 -38.36 -17.80
CA VAL D 338 2.70 -38.24 -17.43
C VAL D 338 3.36 -39.58 -17.14
N SER D 339 2.58 -40.61 -16.79
CA SER D 339 3.16 -41.88 -16.43
C SER D 339 2.09 -42.96 -16.54
N PHE D 340 2.54 -44.21 -16.61
CA PHE D 340 1.62 -45.33 -16.74
C PHE D 340 0.90 -45.59 -15.43
N PRO D 341 1.57 -45.46 -14.28
CA PRO D 341 0.83 -45.57 -13.00
C PRO D 341 -0.28 -44.54 -12.87
N HIS D 342 -0.05 -43.31 -13.38
CA HIS D 342 -1.09 -42.30 -13.32
C HIS D 342 -2.24 -42.63 -14.26
N ARG D 343 -1.93 -43.13 -15.46
CA ARG D 343 -3.00 -43.56 -16.34
C ARG D 343 -3.87 -44.62 -15.68
N GLN D 344 -3.26 -45.52 -14.91
CA GLN D 344 -4.05 -46.56 -14.24
C GLN D 344 -5.07 -45.91 -13.29
N ASN D 345 -4.64 -44.90 -12.53
CA ASN D 345 -5.58 -44.22 -11.65
C ASN D 345 -6.66 -43.49 -12.43
N VAL D 346 -6.29 -42.84 -13.54
CA VAL D 346 -7.29 -42.13 -14.34
C VAL D 346 -8.32 -43.09 -14.89
N LEU D 347 -7.87 -44.27 -15.35
CA LEU D 347 -8.80 -45.25 -15.90
C LEU D 347 -9.76 -45.76 -14.85
N ARG D 348 -9.28 -45.96 -13.61
CA ARG D 348 -10.19 -46.40 -12.55
C ARG D 348 -11.31 -45.38 -12.32
N TYR D 349 -10.98 -44.08 -12.38
CA TYR D 349 -12.02 -43.08 -12.24
C TYR D 349 -13.03 -43.16 -13.39
N ILE D 350 -12.55 -43.39 -14.62
CA ILE D 350 -13.45 -43.49 -15.76
C ILE D 350 -14.40 -44.67 -15.59
N GLU D 351 -13.88 -45.81 -15.14
CA GLU D 351 -14.76 -46.97 -14.94
C GLU D 351 -15.77 -46.71 -13.83
N SER D 352 -15.40 -45.93 -12.81
CA SER D 352 -16.37 -45.53 -11.80
C SER D 352 -17.49 -44.71 -12.40
N GLY D 353 -17.17 -43.80 -13.32
CA GLY D 353 -18.22 -43.03 -13.99
C GLY D 353 -19.19 -43.93 -14.73
N LYS D 354 -18.68 -44.92 -15.45
CA LYS D 354 -19.55 -45.82 -16.19
C LYS D 354 -20.46 -46.59 -15.26
N SER D 355 -19.91 -47.13 -14.17
CA SER D 355 -20.64 -48.00 -13.27
C SER D 355 -21.66 -47.25 -12.42
N GLU D 356 -21.45 -45.95 -12.18
CA GLU D 356 -22.36 -45.15 -11.37
C GLU D 356 -23.48 -44.52 -12.19
N GLY D 357 -23.56 -44.82 -13.48
CA GLY D 357 -24.70 -44.41 -14.29
C GLY D 357 -24.53 -43.14 -15.07
N ALA D 358 -23.33 -42.55 -15.07
CA ALA D 358 -23.09 -41.42 -15.95
C ALA D 358 -23.08 -41.90 -17.38
N ARG D 359 -23.56 -41.05 -18.29
CA ARG D 359 -23.61 -41.38 -19.71
C ARG D 359 -22.29 -40.97 -20.35
N LEU D 360 -21.66 -41.93 -21.04
CA LEU D 360 -20.40 -41.68 -21.73
C LEU D 360 -20.70 -41.01 -23.07
N LEU D 361 -20.23 -39.76 -23.21
CA LEU D 361 -20.43 -39.05 -24.47
C LEU D 361 -19.32 -39.30 -25.48
N CYS D 362 -18.08 -39.54 -25.04
CA CYS D 362 -17.01 -39.88 -25.96
C CYS D 362 -15.82 -40.34 -25.13
N GLY D 363 -14.86 -40.96 -25.80
CA GLY D 363 -13.66 -41.41 -25.15
C GLY D 363 -13.91 -42.56 -24.18
N GLY D 364 -13.16 -42.55 -23.08
CA GLY D 364 -13.29 -43.51 -22.02
C GLY D 364 -12.33 -44.68 -22.09
N ASP D 365 -11.49 -44.73 -23.11
CA ASP D 365 -10.58 -45.84 -23.32
C ASP D 365 -9.20 -45.30 -23.63
N VAL D 366 -8.20 -46.17 -23.52
CA VAL D 366 -6.87 -45.83 -24.01
C VAL D 366 -6.89 -45.75 -25.53
N LEU D 367 -5.89 -45.06 -26.07
CA LEU D 367 -5.68 -44.97 -27.51
C LEU D 367 -4.79 -46.12 -27.97
N LYS D 368 -5.07 -46.61 -29.18
CA LYS D 368 -4.44 -47.81 -29.72
C LYS D 368 -3.92 -47.53 -31.12
N GLY D 369 -2.95 -48.35 -31.53
CA GLY D 369 -2.38 -48.28 -32.87
C GLY D 369 -0.92 -47.90 -32.85
N GLU D 370 -0.35 -47.82 -34.04
CA GLU D 370 1.06 -47.47 -34.19
C GLU D 370 1.31 -46.09 -33.59
N GLY D 371 2.30 -46.01 -32.70
CA GLY D 371 2.65 -44.78 -32.04
C GLY D 371 1.92 -44.50 -30.74
N PHE D 372 0.90 -45.28 -30.41
CA PHE D 372 0.15 -45.09 -29.18
C PHE D 372 0.26 -46.25 -28.22
N ASP D 373 0.51 -47.46 -28.72
CA ASP D 373 0.54 -48.64 -27.86
C ASP D 373 1.64 -48.54 -26.80
N ASN D 374 2.71 -47.80 -27.10
CA ASN D 374 3.85 -47.65 -26.20
C ASN D 374 3.77 -46.42 -25.32
N GLY D 375 2.71 -45.62 -25.43
CA GLY D 375 2.57 -44.43 -24.62
C GLY D 375 1.43 -44.51 -23.62
N ALA D 376 1.43 -43.66 -22.61
CA ALA D 376 0.42 -43.71 -21.55
C ALA D 376 -0.79 -42.84 -21.92
N TRP D 377 -1.40 -43.18 -23.06
CA TRP D 377 -2.48 -42.38 -23.62
C TRP D 377 -3.84 -42.76 -23.04
N VAL D 378 -4.64 -41.73 -22.76
CA VAL D 378 -6.07 -41.86 -22.48
C VAL D 378 -6.82 -40.90 -23.39
N ALA D 379 -7.87 -41.40 -24.04
CA ALA D 379 -8.64 -40.60 -24.97
C ALA D 379 -9.39 -39.48 -24.25
N PRO D 380 -9.59 -38.33 -24.90
CA PRO D 380 -10.45 -37.29 -24.31
C PRO D 380 -11.84 -37.85 -24.01
N THR D 381 -12.26 -37.68 -22.76
CA THR D 381 -13.43 -38.37 -22.24
C THR D 381 -14.41 -37.35 -21.69
N VAL D 382 -15.68 -37.51 -22.01
CA VAL D 382 -16.74 -36.63 -21.52
C VAL D 382 -17.87 -37.48 -20.96
N PHE D 383 -18.26 -37.20 -19.72
CA PHE D 383 -19.45 -37.77 -19.13
C PHE D 383 -20.51 -36.68 -19.01
N THR D 384 -21.77 -37.05 -19.22
CA THR D 384 -22.90 -36.17 -19.00
C THR D 384 -23.96 -36.93 -18.19
N ASP D 385 -25.10 -36.29 -17.96
CA ASP D 385 -26.11 -36.83 -17.05
C ASP D 385 -25.51 -37.08 -15.67
N CYS D 386 -24.55 -36.26 -15.27
CA CYS D 386 -23.85 -36.45 -14.01
C CYS D 386 -24.66 -35.88 -12.86
N THR D 387 -24.44 -36.42 -11.66
CA THR D 387 -25.11 -35.98 -10.46
C THR D 387 -24.08 -35.75 -9.37
N ASP D 388 -24.43 -34.93 -8.40
CA ASP D 388 -23.45 -34.44 -7.44
C ASP D 388 -22.87 -35.54 -6.56
N ASP D 389 -23.50 -36.70 -6.50
CA ASP D 389 -23.00 -37.76 -5.63
C ASP D 389 -22.00 -38.69 -6.32
N MET D 390 -21.80 -38.55 -7.63
CA MET D 390 -20.93 -39.45 -8.36
C MET D 390 -19.47 -39.19 -8.00
N THR D 391 -18.69 -40.28 -8.01
CA THR D 391 -17.27 -40.18 -7.68
C THR D 391 -16.53 -39.28 -8.65
N ILE D 392 -16.81 -39.40 -9.96
CA ILE D 392 -16.11 -38.58 -10.94
C ILE D 392 -16.43 -37.11 -10.77
N VAL D 393 -17.56 -36.79 -10.14
CA VAL D 393 -17.94 -35.41 -9.92
C VAL D 393 -17.35 -34.83 -8.64
N ARG D 394 -17.11 -35.66 -7.64
CA ARG D 394 -16.68 -35.20 -6.34
C ARG D 394 -15.16 -35.16 -6.19
N GLU D 395 -14.42 -35.95 -6.96
CA GLU D 395 -13.00 -36.15 -6.74
C GLU D 395 -12.18 -35.66 -7.93
N GLU D 396 -11.02 -35.08 -7.65
CA GLU D 396 -10.15 -34.64 -8.71
C GLU D 396 -9.55 -35.86 -9.41
N ILE D 397 -9.68 -35.88 -10.74
CA ILE D 397 -9.19 -37.00 -11.54
C ILE D 397 -7.79 -36.70 -12.06
N PHE D 398 -7.53 -35.44 -12.39
CA PHE D 398 -6.26 -35.03 -12.96
C PHE D 398 -5.99 -35.79 -14.25
N GLY D 399 -7.04 -35.96 -15.03
CA GLY D 399 -6.93 -36.50 -16.37
C GLY D 399 -7.96 -35.85 -17.27
N PRO D 400 -7.99 -36.24 -18.53
CA PRO D 400 -8.90 -35.56 -19.49
C PRO D 400 -10.32 -36.10 -19.41
N VAL D 401 -11.02 -35.73 -18.33
CA VAL D 401 -12.37 -36.23 -18.05
C VAL D 401 -13.24 -35.04 -17.68
N MET D 402 -14.12 -34.64 -18.61
CA MET D 402 -15.09 -33.57 -18.37
C MET D 402 -16.40 -34.16 -17.88
N SER D 403 -16.97 -33.56 -16.84
CA SER D 403 -18.29 -33.92 -16.32
C SER D 403 -19.27 -32.78 -16.57
N ILE D 404 -20.34 -33.07 -17.29
CA ILE D 404 -21.38 -32.09 -17.62
C ILE D 404 -22.57 -32.34 -16.70
N LEU D 405 -23.05 -31.28 -16.06
CA LEU D 405 -24.15 -31.34 -15.11
C LEU D 405 -25.22 -30.32 -15.50
N SER D 406 -26.47 -30.75 -15.54
CA SER D 406 -27.57 -29.86 -15.86
CA SER D 406 -27.56 -29.85 -15.86
C SER D 406 -28.05 -29.11 -14.62
N TYR D 407 -28.54 -27.89 -14.83
CA TYR D 407 -29.11 -27.10 -13.75
C TYR D 407 -30.26 -26.26 -14.30
N ASP D 408 -31.09 -25.75 -13.39
CA ASP D 408 -32.32 -25.05 -13.71
C ASP D 408 -32.35 -23.58 -13.34
N ASP D 409 -31.79 -23.19 -12.20
CA ASP D 409 -31.86 -21.79 -11.74
C ASP D 409 -30.53 -21.35 -11.12
N GLU D 410 -30.39 -20.02 -10.99
CA GLU D 410 -29.11 -19.44 -10.61
C GLU D 410 -28.76 -19.77 -9.16
N ALA D 411 -29.73 -19.73 -8.25
CA ALA D 411 -29.46 -20.06 -6.86
C ALA D 411 -28.96 -21.50 -6.73
N GLU D 412 -29.56 -22.42 -7.48
CA GLU D 412 -29.17 -23.83 -7.40
C GLU D 412 -27.73 -24.02 -7.81
N VAL D 413 -27.33 -23.43 -8.94
CA VAL D 413 -26.01 -23.72 -9.47
C VAL D 413 -24.94 -23.14 -8.57
N ILE D 414 -25.20 -22.01 -7.92
CA ILE D 414 -24.25 -21.46 -6.98
C ILE D 414 -24.07 -22.40 -5.79
N ARG D 415 -25.18 -22.86 -5.20
CA ARG D 415 -25.08 -23.84 -4.11
C ARG D 415 -24.29 -25.08 -4.54
N ARG D 416 -24.61 -25.62 -5.73
CA ARG D 416 -23.93 -26.84 -6.15
C ARG D 416 -22.47 -26.57 -6.50
N ALA D 417 -22.16 -25.42 -7.11
CA ALA D 417 -20.77 -25.10 -7.40
C ALA D 417 -19.95 -25.02 -6.11
N ASN D 418 -20.54 -24.47 -5.05
CA ASN D 418 -19.85 -24.28 -3.77
C ASN D 418 -19.87 -25.52 -2.87
N ALA D 419 -20.69 -26.52 -3.19
CA ALA D 419 -20.89 -27.68 -2.31
C ALA D 419 -19.76 -28.69 -2.51
N THR D 420 -18.59 -28.31 -2.02
CA THR D 420 -17.38 -29.10 -2.21
C THR D 420 -16.35 -28.68 -1.19
N GLU D 421 -15.44 -29.60 -0.87
CA GLU D 421 -14.28 -29.29 -0.04
C GLU D 421 -13.18 -28.56 -0.82
N TYR D 422 -13.20 -28.63 -2.16
CA TYR D 422 -12.24 -27.95 -3.00
C TYR D 422 -12.60 -26.47 -3.15
N GLY D 423 -11.60 -25.67 -3.51
CA GLY D 423 -11.79 -24.23 -3.62
C GLY D 423 -10.86 -23.50 -4.55
N LEU D 424 -10.35 -24.16 -5.59
CA LEU D 424 -9.22 -23.56 -6.32
C LEU D 424 -9.66 -22.48 -7.28
N ALA D 425 -10.45 -22.84 -8.28
CA ALA D 425 -10.83 -21.91 -9.33
C ALA D 425 -12.32 -22.05 -9.60
N ALA D 426 -12.83 -21.14 -10.44
CA ALA D 426 -14.24 -21.14 -10.85
C ALA D 426 -14.38 -20.18 -12.02
N GLY D 427 -15.48 -20.30 -12.75
CA GLY D 427 -15.72 -19.39 -13.84
C GLY D 427 -17.18 -19.37 -14.23
N VAL D 428 -17.55 -18.28 -14.92
CA VAL D 428 -18.91 -18.10 -15.42
C VAL D 428 -18.82 -17.57 -16.85
N VAL D 429 -19.73 -18.03 -17.70
CA VAL D 429 -19.86 -17.54 -19.07
C VAL D 429 -21.21 -16.83 -19.18
N THR D 430 -21.17 -15.51 -19.40
CA THR D 430 -22.38 -14.71 -19.55
C THR D 430 -22.02 -13.33 -20.09
N PRO D 431 -22.82 -12.77 -21.01
CA PRO D 431 -22.61 -11.39 -21.43
C PRO D 431 -23.22 -10.33 -20.54
N ASP D 432 -23.94 -10.72 -19.50
CA ASP D 432 -24.70 -9.78 -18.69
C ASP D 432 -23.82 -9.21 -17.59
N LEU D 433 -23.81 -7.87 -17.48
CA LEU D 433 -22.99 -7.18 -16.48
C LEU D 433 -23.29 -7.66 -15.07
N ASN D 434 -24.57 -7.63 -14.68
CA ASN D 434 -24.93 -7.97 -13.31
C ASN D 434 -24.67 -9.45 -13.03
N ARG D 435 -25.03 -10.32 -13.97
CA ARG D 435 -24.90 -11.74 -13.72
C ARG D 435 -23.44 -12.15 -13.54
N ALA D 436 -22.53 -11.60 -14.35
CA ALA D 436 -21.15 -12.02 -14.25
C ALA D 436 -20.58 -11.69 -12.86
N HIS D 437 -20.71 -10.43 -12.43
CA HIS D 437 -20.15 -10.04 -11.13
C HIS D 437 -20.93 -10.65 -9.97
N ARG D 438 -22.27 -10.66 -10.07
CA ARG D 438 -23.10 -11.17 -8.99
C ARG D 438 -22.78 -12.64 -8.67
N ILE D 439 -22.69 -13.47 -9.70
CA ILE D 439 -22.40 -14.89 -9.49
C ILE D 439 -20.98 -15.09 -8.97
N ILE D 440 -20.01 -14.41 -9.60
CA ILE D 440 -18.61 -14.63 -9.22
C ILE D 440 -18.39 -14.26 -7.77
N HIS D 441 -19.06 -13.21 -7.30
CA HIS D 441 -18.85 -12.78 -5.93
C HIS D 441 -19.30 -13.83 -4.93
N GLN D 442 -20.21 -14.73 -5.33
CA GLN D 442 -20.74 -15.74 -4.41
C GLN D 442 -20.00 -17.07 -4.47
N LEU D 443 -19.09 -17.26 -5.41
CA LEU D 443 -18.41 -18.53 -5.55
C LEU D 443 -17.24 -18.59 -4.59
N GLU D 444 -17.03 -19.76 -4.00
CA GLU D 444 -16.00 -19.95 -2.99
C GLU D 444 -14.75 -20.56 -3.64
N ALA D 445 -14.07 -19.71 -4.41
CA ALA D 445 -12.85 -20.08 -5.11
C ALA D 445 -11.94 -18.86 -5.18
N GLY D 446 -10.64 -19.12 -5.22
CA GLY D 446 -9.64 -18.07 -5.19
C GLY D 446 -9.31 -17.49 -6.55
N ILE D 447 -9.59 -18.27 -7.61
CA ILE D 447 -9.23 -17.90 -8.99
C ILE D 447 -10.51 -17.95 -9.81
N CYS D 448 -10.97 -16.79 -10.27
CA CYS D 448 -12.26 -16.69 -10.94
C CYS D 448 -12.09 -16.04 -12.30
N TRP D 449 -12.62 -16.69 -13.33
CA TRP D 449 -12.51 -16.23 -14.71
C TRP D 449 -13.91 -15.95 -15.27
N ILE D 450 -14.07 -14.80 -15.89
CA ILE D 450 -15.30 -14.40 -16.56
C ILE D 450 -15.07 -14.43 -18.06
N ASN D 451 -15.81 -15.29 -18.76
CA ASN D 451 -15.75 -15.41 -20.22
C ASN D 451 -14.36 -15.78 -20.71
N SER D 452 -13.69 -16.62 -19.95
CA SER D 452 -12.36 -17.09 -20.31
CA SER D 452 -12.37 -17.12 -20.34
C SER D 452 -12.00 -18.23 -19.36
N TRP D 453 -10.80 -18.78 -19.54
CA TRP D 453 -10.29 -19.76 -18.60
C TRP D 453 -8.78 -19.84 -18.74
N GLY D 454 -8.09 -20.02 -17.61
CA GLY D 454 -6.73 -20.48 -17.58
C GLY D 454 -5.67 -19.39 -17.45
N GLU D 455 -5.97 -18.16 -17.85
CA GLU D 455 -4.92 -17.14 -17.87
C GLU D 455 -4.54 -16.77 -16.45
N SER D 456 -3.24 -16.73 -16.18
CA SER D 456 -2.70 -16.56 -14.83
C SER D 456 -1.59 -15.51 -14.85
N PRO D 457 -1.95 -14.23 -14.97
CA PRO D 457 -0.93 -13.18 -15.09
C PRO D 457 -0.01 -13.12 -13.88
N ALA D 458 1.24 -12.71 -14.10
CA ALA D 458 2.19 -12.61 -13.01
C ALA D 458 1.67 -11.71 -11.90
N GLU D 459 0.85 -10.70 -12.26
CA GLU D 459 0.34 -9.72 -11.31
C GLU D 459 -0.78 -10.26 -10.43
N MET D 460 -1.37 -11.40 -10.77
CA MET D 460 -2.62 -11.83 -10.18
C MET D 460 -2.37 -12.91 -9.13
N PRO D 461 -2.63 -12.65 -7.84
CA PRO D 461 -2.46 -13.71 -6.83
C PRO D 461 -3.39 -14.88 -7.12
N VAL D 462 -2.86 -16.10 -6.98
CA VAL D 462 -3.63 -17.31 -7.26
C VAL D 462 -3.42 -18.34 -6.16
N GLY D 463 -4.50 -18.98 -5.76
CA GLY D 463 -4.44 -20.02 -4.75
C GLY D 463 -5.83 -20.41 -4.34
N GLY D 464 -5.90 -21.37 -3.41
CA GLY D 464 -7.15 -22.05 -3.11
C GLY D 464 -7.86 -21.64 -1.84
N TYR D 465 -9.19 -21.65 -1.91
CA TYR D 465 -10.03 -21.71 -0.72
C TYR D 465 -10.09 -23.15 -0.18
N LYS D 466 -10.50 -23.28 1.09
CA LYS D 466 -10.86 -24.57 1.72
C LYS D 466 -9.71 -25.57 1.52
N HIS D 467 -9.97 -26.77 1.01
CA HIS D 467 -8.95 -27.80 0.95
C HIS D 467 -7.99 -27.62 -0.23
N SER D 468 -8.16 -26.59 -1.04
CA SER D 468 -7.32 -26.43 -2.23
C SER D 468 -6.03 -25.67 -2.01
N GLY D 469 -5.81 -25.07 -0.85
CA GLY D 469 -4.51 -24.46 -0.65
C GLY D 469 -4.42 -23.64 0.60
N ILE D 470 -3.19 -23.24 0.89
CA ILE D 470 -2.84 -22.29 1.93
C ILE D 470 -1.95 -21.25 1.27
N GLY D 471 -2.28 -19.98 1.46
CA GLY D 471 -1.48 -18.93 0.87
C GLY D 471 -1.72 -18.74 -0.63
N ARG D 472 -0.84 -17.96 -1.23
CA ARG D 472 -1.00 -17.56 -2.62
C ARG D 472 0.34 -17.58 -3.31
N GLU D 473 0.29 -17.66 -4.64
CA GLU D 473 1.44 -17.43 -5.50
C GLU D 473 1.13 -16.28 -6.47
N ASN D 474 2.19 -15.63 -6.94
CA ASN D 474 2.14 -14.51 -7.87
C ASN D 474 1.55 -13.28 -7.20
N GLY D 475 1.61 -12.12 -7.87
CA GLY D 475 1.20 -10.85 -7.29
C GLY D 475 2.22 -10.29 -6.30
N VAL D 476 2.02 -9.02 -5.95
CA VAL D 476 2.91 -8.35 -5.00
CA VAL D 476 2.93 -8.37 -5.00
C VAL D 476 2.87 -9.07 -3.64
N MET D 477 1.71 -9.59 -3.26
CA MET D 477 1.58 -10.18 -1.92
C MET D 477 2.47 -11.40 -1.76
N THR D 478 2.74 -12.14 -2.84
CA THR D 478 3.60 -13.32 -2.69
C THR D 478 5.07 -12.94 -2.48
N LEU D 479 5.52 -11.82 -3.04
CA LEU D 479 6.84 -11.31 -2.69
C LEU D 479 6.91 -11.00 -1.19
N GLN D 480 5.87 -10.36 -0.66
CA GLN D 480 5.86 -10.01 0.75
C GLN D 480 5.81 -11.25 1.64
N SER D 481 5.11 -12.29 1.21
CA SER D 481 4.99 -13.50 2.03
C SER D 481 6.26 -14.32 2.06
N TYR D 482 7.27 -14.00 1.26
CA TYR D 482 8.58 -14.61 1.37
C TYR D 482 9.53 -13.73 2.17
N THR D 483 9.00 -12.72 2.83
CA THR D 483 9.72 -12.00 3.86
C THR D 483 9.01 -12.20 5.21
N GLN D 484 9.71 -11.85 6.28
CA GLN D 484 9.09 -11.82 7.60
C GLN D 484 9.27 -10.42 8.17
N VAL D 485 8.27 -9.96 8.90
CA VAL D 485 8.27 -8.63 9.44
C VAL D 485 9.03 -8.59 10.76
N LYS D 486 9.96 -7.66 10.89
CA LYS D 486 10.56 -7.31 12.16
C LYS D 486 10.10 -5.90 12.52
N SER D 487 9.48 -5.76 13.70
CA SER D 487 9.08 -4.45 14.22
C SER D 487 10.11 -3.95 15.22
N ILE D 488 10.49 -2.69 15.06
CA ILE D 488 11.53 -2.05 15.86
C ILE D 488 10.95 -0.77 16.46
N GLN D 489 10.90 -0.70 17.79
CA GLN D 489 10.51 0.51 18.49
C GLN D 489 11.75 1.26 18.94
N VAL D 490 11.83 2.53 18.58
CA VAL D 490 12.86 3.44 19.06
C VAL D 490 12.23 4.29 20.16
N GLU D 491 12.63 4.06 21.41
CA GLU D 491 12.13 4.85 22.54
C GLU D 491 13.16 5.93 22.86
N MET D 492 12.80 7.18 22.61
CA MET D 492 13.71 8.28 22.89
C MET D 492 13.41 8.98 24.20
N GLY D 493 12.30 8.63 24.86
CA GLY D 493 11.97 9.19 26.13
C GLY D 493 12.55 8.34 27.25
N PRO D 494 12.48 8.84 28.48
CA PRO D 494 13.01 8.06 29.62
C PRO D 494 12.12 6.88 29.94
N PHE D 495 12.72 5.71 30.03
CA PHE D 495 11.98 4.49 30.36
C PHE D 495 11.62 4.47 31.84
N GLN D 496 10.38 4.08 32.13
CA GLN D 496 9.85 4.08 33.49
C GLN D 496 9.68 2.64 33.93
N SER D 497 10.35 2.26 35.02
CA SER D 497 10.12 0.96 35.63
C SER D 497 9.20 1.14 36.83
N ILE D 498 8.29 0.19 37.03
CA ILE D 498 7.42 0.19 38.19
C ILE D 498 8.06 -0.51 39.40
N PHE D 499 9.26 -1.05 39.25
CA PHE D 499 9.95 -1.74 40.36
C PHE D 499 11.02 -0.85 41.03
#